data_5CTL
# 
_entry.id   5CTL 
# 
_audit_conform.dict_name       mmcif_pdbx.dic 
_audit_conform.dict_version    5.387 
_audit_conform.dict_location   http://mmcif.pdb.org/dictionaries/ascii/mmcif_pdbx.dic 
# 
loop_
_database_2.database_id 
_database_2.database_code 
_database_2.pdbx_database_accession 
_database_2.pdbx_DOI 
PDB   5CTL         pdb_00005ctl 10.2210/pdb5ctl/pdb 
WWPDB D_1000212168 ?            ?                   
# 
loop_
_pdbx_audit_revision_history.ordinal 
_pdbx_audit_revision_history.data_content_type 
_pdbx_audit_revision_history.major_revision 
_pdbx_audit_revision_history.minor_revision 
_pdbx_audit_revision_history.revision_date 
1 'Structure model' 1 0 2016-01-13 
2 'Structure model' 1 1 2016-01-27 
3 'Structure model' 1 2 2016-03-09 
4 'Structure model' 1 3 2024-03-20 
# 
_pdbx_audit_revision_details.ordinal             1 
_pdbx_audit_revision_details.revision_ordinal    1 
_pdbx_audit_revision_details.data_content_type   'Structure model' 
_pdbx_audit_revision_details.provider            repository 
_pdbx_audit_revision_details.type                'Initial release' 
_pdbx_audit_revision_details.description         ? 
_pdbx_audit_revision_details.details             ? 
# 
loop_
_pdbx_audit_revision_group.ordinal 
_pdbx_audit_revision_group.revision_ordinal 
_pdbx_audit_revision_group.data_content_type 
_pdbx_audit_revision_group.group 
1 2 'Structure model' 'Data collection'      
2 2 'Structure model' 'Database references'  
3 3 'Structure model' 'Database references'  
4 4 'Structure model' 'Data collection'      
5 4 'Structure model' 'Database references'  
6 4 'Structure model' 'Derived calculations' 
# 
loop_
_pdbx_audit_revision_category.ordinal 
_pdbx_audit_revision_category.revision_ordinal 
_pdbx_audit_revision_category.data_content_type 
_pdbx_audit_revision_category.category 
1 4 'Structure model' chem_comp_atom              
2 4 'Structure model' chem_comp_bond              
3 4 'Structure model' citation                    
4 4 'Structure model' database_2                  
5 4 'Structure model' diffrn_radiation_wavelength 
6 4 'Structure model' pdbx_struct_oper_list       
# 
loop_
_pdbx_audit_revision_item.ordinal 
_pdbx_audit_revision_item.revision_ordinal 
_pdbx_audit_revision_item.data_content_type 
_pdbx_audit_revision_item.item 
1 4 'Structure model' '_citation.journal_id_CSD'                  
2 4 'Structure model' '_database_2.pdbx_DOI'                      
3 4 'Structure model' '_database_2.pdbx_database_accession'       
4 4 'Structure model' '_pdbx_struct_oper_list.symmetry_operation' 
# 
_pdbx_database_status.status_code                     REL 
_pdbx_database_status.status_code_sf                  REL 
_pdbx_database_status.status_code_mr                  ? 
_pdbx_database_status.entry_id                        5CTL 
_pdbx_database_status.recvd_initial_deposition_date   2015-07-24 
_pdbx_database_status.SG_entry                        N 
_pdbx_database_status.deposit_site                    RCSB 
_pdbx_database_status.process_site                    PDBJ 
_pdbx_database_status.status_code_cs                  ? 
_pdbx_database_status.methods_development_category    ? 
_pdbx_database_status.pdb_format_compatible           Y 
_pdbx_database_status.status_code_nmr_data            ? 
# 
loop_
_pdbx_database_related.db_name 
_pdbx_database_related.details 
_pdbx_database_related.db_id 
_pdbx_database_related.content_type 
PDB . 5CP5 unspecified 
PDB . 5CPE unspecified 
PDB . 5COI unspecified 
PDB . 5CQT unspecified 
PDB . 5CRM unspecified 
PDB . 5CRZ unspecified 
PDB . 5CS8 unspecified 
# 
loop_
_audit_author.name 
_audit_author.pdbx_ordinal 
'Zhang, Y.' 1 
'Song, M.'  2 
'Liu, Z.'   3 
'Xue, X.'   4 
'Xu, Y.'    5 
# 
_citation.abstract                  ? 
_citation.abstract_id_CAS           ? 
_citation.book_id_ISBN              ? 
_citation.book_publisher            ? 
_citation.book_publisher_city       ? 
_citation.book_title                ? 
_citation.coordinate_linkage        ? 
_citation.country                   US 
_citation.database_id_Medline       ? 
_citation.details                   ? 
_citation.id                        primary 
_citation.journal_abbrev            J.Med.Chem. 
_citation.journal_id_ASTM           JMCMAR 
_citation.journal_id_CSD            0151 
_citation.journal_id_ISSN           0022-2623 
_citation.journal_full              ? 
_citation.journal_issue             ? 
_citation.journal_volume            59 
_citation.language                  ? 
_citation.page_first                1565 
_citation.page_last                 1579 
_citation.title                     
;Discovery of Benzo[cd]indol-2(1H)-ones as Potent and Specific BET Bromodomain Inhibitors: Structure-Based Virtual Screening, Optimization, and Biological Evaluation
;
_citation.year                      2016 
_citation.database_id_CSD           ? 
_citation.pdbx_database_id_DOI      10.1021/acs.jmedchem.5b01511 
_citation.pdbx_database_id_PubMed   26731490 
_citation.unpublished_flag          ? 
# 
loop_
_citation_author.citation_id 
_citation_author.name 
_citation_author.ordinal 
_citation_author.identifier_ORCID 
primary 'Xue, X.'   1  ? 
primary 'Zhang, Y.' 2  ? 
primary 'Liu, Z.'   3  ? 
primary 'Song, M.'  4  ? 
primary 'Xing, Y.'  5  ? 
primary 'Xiang, Q.' 6  ? 
primary 'Wang, Z.'  7  ? 
primary 'Tu, Z.'    8  ? 
primary 'Zhou, Y.'  9  ? 
primary 'Ding, K.'  10 ? 
primary 'Xu, Y.'    11 ? 
# 
loop_
_entity.id 
_entity.type 
_entity.src_method 
_entity.pdbx_description 
_entity.formula_weight 
_entity.pdbx_number_of_molecules 
_entity.pdbx_ec 
_entity.pdbx_mutation 
_entity.pdbx_fragment 
_entity.details 
1 polymer     man 'Bromodomain-containing protein 4'                                   16767.326 1  ? ? 
'N-TERMINAL BROMODOMAIN, UNP residues 44-168' ? 
2 non-polymer syn 'N-(1-ethyl-2-oxo-1,2-dihydrobenzo[cd]indol-6-yl)benzenesulfonamide' 352.407   1  ? ? ? ? 
3 water       nat water                                                                18.015    10 ? ? ? ? 
# 
_entity_name_com.entity_id   1 
_entity_name_com.name        'Protein HUNK1' 
# 
_entity_poly.entity_id                      1 
_entity_poly.type                           'polypeptide(L)' 
_entity_poly.nstd_linkage                   no 
_entity_poly.nstd_monomer                   no 
_entity_poly.pdbx_seq_one_letter_code       
;MKKGHHHHHHLVPRGSNPPPPETSNPNKPKRQTNQLQYLLRVVLKTLWKHQFAWPFQQPVDAVKLNLPDYYKIIKTPMDM
GTIKKRLENNYYWNAQECIQDFNTMFTNCYIYNKPGDDIVLMAEALEKLFLQKINELPTEE
;
_entity_poly.pdbx_seq_one_letter_code_can   
;MKKGHHHHHHLVPRGSNPPPPETSNPNKPKRQTNQLQYLLRVVLKTLWKHQFAWPFQQPVDAVKLNLPDYYKIIKTPMDM
GTIKKRLENNYYWNAQECIQDFNTMFTNCYIYNKPGDDIVLMAEALEKLFLQKINELPTEE
;
_entity_poly.pdbx_strand_id                 A 
_entity_poly.pdbx_target_identifier         ? 
# 
loop_
_pdbx_entity_nonpoly.entity_id 
_pdbx_entity_nonpoly.name 
_pdbx_entity_nonpoly.comp_id 
2 'N-(1-ethyl-2-oxo-1,2-dihydrobenzo[cd]indol-6-yl)benzenesulfonamide' EB9 
3 water                                                                HOH 
# 
loop_
_entity_poly_seq.entity_id 
_entity_poly_seq.num 
_entity_poly_seq.mon_id 
_entity_poly_seq.hetero 
1 1   MET n 
1 2   LYS n 
1 3   LYS n 
1 4   GLY n 
1 5   HIS n 
1 6   HIS n 
1 7   HIS n 
1 8   HIS n 
1 9   HIS n 
1 10  HIS n 
1 11  LEU n 
1 12  VAL n 
1 13  PRO n 
1 14  ARG n 
1 15  GLY n 
1 16  SER n 
1 17  ASN n 
1 18  PRO n 
1 19  PRO n 
1 20  PRO n 
1 21  PRO n 
1 22  GLU n 
1 23  THR n 
1 24  SER n 
1 25  ASN n 
1 26  PRO n 
1 27  ASN n 
1 28  LYS n 
1 29  PRO n 
1 30  LYS n 
1 31  ARG n 
1 32  GLN n 
1 33  THR n 
1 34  ASN n 
1 35  GLN n 
1 36  LEU n 
1 37  GLN n 
1 38  TYR n 
1 39  LEU n 
1 40  LEU n 
1 41  ARG n 
1 42  VAL n 
1 43  VAL n 
1 44  LEU n 
1 45  LYS n 
1 46  THR n 
1 47  LEU n 
1 48  TRP n 
1 49  LYS n 
1 50  HIS n 
1 51  GLN n 
1 52  PHE n 
1 53  ALA n 
1 54  TRP n 
1 55  PRO n 
1 56  PHE n 
1 57  GLN n 
1 58  GLN n 
1 59  PRO n 
1 60  VAL n 
1 61  ASP n 
1 62  ALA n 
1 63  VAL n 
1 64  LYS n 
1 65  LEU n 
1 66  ASN n 
1 67  LEU n 
1 68  PRO n 
1 69  ASP n 
1 70  TYR n 
1 71  TYR n 
1 72  LYS n 
1 73  ILE n 
1 74  ILE n 
1 75  LYS n 
1 76  THR n 
1 77  PRO n 
1 78  MET n 
1 79  ASP n 
1 80  MET n 
1 81  GLY n 
1 82  THR n 
1 83  ILE n 
1 84  LYS n 
1 85  LYS n 
1 86  ARG n 
1 87  LEU n 
1 88  GLU n 
1 89  ASN n 
1 90  ASN n 
1 91  TYR n 
1 92  TYR n 
1 93  TRP n 
1 94  ASN n 
1 95  ALA n 
1 96  GLN n 
1 97  GLU n 
1 98  CYS n 
1 99  ILE n 
1 100 GLN n 
1 101 ASP n 
1 102 PHE n 
1 103 ASN n 
1 104 THR n 
1 105 MET n 
1 106 PHE n 
1 107 THR n 
1 108 ASN n 
1 109 CYS n 
1 110 TYR n 
1 111 ILE n 
1 112 TYR n 
1 113 ASN n 
1 114 LYS n 
1 115 PRO n 
1 116 GLY n 
1 117 ASP n 
1 118 ASP n 
1 119 ILE n 
1 120 VAL n 
1 121 LEU n 
1 122 MET n 
1 123 ALA n 
1 124 GLU n 
1 125 ALA n 
1 126 LEU n 
1 127 GLU n 
1 128 LYS n 
1 129 LEU n 
1 130 PHE n 
1 131 LEU n 
1 132 GLN n 
1 133 LYS n 
1 134 ILE n 
1 135 ASN n 
1 136 GLU n 
1 137 LEU n 
1 138 PRO n 
1 139 THR n 
1 140 GLU n 
1 141 GLU n 
# 
_entity_src_gen.entity_id                          1 
_entity_src_gen.pdbx_src_id                        1 
_entity_src_gen.pdbx_alt_source_flag               sample 
_entity_src_gen.pdbx_seq_type                      'Biological sequence' 
_entity_src_gen.pdbx_beg_seq_num                   1 
_entity_src_gen.pdbx_end_seq_num                   141 
_entity_src_gen.gene_src_common_name               Human 
_entity_src_gen.gene_src_genus                     ? 
_entity_src_gen.pdbx_gene_src_gene                 'BRD4, HUNK1' 
_entity_src_gen.gene_src_species                   ? 
_entity_src_gen.gene_src_strain                    ? 
_entity_src_gen.gene_src_tissue                    ? 
_entity_src_gen.gene_src_tissue_fraction           ? 
_entity_src_gen.gene_src_details                   ? 
_entity_src_gen.pdbx_gene_src_fragment             ? 
_entity_src_gen.pdbx_gene_src_scientific_name      'Homo sapiens' 
_entity_src_gen.pdbx_gene_src_ncbi_taxonomy_id     9606 
_entity_src_gen.pdbx_gene_src_variant              ? 
_entity_src_gen.pdbx_gene_src_cell_line            ? 
_entity_src_gen.pdbx_gene_src_atcc                 ? 
_entity_src_gen.pdbx_gene_src_organ                ? 
_entity_src_gen.pdbx_gene_src_organelle            ? 
_entity_src_gen.pdbx_gene_src_cell                 ? 
_entity_src_gen.pdbx_gene_src_cellular_location    ? 
_entity_src_gen.host_org_common_name               ? 
_entity_src_gen.pdbx_host_org_scientific_name      'Escherichia coli BL21(DE3)' 
_entity_src_gen.pdbx_host_org_ncbi_taxonomy_id     469008 
_entity_src_gen.host_org_genus                     ? 
_entity_src_gen.pdbx_host_org_gene                 ? 
_entity_src_gen.pdbx_host_org_organ                ? 
_entity_src_gen.host_org_species                   ? 
_entity_src_gen.pdbx_host_org_tissue               ? 
_entity_src_gen.pdbx_host_org_tissue_fraction      ? 
_entity_src_gen.pdbx_host_org_strain               'BL21(DE3)' 
_entity_src_gen.pdbx_host_org_variant              ? 
_entity_src_gen.pdbx_host_org_cell_line            ? 
_entity_src_gen.pdbx_host_org_atcc                 ? 
_entity_src_gen.pdbx_host_org_culture_collection   ? 
_entity_src_gen.pdbx_host_org_cell                 ? 
_entity_src_gen.pdbx_host_org_organelle            ? 
_entity_src_gen.pdbx_host_org_cellular_location    ? 
_entity_src_gen.pdbx_host_org_vector_type          plasmid 
_entity_src_gen.pdbx_host_org_vector               ? 
_entity_src_gen.host_org_details                   ? 
_entity_src_gen.expression_system_id               ? 
_entity_src_gen.plasmid_name                       pET24a 
_entity_src_gen.plasmid_details                    ? 
_entity_src_gen.pdbx_description                   ? 
# 
loop_
_chem_comp.id 
_chem_comp.type 
_chem_comp.mon_nstd_flag 
_chem_comp.name 
_chem_comp.pdbx_synonyms 
_chem_comp.formula 
_chem_comp.formula_weight 
ALA 'L-peptide linking' y ALANINE                                                              ? 'C3 H7 N O2'      89.093  
ARG 'L-peptide linking' y ARGININE                                                             ? 'C6 H15 N4 O2 1'  175.209 
ASN 'L-peptide linking' y ASPARAGINE                                                           ? 'C4 H8 N2 O3'     132.118 
ASP 'L-peptide linking' y 'ASPARTIC ACID'                                                      ? 'C4 H7 N O4'      133.103 
CYS 'L-peptide linking' y CYSTEINE                                                             ? 'C3 H7 N O2 S'    121.158 
EB9 non-polymer         . 'N-(1-ethyl-2-oxo-1,2-dihydrobenzo[cd]indol-6-yl)benzenesulfonamide' ? 'C19 H16 N2 O3 S' 352.407 
GLN 'L-peptide linking' y GLUTAMINE                                                            ? 'C5 H10 N2 O3'    146.144 
GLU 'L-peptide linking' y 'GLUTAMIC ACID'                                                      ? 'C5 H9 N O4'      147.129 
GLY 'peptide linking'   y GLYCINE                                                              ? 'C2 H5 N O2'      75.067  
HIS 'L-peptide linking' y HISTIDINE                                                            ? 'C6 H10 N3 O2 1'  156.162 
HOH non-polymer         . WATER                                                                ? 'H2 O'            18.015  
ILE 'L-peptide linking' y ISOLEUCINE                                                           ? 'C6 H13 N O2'     131.173 
LEU 'L-peptide linking' y LEUCINE                                                              ? 'C6 H13 N O2'     131.173 
LYS 'L-peptide linking' y LYSINE                                                               ? 'C6 H15 N2 O2 1'  147.195 
MET 'L-peptide linking' y METHIONINE                                                           ? 'C5 H11 N O2 S'   149.211 
PHE 'L-peptide linking' y PHENYLALANINE                                                        ? 'C9 H11 N O2'     165.189 
PRO 'L-peptide linking' y PROLINE                                                              ? 'C5 H9 N O2'      115.130 
SER 'L-peptide linking' y SERINE                                                               ? 'C3 H7 N O3'      105.093 
THR 'L-peptide linking' y THREONINE                                                            ? 'C4 H9 N O3'      119.119 
TRP 'L-peptide linking' y TRYPTOPHAN                                                           ? 'C11 H12 N2 O2'   204.225 
TYR 'L-peptide linking' y TYROSINE                                                             ? 'C9 H11 N O3'     181.189 
VAL 'L-peptide linking' y VALINE                                                               ? 'C5 H11 N O2'     117.146 
# 
loop_
_pdbx_poly_seq_scheme.asym_id 
_pdbx_poly_seq_scheme.entity_id 
_pdbx_poly_seq_scheme.seq_id 
_pdbx_poly_seq_scheme.mon_id 
_pdbx_poly_seq_scheme.ndb_seq_num 
_pdbx_poly_seq_scheme.pdb_seq_num 
_pdbx_poly_seq_scheme.auth_seq_num 
_pdbx_poly_seq_scheme.pdb_mon_id 
_pdbx_poly_seq_scheme.auth_mon_id 
_pdbx_poly_seq_scheme.pdb_strand_id 
_pdbx_poly_seq_scheme.pdb_ins_code 
_pdbx_poly_seq_scheme.hetero 
A 1 1   MET 1   28  ?   ?   ?   A . n 
A 1 2   LYS 2   29  ?   ?   ?   A . n 
A 1 3   LYS 3   30  ?   ?   ?   A . n 
A 1 4   GLY 4   31  ?   ?   ?   A . n 
A 1 5   HIS 5   32  ?   ?   ?   A . n 
A 1 6   HIS 6   33  33  HIS HIS A . n 
A 1 7   HIS 7   34  34  HIS HIS A . n 
A 1 8   HIS 8   35  35  HIS HIS A . n 
A 1 9   HIS 9   36  36  HIS HIS A . n 
A 1 10  HIS 10  37  37  HIS HIS A . n 
A 1 11  LEU 11  38  38  LEU LEU A . n 
A 1 12  VAL 12  39  39  VAL VAL A . n 
A 1 13  PRO 13  40  40  PRO PRO A . n 
A 1 14  ARG 14  41  41  ARG ARG A . n 
A 1 15  GLY 15  42  42  GLY GLY A . n 
A 1 16  SER 16  43  43  SER SER A . n 
A 1 17  ASN 17  44  44  ASN ASN A . n 
A 1 18  PRO 18  45  45  PRO PRO A . n 
A 1 19  PRO 19  46  46  PRO PRO A . n 
A 1 20  PRO 20  47  47  PRO PRO A . n 
A 1 21  PRO 21  48  48  PRO PRO A . n 
A 1 22  GLU 22  49  49  GLU GLU A . n 
A 1 23  THR 23  50  50  THR THR A . n 
A 1 24  SER 24  51  51  SER SER A . n 
A 1 25  ASN 25  52  52  ASN ASN A . n 
A 1 26  PRO 26  53  53  PRO PRO A . n 
A 1 27  ASN 27  54  54  ASN ASN A . n 
A 1 28  LYS 28  55  55  LYS LYS A . n 
A 1 29  PRO 29  56  56  PRO PRO A . n 
A 1 30  LYS 30  57  57  LYS LYS A . n 
A 1 31  ARG 31  58  58  ARG ARG A . n 
A 1 32  GLN 32  59  59  GLN GLN A . n 
A 1 33  THR 33  60  60  THR THR A . n 
A 1 34  ASN 34  61  61  ASN ASN A . n 
A 1 35  GLN 35  62  62  GLN GLN A . n 
A 1 36  LEU 36  63  63  LEU LEU A . n 
A 1 37  GLN 37  64  64  GLN GLN A . n 
A 1 38  TYR 38  65  65  TYR TYR A . n 
A 1 39  LEU 39  66  66  LEU LEU A . n 
A 1 40  LEU 40  67  67  LEU LEU A . n 
A 1 41  ARG 41  68  68  ARG ARG A . n 
A 1 42  VAL 42  69  69  VAL VAL A . n 
A 1 43  VAL 43  70  70  VAL VAL A . n 
A 1 44  LEU 44  71  71  LEU LEU A . n 
A 1 45  LYS 45  72  72  LYS LYS A . n 
A 1 46  THR 46  73  73  THR THR A . n 
A 1 47  LEU 47  74  74  LEU LEU A . n 
A 1 48  TRP 48  75  75  TRP TRP A . n 
A 1 49  LYS 49  76  76  LYS LYS A . n 
A 1 50  HIS 50  77  77  HIS HIS A . n 
A 1 51  GLN 51  78  78  GLN GLN A . n 
A 1 52  PHE 52  79  79  PHE PHE A . n 
A 1 53  ALA 53  80  80  ALA ALA A . n 
A 1 54  TRP 54  81  81  TRP TRP A . n 
A 1 55  PRO 55  82  82  PRO PRO A . n 
A 1 56  PHE 56  83  83  PHE PHE A . n 
A 1 57  GLN 57  84  84  GLN GLN A . n 
A 1 58  GLN 58  85  85  GLN GLN A . n 
A 1 59  PRO 59  86  86  PRO PRO A . n 
A 1 60  VAL 60  87  87  VAL VAL A . n 
A 1 61  ASP 61  88  88  ASP ASP A . n 
A 1 62  ALA 62  89  89  ALA ALA A . n 
A 1 63  VAL 63  90  90  VAL VAL A . n 
A 1 64  LYS 64  91  91  LYS LYS A . n 
A 1 65  LEU 65  92  92  LEU LEU A . n 
A 1 66  ASN 66  93  93  ASN ASN A . n 
A 1 67  LEU 67  94  94  LEU LEU A . n 
A 1 68  PRO 68  95  95  PRO PRO A . n 
A 1 69  ASP 69  96  96  ASP ASP A . n 
A 1 70  TYR 70  97  97  TYR TYR A . n 
A 1 71  TYR 71  98  98  TYR TYR A . n 
A 1 72  LYS 72  99  99  LYS LYS A . n 
A 1 73  ILE 73  100 100 ILE ILE A . n 
A 1 74  ILE 74  101 101 ILE ILE A . n 
A 1 75  LYS 75  102 102 LYS LYS A . n 
A 1 76  THR 76  103 103 THR THR A . n 
A 1 77  PRO 77  104 104 PRO PRO A . n 
A 1 78  MET 78  105 105 MET MET A . n 
A 1 79  ASP 79  106 106 ASP ASP A . n 
A 1 80  MET 80  107 107 MET MET A . n 
A 1 81  GLY 81  108 108 GLY GLY A . n 
A 1 82  THR 82  109 109 THR THR A . n 
A 1 83  ILE 83  110 110 ILE ILE A . n 
A 1 84  LYS 84  111 111 LYS LYS A . n 
A 1 85  LYS 85  112 112 LYS LYS A . n 
A 1 86  ARG 86  113 113 ARG ARG A . n 
A 1 87  LEU 87  114 114 LEU LEU A . n 
A 1 88  GLU 88  115 115 GLU GLU A . n 
A 1 89  ASN 89  116 116 ASN ASN A . n 
A 1 90  ASN 90  117 117 ASN ASN A . n 
A 1 91  TYR 91  118 118 TYR TYR A . n 
A 1 92  TYR 92  119 119 TYR TYR A . n 
A 1 93  TRP 93  120 120 TRP TRP A . n 
A 1 94  ASN 94  121 121 ASN ASN A . n 
A 1 95  ALA 95  122 122 ALA ALA A . n 
A 1 96  GLN 96  123 123 GLN GLN A . n 
A 1 97  GLU 97  124 124 GLU GLU A . n 
A 1 98  CYS 98  125 125 CYS CYS A . n 
A 1 99  ILE 99  126 126 ILE ILE A . n 
A 1 100 GLN 100 127 127 GLN GLN A . n 
A 1 101 ASP 101 128 128 ASP ASP A . n 
A 1 102 PHE 102 129 129 PHE PHE A . n 
A 1 103 ASN 103 130 130 ASN ASN A . n 
A 1 104 THR 104 131 131 THR THR A . n 
A 1 105 MET 105 132 132 MET MET A . n 
A 1 106 PHE 106 133 133 PHE PHE A . n 
A 1 107 THR 107 134 134 THR THR A . n 
A 1 108 ASN 108 135 135 ASN ASN A . n 
A 1 109 CYS 109 136 136 CYS CYS A . n 
A 1 110 TYR 110 137 137 TYR TYR A . n 
A 1 111 ILE 111 138 138 ILE ILE A . n 
A 1 112 TYR 112 139 139 TYR TYR A . n 
A 1 113 ASN 113 140 140 ASN ASN A . n 
A 1 114 LYS 114 141 141 LYS LYS A . n 
A 1 115 PRO 115 142 142 PRO PRO A . n 
A 1 116 GLY 116 143 143 GLY GLY A . n 
A 1 117 ASP 117 144 144 ASP ASP A . n 
A 1 118 ASP 118 145 145 ASP ASP A . n 
A 1 119 ILE 119 146 146 ILE ILE A . n 
A 1 120 VAL 120 147 147 VAL VAL A . n 
A 1 121 LEU 121 148 148 LEU LEU A . n 
A 1 122 MET 122 149 149 MET MET A . n 
A 1 123 ALA 123 150 150 ALA ALA A . n 
A 1 124 GLU 124 151 151 GLU GLU A . n 
A 1 125 ALA 125 152 152 ALA ALA A . n 
A 1 126 LEU 126 153 153 LEU LEU A . n 
A 1 127 GLU 127 154 154 GLU GLU A . n 
A 1 128 LYS 128 155 155 LYS LYS A . n 
A 1 129 LEU 129 156 156 LEU LEU A . n 
A 1 130 PHE 130 157 157 PHE PHE A . n 
A 1 131 LEU 131 158 158 LEU LEU A . n 
A 1 132 GLN 132 159 159 GLN GLN A . n 
A 1 133 LYS 133 160 160 LYS LYS A . n 
A 1 134 ILE 134 161 161 ILE ILE A . n 
A 1 135 ASN 135 162 162 ASN ASN A . n 
A 1 136 GLU 136 163 163 GLU GLU A . n 
A 1 137 LEU 137 164 164 LEU LEU A . n 
A 1 138 PRO 138 165 165 PRO PRO A . n 
A 1 139 THR 139 166 ?   ?   ?   A . n 
A 1 140 GLU 140 167 ?   ?   ?   A . n 
A 1 141 GLU 141 168 ?   ?   ?   A . n 
# 
loop_
_pdbx_nonpoly_scheme.asym_id 
_pdbx_nonpoly_scheme.entity_id 
_pdbx_nonpoly_scheme.mon_id 
_pdbx_nonpoly_scheme.ndb_seq_num 
_pdbx_nonpoly_scheme.pdb_seq_num 
_pdbx_nonpoly_scheme.auth_seq_num 
_pdbx_nonpoly_scheme.pdb_mon_id 
_pdbx_nonpoly_scheme.auth_mon_id 
_pdbx_nonpoly_scheme.pdb_strand_id 
_pdbx_nonpoly_scheme.pdb_ins_code 
B 2 EB9 1  201 1  EB9 EB9 A . 
C 3 HOH 1  301 1  HOH HOH A . 
C 3 HOH 2  302 2  HOH HOH A . 
C 3 HOH 3  303 5  HOH HOH A . 
C 3 HOH 4  304 4  HOH HOH A . 
C 3 HOH 5  305 7  HOH HOH A . 
C 3 HOH 6  306 3  HOH HOH A . 
C 3 HOH 7  307 6  HOH HOH A . 
C 3 HOH 8  308 9  HOH HOH A . 
C 3 HOH 9  309 8  HOH HOH A . 
C 3 HOH 10 310 10 HOH HOH A . 
# 
loop_
_software.citation_id 
_software.classification 
_software.compiler_name 
_software.compiler_version 
_software.contact_author 
_software.contact_author_email 
_software.date 
_software.description 
_software.dependencies 
_software.hardware 
_software.language 
_software.location 
_software.mods 
_software.name 
_software.os 
_software.os_version 
_software.type 
_software.version 
_software.pdbx_ordinal 
? refinement        ? ? ? ? ? ? ? ? ? ? ? REFMAC      ? ? ? 5.8.0131 1 
? 'data scaling'    ? ? ? ? ? ? ? ? ? ? ? Aimless     ? ? ? 0.5.9    2 
? 'data extraction' ? ? ? ? ? ? ? ? ? ? ? PDB_EXTRACT ? ? ? 3.15     3 
? 'data reduction'  ? ? ? ? ? ? ? ? ? ? ? MOSFLM      ? ? ? .        4 
? phasing           ? ? ? ? ? ? ? ? ? ? ? MOLREP      ? ? ? .        5 
# 
_cell.entry_id           5CTL 
_cell.length_a           34.640 
_cell.length_b           47.340 
_cell.length_c           77.960 
_cell.angle_alpha        90.00 
_cell.angle_beta         90.00 
_cell.angle_gamma        90.00 
_cell.Z_PDB              4 
_cell.pdbx_unique_axis   ? 
# 
_symmetry.entry_id                         5CTL 
_symmetry.space_group_name_H-M             'P 21 21 21' 
_symmetry.pdbx_full_space_group_name_H-M   ? 
_symmetry.cell_setting                     ? 
_symmetry.Int_Tables_number                19 
# 
_exptl.absorpt_coefficient_mu     ? 
_exptl.absorpt_correction_T_max   ? 
_exptl.absorpt_correction_T_min   ? 
_exptl.absorpt_correction_type    ? 
_exptl.absorpt_process_details    ? 
_exptl.entry_id                   5CTL 
_exptl.crystals_number            1 
_exptl.details                    ? 
_exptl.method                     'X-RAY DIFFRACTION' 
_exptl.method_details             ? 
# 
_exptl_crystal.colour                      ? 
_exptl_crystal.density_diffrn              ? 
_exptl_crystal.density_Matthews            1.92 
_exptl_crystal.density_method              ? 
_exptl_crystal.density_percent_sol         35.86 
_exptl_crystal.description                 ? 
_exptl_crystal.F_000                       ? 
_exptl_crystal.id                          1 
_exptl_crystal.preparation                 ? 
_exptl_crystal.size_max                    ? 
_exptl_crystal.size_mid                    ? 
_exptl_crystal.size_min                    ? 
_exptl_crystal.size_rad                    ? 
_exptl_crystal.colour_lustre               ? 
_exptl_crystal.colour_modifier             ? 
_exptl_crystal.colour_primary              ? 
_exptl_crystal.density_meas                ? 
_exptl_crystal.density_meas_esd            ? 
_exptl_crystal.density_meas_gt             ? 
_exptl_crystal.density_meas_lt             ? 
_exptl_crystal.density_meas_temp           ? 
_exptl_crystal.density_meas_temp_esd       ? 
_exptl_crystal.density_meas_temp_gt        ? 
_exptl_crystal.density_meas_temp_lt        ? 
_exptl_crystal.pdbx_crystal_image_url      ? 
_exptl_crystal.pdbx_crystal_image_format   ? 
_exptl_crystal.pdbx_mosaicity              ? 
_exptl_crystal.pdbx_mosaicity_esd          ? 
# 
_exptl_crystal_grow.apparatus       ? 
_exptl_crystal_grow.atmosphere      ? 
_exptl_crystal_grow.crystal_id      1 
_exptl_crystal_grow.details         ? 
_exptl_crystal_grow.method          'VAPOR DIFFUSION, SITTING DROP' 
_exptl_crystal_grow.method_ref      ? 
_exptl_crystal_grow.pH              7.0 
_exptl_crystal_grow.pressure        ? 
_exptl_crystal_grow.pressure_esd    ? 
_exptl_crystal_grow.seeding         ? 
_exptl_crystal_grow.seeding_ref     ? 
_exptl_crystal_grow.temp            277 
_exptl_crystal_grow.temp_details    ? 
_exptl_crystal_grow.temp_esd        ? 
_exptl_crystal_grow.time            ? 
_exptl_crystal_grow.pdbx_details    '20% PEG3350, 0.2M NaNO3, 0.1M HEPES, 10% EtGhly,pH 7.0' 
_exptl_crystal_grow.pdbx_pH_range   ? 
# 
_diffrn.ambient_environment    ? 
_diffrn.ambient_temp           100 
_diffrn.ambient_temp_details   ? 
_diffrn.ambient_temp_esd       ? 
_diffrn.crystal_id             1 
_diffrn.crystal_support        ? 
_diffrn.crystal_treatment      ? 
_diffrn.details                ? 
_diffrn.id                     1 
_diffrn.ambient_pressure       ? 
_diffrn.ambient_pressure_esd   ? 
_diffrn.ambient_pressure_gt    ? 
_diffrn.ambient_pressure_lt    ? 
_diffrn.ambient_temp_gt        ? 
_diffrn.ambient_temp_lt        ? 
# 
_diffrn_detector.details                      ? 
_diffrn_detector.detector                     PIXEL 
_diffrn_detector.diffrn_id                    1 
_diffrn_detector.type                         'PSI PILATUS 6M' 
_diffrn_detector.area_resol_mean              ? 
_diffrn_detector.dtime                        ? 
_diffrn_detector.pdbx_frames_total            ? 
_diffrn_detector.pdbx_collection_time_total   ? 
_diffrn_detector.pdbx_collection_date         2015-06-22 
# 
_diffrn_radiation.collimation                      ? 
_diffrn_radiation.diffrn_id                        1 
_diffrn_radiation.filter_edge                      ? 
_diffrn_radiation.inhomogeneity                    ? 
_diffrn_radiation.monochromator                    ? 
_diffrn_radiation.polarisn_norm                    ? 
_diffrn_radiation.polarisn_ratio                   ? 
_diffrn_radiation.probe                            ? 
_diffrn_radiation.type                             ? 
_diffrn_radiation.xray_symbol                      ? 
_diffrn_radiation.wavelength_id                    1 
_diffrn_radiation.pdbx_monochromatic_or_laue_m_l   M 
_diffrn_radiation.pdbx_wavelength_list             ? 
_diffrn_radiation.pdbx_wavelength                  ? 
_diffrn_radiation.pdbx_diffrn_protocol             'SINGLE WAVELENGTH' 
_diffrn_radiation.pdbx_analyzer                    ? 
_diffrn_radiation.pdbx_scattering_type             x-ray 
# 
_diffrn_radiation_wavelength.id           1 
_diffrn_radiation_wavelength.wavelength   0.97852 
_diffrn_radiation_wavelength.wt           1.0 
# 
_diffrn_source.current                     ? 
_diffrn_source.details                     ? 
_diffrn_source.diffrn_id                   1 
_diffrn_source.power                       ? 
_diffrn_source.size                        ? 
_diffrn_source.source                      SYNCHROTRON 
_diffrn_source.target                      ? 
_diffrn_source.type                        OTHER 
_diffrn_source.voltage                     ? 
_diffrn_source.take-off_angle              ? 
_diffrn_source.pdbx_wavelength_list        0.97852 
_diffrn_source.pdbx_wavelength             ? 
_diffrn_source.pdbx_synchrotron_beamline   ? 
_diffrn_source.pdbx_synchrotron_site       ? 
# 
_reflns.B_iso_Wilson_estimate            ? 
_reflns.entry_id                         5CTL 
_reflns.data_reduction_details           ? 
_reflns.data_reduction_method            ? 
_reflns.d_resolution_high                2.510 
_reflns.d_resolution_low                 47.340 
_reflns.details                          ? 
_reflns.limit_h_max                      ? 
_reflns.limit_h_min                      ? 
_reflns.limit_k_max                      ? 
_reflns.limit_k_min                      ? 
_reflns.limit_l_max                      ? 
_reflns.limit_l_min                      ? 
_reflns.number_all                       ? 
_reflns.number_obs                       4435 
_reflns.observed_criterion               ? 
_reflns.observed_criterion_F_max         ? 
_reflns.observed_criterion_F_min         ? 
_reflns.observed_criterion_I_max         ? 
_reflns.observed_criterion_I_min         ? 
_reflns.observed_criterion_sigma_F       ? 
_reflns.observed_criterion_sigma_I       ? 
_reflns.percent_possible_obs             94.000 
_reflns.R_free_details                   ? 
_reflns.Rmerge_F_all                     ? 
_reflns.Rmerge_F_obs                     ? 
_reflns.Friedel_coverage                 ? 
_reflns.number_gt                        ? 
_reflns.threshold_expression             ? 
_reflns.pdbx_redundancy                  7.500 
_reflns.pdbx_Rmerge_I_obs                0.121 
_reflns.pdbx_Rmerge_I_all                ? 
_reflns.pdbx_Rsym_value                  ? 
_reflns.pdbx_netI_over_av_sigmaI         ? 
_reflns.pdbx_netI_over_sigmaI            10.300 
_reflns.pdbx_res_netI_over_av_sigmaI_2   ? 
_reflns.pdbx_res_netI_over_sigmaI_2      ? 
_reflns.pdbx_chi_squared                 ? 
_reflns.pdbx_scaling_rejects             94 
_reflns.pdbx_d_res_high_opt              ? 
_reflns.pdbx_d_res_low_opt               ? 
_reflns.pdbx_d_res_opt_method            ? 
_reflns.phase_calculation_details        ? 
_reflns.pdbx_Rrim_I_all                  ? 
_reflns.pdbx_Rpim_I_all                  0.045 
_reflns.pdbx_d_opt                       ? 
_reflns.pdbx_number_measured_all         33047 
_reflns.pdbx_diffrn_id                   1 
_reflns.pdbx_ordinal                     1 
_reflns.pdbx_CC_half                     0.993 
_reflns.pdbx_R_split                     ? 
# 
loop_
_reflns_shell.d_res_high 
_reflns_shell.d_res_low 
_reflns_shell.meanI_over_sigI_all 
_reflns_shell.meanI_over_sigI_obs 
_reflns_shell.number_measured_all 
_reflns_shell.number_measured_obs 
_reflns_shell.number_possible 
_reflns_shell.number_unique_all 
_reflns_shell.number_unique_obs 
_reflns_shell.percent_possible_all 
_reflns_shell.percent_possible_obs 
_reflns_shell.Rmerge_F_all 
_reflns_shell.Rmerge_F_obs 
_reflns_shell.Rmerge_I_all 
_reflns_shell.Rmerge_I_obs 
_reflns_shell.meanI_over_sigI_gt 
_reflns_shell.meanI_over_uI_all 
_reflns_shell.meanI_over_uI_gt 
_reflns_shell.number_measured_gt 
_reflns_shell.number_unique_gt 
_reflns_shell.percent_possible_gt 
_reflns_shell.Rmerge_F_gt 
_reflns_shell.Rmerge_I_gt 
_reflns_shell.pdbx_redundancy 
_reflns_shell.pdbx_Rsym_value 
_reflns_shell.pdbx_chi_squared 
_reflns_shell.pdbx_netI_over_sigmaI_all 
_reflns_shell.pdbx_netI_over_sigmaI_obs 
_reflns_shell.pdbx_Rrim_I_all 
_reflns_shell.pdbx_Rpim_I_all 
_reflns_shell.pdbx_rejects 
_reflns_shell.pdbx_ordinal 
_reflns_shell.pdbx_diffrn_id 
_reflns_shell.pdbx_CC_half 
_reflns_shell.pdbx_R_split 
2.510 2.610  ? 5.700  3700 ? ? 497 ? 97.700 ? ? ? ? 0.246 ? ? ? ? ? ? ? ? 7.400 ? ? ? ? ? 0.091 0 1 1 0.982 ? 
9.050 47.340 ? 16.200 1101 ? ? 135 ? 99.700 ? ? ? ? 0.091 ? ? ? ? ? ? ? ? 8.200 ? ? ? ? ? 0.031 0 2 1 0.998 ? 
# 
_refine.pdbx_refine_id                           'X-RAY DIFFRACTION' 
_refine.entry_id                                 5CTL 
_refine.pdbx_diffrn_id                           1 
_refine.pdbx_TLS_residual_ADP_flag               ? 
_refine.ls_number_reflns_obs                     4206 
_refine.ls_number_reflns_all                     ? 
_refine.pdbx_ls_sigma_I                          ? 
_refine.pdbx_ls_sigma_F                          ? 
_refine.pdbx_data_cutoff_high_absF               ? 
_refine.pdbx_data_cutoff_low_absF                ? 
_refine.pdbx_data_cutoff_high_rms_absF           ? 
_refine.ls_d_res_low                             40.46 
_refine.ls_d_res_high                            2.51 
_refine.ls_percent_reflns_obs                    93.46 
_refine.ls_R_factor_obs                          0.20262 
_refine.ls_R_factor_all                          ? 
_refine.ls_R_factor_R_work                       0.20132 
_refine.ls_R_factor_R_free                       0.22687 
_refine.ls_R_factor_R_free_error                 ? 
_refine.ls_R_factor_R_free_error_details         ? 
_refine.ls_percent_reflns_R_free                 4.4 
_refine.ls_number_reflns_R_free                  195 
_refine.ls_number_parameters                     ? 
_refine.ls_number_restraints                     ? 
_refine.occupancy_min                            ? 
_refine.occupancy_max                            ? 
_refine.correlation_coeff_Fo_to_Fc               0.944 
_refine.correlation_coeff_Fo_to_Fc_free          0.930 
_refine.B_iso_mean                               33.561 
_refine.aniso_B[1][1]                            9.14 
_refine.aniso_B[2][2]                            -4.15 
_refine.aniso_B[3][3]                            -4.99 
_refine.aniso_B[1][2]                            0.00 
_refine.aniso_B[1][3]                            0.00 
_refine.aniso_B[2][3]                            0.00 
_refine.solvent_model_details                    MASK 
_refine.solvent_model_param_ksol                 ? 
_refine.solvent_model_param_bsol                 ? 
_refine.pdbx_solvent_vdw_probe_radii             1.20 
_refine.pdbx_solvent_ion_probe_radii             0.80 
_refine.pdbx_solvent_shrinkage_radii             0.80 
_refine.pdbx_ls_cross_valid_method               THROUGHOUT 
_refine.details                                  'HYDROGENS HAVE BEEN ADDED IN THE RIDING POSITIONS' 
_refine.pdbx_starting_model                      ? 
_refine.pdbx_method_to_determine_struct          ? 
_refine.pdbx_isotropic_thermal_model             ? 
_refine.pdbx_stereochemistry_target_values       'MAXIMUM LIKELIHOOD' 
_refine.pdbx_stereochem_target_val_spec_case     ? 
_refine.pdbx_R_Free_selection_details            RANDOM 
_refine.pdbx_overall_ESU_R                       ? 
_refine.pdbx_overall_ESU_R_Free                  0.309 
_refine.overall_SU_ML                            0.246 
_refine.pdbx_overall_phase_error                 ? 
_refine.overall_SU_B                             11.760 
_refine.overall_SU_R_Cruickshank_DPI             ? 
_refine.pdbx_overall_SU_R_free_Cruickshank_DPI   ? 
_refine.pdbx_overall_SU_R_Blow_DPI               ? 
_refine.pdbx_overall_SU_R_free_Blow_DPI          ? 
# 
_refine_hist.pdbx_refine_id                   'X-RAY DIFFRACTION' 
_refine_hist.cycle_id                         LAST 
_refine_hist.pdbx_number_atoms_protein        1115 
_refine_hist.pdbx_number_atoms_nucleic_acid   0 
_refine_hist.pdbx_number_atoms_ligand         25 
_refine_hist.number_atoms_solvent             10 
_refine_hist.number_atoms_total               1150 
_refine_hist.d_res_high                       2.51 
_refine_hist.d_res_low                        40.46 
# 
loop_
_refine_ls_restr.type 
_refine_ls_restr.dev_ideal 
_refine_ls_restr.dev_ideal_target 
_refine_ls_restr.weight 
_refine_ls_restr.number 
_refine_ls_restr.pdbx_refine_id 
_refine_ls_restr.pdbx_restraint_function 
r_bond_refined_d             0.012  0.019  ? 1179 'X-RAY DIFFRACTION' ? 
r_bond_other_d               0.003  0.020  ? 1113 'X-RAY DIFFRACTION' ? 
r_angle_refined_deg          1.567  1.979  ? 1608 'X-RAY DIFFRACTION' ? 
r_angle_other_deg            1.003  3.005  ? 2566 'X-RAY DIFFRACTION' ? 
r_dihedral_angle_1_deg       6.590  5.000  ? 132  'X-RAY DIFFRACTION' ? 
r_dihedral_angle_2_deg       34.384 25.000 ? 58   'X-RAY DIFFRACTION' ? 
r_dihedral_angle_3_deg       16.169 15.000 ? 200  'X-RAY DIFFRACTION' ? 
r_dihedral_angle_4_deg       12.315 15.000 ? 4    'X-RAY DIFFRACTION' ? 
r_chiral_restr               0.078  0.200  ? 165  'X-RAY DIFFRACTION' ? 
r_gen_planes_refined         0.009  0.021  ? 1313 'X-RAY DIFFRACTION' ? 
r_gen_planes_other           0.002  0.020  ? 283  'X-RAY DIFFRACTION' ? 
r_nbd_refined                ?      ?      ? ?    'X-RAY DIFFRACTION' ? 
r_nbd_other                  ?      ?      ? ?    'X-RAY DIFFRACTION' ? 
r_nbtor_refined              ?      ?      ? ?    'X-RAY DIFFRACTION' ? 
r_nbtor_other                ?      ?      ? ?    'X-RAY DIFFRACTION' ? 
r_xyhbond_nbd_refined        ?      ?      ? ?    'X-RAY DIFFRACTION' ? 
r_xyhbond_nbd_other          ?      ?      ? ?    'X-RAY DIFFRACTION' ? 
r_metal_ion_refined          ?      ?      ? ?    'X-RAY DIFFRACTION' ? 
r_metal_ion_other            ?      ?      ? ?    'X-RAY DIFFRACTION' ? 
r_symmetry_vdw_refined       ?      ?      ? ?    'X-RAY DIFFRACTION' ? 
r_symmetry_vdw_other         ?      ?      ? ?    'X-RAY DIFFRACTION' ? 
r_symmetry_hbond_refined     ?      ?      ? ?    'X-RAY DIFFRACTION' ? 
r_symmetry_hbond_other       ?      ?      ? ?    'X-RAY DIFFRACTION' ? 
r_symmetry_metal_ion_refined ?      ?      ? ?    'X-RAY DIFFRACTION' ? 
r_symmetry_metal_ion_other   ?      ?      ? ?    'X-RAY DIFFRACTION' ? 
r_mcbond_it                  1.907  3.231  ? 531  'X-RAY DIFFRACTION' ? 
r_mcbond_other               1.909  3.229  ? 530  'X-RAY DIFFRACTION' ? 
r_mcangle_it                 3.191  4.837  ? 662  'X-RAY DIFFRACTION' ? 
r_mcangle_other              3.189  4.839  ? 663  'X-RAY DIFFRACTION' ? 
r_scbond_it                  1.908  3.406  ? 648  'X-RAY DIFFRACTION' ? 
r_scbond_other               1.907  3.404  ? 649  'X-RAY DIFFRACTION' ? 
r_scangle_it                 ?      ?      ? ?    'X-RAY DIFFRACTION' ? 
r_scangle_other              3.314  5.014  ? 947  'X-RAY DIFFRACTION' ? 
r_long_range_B_refined       5.035  24.369 ? 1349 'X-RAY DIFFRACTION' ? 
r_long_range_B_other         5.034  24.378 ? 1349 'X-RAY DIFFRACTION' ? 
r_rigid_bond_restr           ?      ?      ? ?    'X-RAY DIFFRACTION' ? 
r_sphericity_free            ?      ?      ? ?    'X-RAY DIFFRACTION' ? 
r_sphericity_bonded          ?      ?      ? ?    'X-RAY DIFFRACTION' ? 
# 
_refine_ls_shell.pdbx_refine_id                   'X-RAY DIFFRACTION' 
_refine_ls_shell.pdbx_total_number_of_bins_used   20 
_refine_ls_shell.d_res_high                       2.510 
_refine_ls_shell.d_res_low                        2.575 
_refine_ls_shell.number_reflns_R_work             299 
_refine_ls_shell.R_factor_R_work                  0.278 
_refine_ls_shell.percent_reflns_obs               97.50 
_refine_ls_shell.R_factor_R_free                  0.328 
_refine_ls_shell.R_factor_R_free_error            ? 
_refine_ls_shell.percent_reflns_R_free            ? 
_refine_ls_shell.number_reflns_R_free             13 
_refine_ls_shell.number_reflns_all                ? 
_refine_ls_shell.R_factor_all                     ? 
# 
_struct.entry_id                     5CTL 
_struct.title                        
'Crystal Structure of the first bromodomain of human BRD4 in complex with benzo[cd]indol-2(1H)-one ligand' 
_struct.pdbx_model_details           ? 
_struct.pdbx_formula_weight          ? 
_struct.pdbx_formula_weight_method   ? 
_struct.pdbx_model_type_details      ? 
_struct.pdbx_CASP_flag               ? 
# 
_struct_keywords.entry_id        5CTL 
_struct_keywords.text            'BRD4, Bromodomain, Four Alpha Helices, SIGNALING PROTEIN-INHIBITOR complex' 
_struct_keywords.pdbx_keywords   'SIGNALING PROTEIN/INHIBITOR' 
# 
loop_
_struct_asym.id 
_struct_asym.pdbx_blank_PDB_chainid_flag 
_struct_asym.pdbx_modified 
_struct_asym.entity_id 
_struct_asym.details 
A N N 1 ? 
B N N 2 ? 
C N N 3 ? 
# 
_struct_ref.db_code                    BRD4_HUMAN 
_struct_ref.db_name                    UNP 
_struct_ref.details                    ? 
_struct_ref.entity_id                  1 
_struct_ref.id                         1 
_struct_ref.seq_align                  ? 
_struct_ref.seq_dif                    ? 
_struct_ref.pdbx_db_accession          O60885 
_struct_ref.pdbx_db_isoform            ? 
_struct_ref.pdbx_seq_one_letter_code   
;NPPPPETSNPNKPKRQTNQLQYLLRVVLKTLWKHQFAWPFQQPVDAVKLNLPDYYKIIKTPMDMGTIKKRLENNYYWNAQ
ECIQDFNTMFTNCYIYNKPGDDIVLMAEALEKLFLQKINELPTEE
;
_struct_ref.pdbx_align_begin           44 
_struct_ref.pdbx_align_end             ? 
# 
_struct_ref_seq.align_id                      1 
_struct_ref_seq.ref_id                        1 
_struct_ref_seq.pdbx_PDB_id_code              5CTL 
_struct_ref_seq.pdbx_strand_id                A 
_struct_ref_seq.seq_align_beg                 17 
_struct_ref_seq.pdbx_seq_align_beg_ins_code   ? 
_struct_ref_seq.seq_align_end                 141 
_struct_ref_seq.pdbx_seq_align_end_ins_code   ? 
_struct_ref_seq.pdbx_db_accession             O60885 
_struct_ref_seq.db_align_beg                  44 
_struct_ref_seq.pdbx_db_align_beg_ins_code    ? 
_struct_ref_seq.db_align_end                  168 
_struct_ref_seq.pdbx_db_align_end_ins_code    ? 
_struct_ref_seq.pdbx_auth_seq_align_beg       44 
_struct_ref_seq.pdbx_auth_seq_align_end       168 
# 
loop_
_struct_ref_seq_dif.align_id 
_struct_ref_seq_dif.pdbx_pdb_id_code 
_struct_ref_seq_dif.mon_id 
_struct_ref_seq_dif.pdbx_pdb_strand_id 
_struct_ref_seq_dif.seq_num 
_struct_ref_seq_dif.pdbx_pdb_ins_code 
_struct_ref_seq_dif.pdbx_seq_db_name 
_struct_ref_seq_dif.pdbx_seq_db_accession_code 
_struct_ref_seq_dif.db_mon_id 
_struct_ref_seq_dif.pdbx_seq_db_seq_num 
_struct_ref_seq_dif.details 
_struct_ref_seq_dif.pdbx_auth_seq_num 
_struct_ref_seq_dif.pdbx_ordinal 
1 5CTL MET A 1  ? UNP O60885 ? ? 'initiating methionine' 28 1  
1 5CTL LYS A 2  ? UNP O60885 ? ? 'expression tag'        29 2  
1 5CTL LYS A 3  ? UNP O60885 ? ? 'expression tag'        30 3  
1 5CTL GLY A 4  ? UNP O60885 ? ? 'expression tag'        31 4  
1 5CTL HIS A 5  ? UNP O60885 ? ? 'expression tag'        32 5  
1 5CTL HIS A 6  ? UNP O60885 ? ? 'expression tag'        33 6  
1 5CTL HIS A 7  ? UNP O60885 ? ? 'expression tag'        34 7  
1 5CTL HIS A 8  ? UNP O60885 ? ? 'expression tag'        35 8  
1 5CTL HIS A 9  ? UNP O60885 ? ? 'expression tag'        36 9  
1 5CTL HIS A 10 ? UNP O60885 ? ? 'expression tag'        37 10 
1 5CTL LEU A 11 ? UNP O60885 ? ? 'expression tag'        38 11 
1 5CTL VAL A 12 ? UNP O60885 ? ? 'expression tag'        39 12 
1 5CTL PRO A 13 ? UNP O60885 ? ? 'expression tag'        40 13 
1 5CTL ARG A 14 ? UNP O60885 ? ? 'expression tag'        41 14 
1 5CTL GLY A 15 ? UNP O60885 ? ? 'expression tag'        42 15 
1 5CTL SER A 16 ? UNP O60885 ? ? 'expression tag'        43 16 
# 
_pdbx_struct_assembly.id                   1 
_pdbx_struct_assembly.details              author_defined_assembly 
_pdbx_struct_assembly.method_details       ? 
_pdbx_struct_assembly.oligomeric_details   monomeric 
_pdbx_struct_assembly.oligomeric_count     1 
# 
loop_
_pdbx_struct_assembly_prop.biol_id 
_pdbx_struct_assembly_prop.type 
_pdbx_struct_assembly_prop.value 
_pdbx_struct_assembly_prop.details 
1 'ABSA (A^2)' 0    ? 
1 MORE         0    ? 
1 'SSA (A^2)'  8550 ? 
# 
_pdbx_struct_assembly_gen.assembly_id       1 
_pdbx_struct_assembly_gen.oper_expression   1 
_pdbx_struct_assembly_gen.asym_id_list      A,B,C 
# 
_pdbx_struct_oper_list.id                   1 
_pdbx_struct_oper_list.type                 'identity operation' 
_pdbx_struct_oper_list.name                 1_555 
_pdbx_struct_oper_list.symmetry_operation   x,y,z 
_pdbx_struct_oper_list.matrix[1][1]         1.0000000000 
_pdbx_struct_oper_list.matrix[1][2]         0.0000000000 
_pdbx_struct_oper_list.matrix[1][3]         0.0000000000 
_pdbx_struct_oper_list.vector[1]            0.0000000000 
_pdbx_struct_oper_list.matrix[2][1]         0.0000000000 
_pdbx_struct_oper_list.matrix[2][2]         1.0000000000 
_pdbx_struct_oper_list.matrix[2][3]         0.0000000000 
_pdbx_struct_oper_list.vector[2]            0.0000000000 
_pdbx_struct_oper_list.matrix[3][1]         0.0000000000 
_pdbx_struct_oper_list.matrix[3][2]         0.0000000000 
_pdbx_struct_oper_list.matrix[3][3]         1.0000000000 
_pdbx_struct_oper_list.vector[3]            0.0000000000 
# 
loop_
_struct_conf.conf_type_id 
_struct_conf.id 
_struct_conf.pdbx_PDB_helix_id 
_struct_conf.beg_label_comp_id 
_struct_conf.beg_label_asym_id 
_struct_conf.beg_label_seq_id 
_struct_conf.pdbx_beg_PDB_ins_code 
_struct_conf.end_label_comp_id 
_struct_conf.end_label_asym_id 
_struct_conf.end_label_seq_id 
_struct_conf.pdbx_end_PDB_ins_code 
_struct_conf.beg_auth_comp_id 
_struct_conf.beg_auth_asym_id 
_struct_conf.beg_auth_seq_id 
_struct_conf.end_auth_comp_id 
_struct_conf.end_auth_asym_id 
_struct_conf.end_auth_seq_id 
_struct_conf.pdbx_PDB_helix_class 
_struct_conf.details 
_struct_conf.pdbx_PDB_helix_length 
HELX_P HELX_P1 AA1 THR A 33  ? VAL A 42  ? THR A 60  VAL A 69  1 ? 10 
HELX_P HELX_P2 AA2 VAL A 42  ? TRP A 48  ? VAL A 69  TRP A 75  1 ? 7  
HELX_P HELX_P3 AA3 ALA A 53  ? GLN A 57  ? ALA A 80  GLN A 84  5 ? 5  
HELX_P HELX_P4 AA4 ASP A 69  ? ILE A 74  ? ASP A 96  ILE A 101 1 ? 6  
HELX_P HELX_P5 AA5 ASP A 79  ? ASN A 89  ? ASP A 106 ASN A 116 1 ? 11 
HELX_P HELX_P6 AA6 ASN A 94  ? ASN A 113 ? ASN A 121 ASN A 140 1 ? 20 
HELX_P HELX_P7 AA7 ASP A 117 ? GLU A 136 ? ASP A 144 GLU A 163 1 ? 20 
# 
_struct_conf_type.id          HELX_P 
_struct_conf_type.criteria    ? 
_struct_conf_type.reference   ? 
# 
_struct_mon_prot_cis.pdbx_id                1 
_struct_mon_prot_cis.label_comp_id          VAL 
_struct_mon_prot_cis.label_seq_id           12 
_struct_mon_prot_cis.label_asym_id          A 
_struct_mon_prot_cis.label_alt_id           . 
_struct_mon_prot_cis.pdbx_PDB_ins_code      ? 
_struct_mon_prot_cis.auth_comp_id           VAL 
_struct_mon_prot_cis.auth_seq_id            39 
_struct_mon_prot_cis.auth_asym_id           A 
_struct_mon_prot_cis.pdbx_label_comp_id_2   PRO 
_struct_mon_prot_cis.pdbx_label_seq_id_2    13 
_struct_mon_prot_cis.pdbx_label_asym_id_2   A 
_struct_mon_prot_cis.pdbx_PDB_ins_code_2    ? 
_struct_mon_prot_cis.pdbx_auth_comp_id_2    PRO 
_struct_mon_prot_cis.pdbx_auth_seq_id_2     40 
_struct_mon_prot_cis.pdbx_auth_asym_id_2    A 
_struct_mon_prot_cis.pdbx_PDB_model_num     1 
_struct_mon_prot_cis.pdbx_omega_angle       3.67 
# 
_struct_site.id                   AC1 
_struct_site.pdbx_evidence_code   Software 
_struct_site.pdbx_auth_asym_id    A 
_struct_site.pdbx_auth_comp_id    EB9 
_struct_site.pdbx_auth_seq_id     201 
_struct_site.pdbx_auth_ins_code   ? 
_struct_site.pdbx_num_residues    9 
_struct_site.details              'binding site for residue EB9 A 201' 
# 
loop_
_struct_site_gen.id 
_struct_site_gen.site_id 
_struct_site_gen.pdbx_num_res 
_struct_site_gen.label_comp_id 
_struct_site_gen.label_asym_id 
_struct_site_gen.label_seq_id 
_struct_site_gen.pdbx_auth_ins_code 
_struct_site_gen.auth_comp_id 
_struct_site_gen.auth_asym_id 
_struct_site_gen.auth_seq_id 
_struct_site_gen.label_atom_id 
_struct_site_gen.label_alt_id 
_struct_site_gen.symmetry 
_struct_site_gen.details 
1 AC1 9 TRP A 54  ? TRP A 81  . ? 1_555 ? 
2 AC1 9 PHE A 56  ? PHE A 83  . ? 1_555 ? 
3 AC1 9 VAL A 60  ? VAL A 87  . ? 1_555 ? 
4 AC1 9 LEU A 67  ? LEU A 94  . ? 1_555 ? 
5 AC1 9 ASP A 69  ? ASP A 96  . ? 4_555 ? 
6 AC1 9 LYS A 72  ? LYS A 99  . ? 4_555 ? 
7 AC1 9 TYR A 112 ? TYR A 139 . ? 1_555 ? 
8 AC1 9 ASN A 113 ? ASN A 140 . ? 1_555 ? 
9 AC1 9 HOH C .   ? HOH A 301 . ? 1_555 ? 
# 
loop_
_pdbx_validate_torsion.id 
_pdbx_validate_torsion.PDB_model_num 
_pdbx_validate_torsion.auth_comp_id 
_pdbx_validate_torsion.auth_asym_id 
_pdbx_validate_torsion.auth_seq_id 
_pdbx_validate_torsion.PDB_ins_code 
_pdbx_validate_torsion.label_alt_id 
_pdbx_validate_torsion.phi 
_pdbx_validate_torsion.psi 
1 1 HIS A 37  ? ? 71.38   37.05  
2 1 ASN A 52  ? ? -161.57 105.36 
3 1 VAL A 69  ? ? -107.72 -71.26 
4 1 LEU A 94  ? ? -119.05 56.10  
5 1 GLU A 163 ? ? -97.76  46.30  
# 
loop_
_pdbx_unobs_or_zero_occ_residues.id 
_pdbx_unobs_or_zero_occ_residues.PDB_model_num 
_pdbx_unobs_or_zero_occ_residues.polymer_flag 
_pdbx_unobs_or_zero_occ_residues.occupancy_flag 
_pdbx_unobs_or_zero_occ_residues.auth_asym_id 
_pdbx_unobs_or_zero_occ_residues.auth_comp_id 
_pdbx_unobs_or_zero_occ_residues.auth_seq_id 
_pdbx_unobs_or_zero_occ_residues.PDB_ins_code 
_pdbx_unobs_or_zero_occ_residues.label_asym_id 
_pdbx_unobs_or_zero_occ_residues.label_comp_id 
_pdbx_unobs_or_zero_occ_residues.label_seq_id 
1 1 Y 1 A MET 28  ? A MET 1   
2 1 Y 1 A LYS 29  ? A LYS 2   
3 1 Y 1 A LYS 30  ? A LYS 3   
4 1 Y 1 A GLY 31  ? A GLY 4   
5 1 Y 1 A HIS 32  ? A HIS 5   
6 1 Y 1 A THR 166 ? A THR 139 
7 1 Y 1 A GLU 167 ? A GLU 140 
8 1 Y 1 A GLU 168 ? A GLU 141 
# 
loop_
_chem_comp_atom.comp_id 
_chem_comp_atom.atom_id 
_chem_comp_atom.type_symbol 
_chem_comp_atom.pdbx_aromatic_flag 
_chem_comp_atom.pdbx_stereo_config 
_chem_comp_atom.pdbx_ordinal 
ALA N    N N N 1   
ALA CA   C N S 2   
ALA C    C N N 3   
ALA O    O N N 4   
ALA CB   C N N 5   
ALA OXT  O N N 6   
ALA H    H N N 7   
ALA H2   H N N 8   
ALA HA   H N N 9   
ALA HB1  H N N 10  
ALA HB2  H N N 11  
ALA HB3  H N N 12  
ALA HXT  H N N 13  
ARG N    N N N 14  
ARG CA   C N S 15  
ARG C    C N N 16  
ARG O    O N N 17  
ARG CB   C N N 18  
ARG CG   C N N 19  
ARG CD   C N N 20  
ARG NE   N N N 21  
ARG CZ   C N N 22  
ARG NH1  N N N 23  
ARG NH2  N N N 24  
ARG OXT  O N N 25  
ARG H    H N N 26  
ARG H2   H N N 27  
ARG HA   H N N 28  
ARG HB2  H N N 29  
ARG HB3  H N N 30  
ARG HG2  H N N 31  
ARG HG3  H N N 32  
ARG HD2  H N N 33  
ARG HD3  H N N 34  
ARG HE   H N N 35  
ARG HH11 H N N 36  
ARG HH12 H N N 37  
ARG HH21 H N N 38  
ARG HH22 H N N 39  
ARG HXT  H N N 40  
ASN N    N N N 41  
ASN CA   C N S 42  
ASN C    C N N 43  
ASN O    O N N 44  
ASN CB   C N N 45  
ASN CG   C N N 46  
ASN OD1  O N N 47  
ASN ND2  N N N 48  
ASN OXT  O N N 49  
ASN H    H N N 50  
ASN H2   H N N 51  
ASN HA   H N N 52  
ASN HB2  H N N 53  
ASN HB3  H N N 54  
ASN HD21 H N N 55  
ASN HD22 H N N 56  
ASN HXT  H N N 57  
ASP N    N N N 58  
ASP CA   C N S 59  
ASP C    C N N 60  
ASP O    O N N 61  
ASP CB   C N N 62  
ASP CG   C N N 63  
ASP OD1  O N N 64  
ASP OD2  O N N 65  
ASP OXT  O N N 66  
ASP H    H N N 67  
ASP H2   H N N 68  
ASP HA   H N N 69  
ASP HB2  H N N 70  
ASP HB3  H N N 71  
ASP HD2  H N N 72  
ASP HXT  H N N 73  
CYS N    N N N 74  
CYS CA   C N R 75  
CYS C    C N N 76  
CYS O    O N N 77  
CYS CB   C N N 78  
CYS SG   S N N 79  
CYS OXT  O N N 80  
CYS H    H N N 81  
CYS H2   H N N 82  
CYS HA   H N N 83  
CYS HB2  H N N 84  
CYS HB3  H N N 85  
CYS HG   H N N 86  
CYS HXT  H N N 87  
EB9 CAO  C N N 88  
EB9 CAN  C N N 89  
EB9 NAK  N N N 90  
EB9 CAL  C N N 91  
EB9 OAM  O N N 92  
EB9 CAJ  C Y N 93  
EB9 CAI  C Y N 94  
EB9 CAH  C Y N 95  
EB9 CAG  C Y N 96  
EB9 CAD  C Y N 97  
EB9 CAE  C Y N 98  
EB9 CAF  C Y N 99  
EB9 CAA  C Y N 100 
EB9 CAB  C Y N 101 
EB9 CAC  C Y N 102 
EB9 NAP  N N N 103 
EB9 SAQ  S N N 104 
EB9 OAS  O N N 105 
EB9 OAT  O N N 106 
EB9 CAR  C Y N 107 
EB9 CAU  C Y N 108 
EB9 CAV  C Y N 109 
EB9 CAW  C Y N 110 
EB9 CAX  C Y N 111 
EB9 CAY  C Y N 112 
EB9 H1   H N N 113 
EB9 H2   H N N 114 
EB9 H3   H N N 115 
EB9 H4   H N N 116 
EB9 H5   H N N 117 
EB9 H6   H N N 118 
EB9 H7   H N N 119 
EB9 H8   H N N 120 
EB9 H9   H N N 121 
EB9 H10  H N N 122 
EB9 H11  H N N 123 
EB9 H12  H N N 124 
EB9 H13  H N N 125 
EB9 H14  H N N 126 
EB9 H15  H N N 127 
EB9 H16  H N N 128 
GLN N    N N N 129 
GLN CA   C N S 130 
GLN C    C N N 131 
GLN O    O N N 132 
GLN CB   C N N 133 
GLN CG   C N N 134 
GLN CD   C N N 135 
GLN OE1  O N N 136 
GLN NE2  N N N 137 
GLN OXT  O N N 138 
GLN H    H N N 139 
GLN H2   H N N 140 
GLN HA   H N N 141 
GLN HB2  H N N 142 
GLN HB3  H N N 143 
GLN HG2  H N N 144 
GLN HG3  H N N 145 
GLN HE21 H N N 146 
GLN HE22 H N N 147 
GLN HXT  H N N 148 
GLU N    N N N 149 
GLU CA   C N S 150 
GLU C    C N N 151 
GLU O    O N N 152 
GLU CB   C N N 153 
GLU CG   C N N 154 
GLU CD   C N N 155 
GLU OE1  O N N 156 
GLU OE2  O N N 157 
GLU OXT  O N N 158 
GLU H    H N N 159 
GLU H2   H N N 160 
GLU HA   H N N 161 
GLU HB2  H N N 162 
GLU HB3  H N N 163 
GLU HG2  H N N 164 
GLU HG3  H N N 165 
GLU HE2  H N N 166 
GLU HXT  H N N 167 
GLY N    N N N 168 
GLY CA   C N N 169 
GLY C    C N N 170 
GLY O    O N N 171 
GLY OXT  O N N 172 
GLY H    H N N 173 
GLY H2   H N N 174 
GLY HA2  H N N 175 
GLY HA3  H N N 176 
GLY HXT  H N N 177 
HIS N    N N N 178 
HIS CA   C N S 179 
HIS C    C N N 180 
HIS O    O N N 181 
HIS CB   C N N 182 
HIS CG   C Y N 183 
HIS ND1  N Y N 184 
HIS CD2  C Y N 185 
HIS CE1  C Y N 186 
HIS NE2  N Y N 187 
HIS OXT  O N N 188 
HIS H    H N N 189 
HIS H2   H N N 190 
HIS HA   H N N 191 
HIS HB2  H N N 192 
HIS HB3  H N N 193 
HIS HD1  H N N 194 
HIS HD2  H N N 195 
HIS HE1  H N N 196 
HIS HE2  H N N 197 
HIS HXT  H N N 198 
HOH O    O N N 199 
HOH H1   H N N 200 
HOH H2   H N N 201 
ILE N    N N N 202 
ILE CA   C N S 203 
ILE C    C N N 204 
ILE O    O N N 205 
ILE CB   C N S 206 
ILE CG1  C N N 207 
ILE CG2  C N N 208 
ILE CD1  C N N 209 
ILE OXT  O N N 210 
ILE H    H N N 211 
ILE H2   H N N 212 
ILE HA   H N N 213 
ILE HB   H N N 214 
ILE HG12 H N N 215 
ILE HG13 H N N 216 
ILE HG21 H N N 217 
ILE HG22 H N N 218 
ILE HG23 H N N 219 
ILE HD11 H N N 220 
ILE HD12 H N N 221 
ILE HD13 H N N 222 
ILE HXT  H N N 223 
LEU N    N N N 224 
LEU CA   C N S 225 
LEU C    C N N 226 
LEU O    O N N 227 
LEU CB   C N N 228 
LEU CG   C N N 229 
LEU CD1  C N N 230 
LEU CD2  C N N 231 
LEU OXT  O N N 232 
LEU H    H N N 233 
LEU H2   H N N 234 
LEU HA   H N N 235 
LEU HB2  H N N 236 
LEU HB3  H N N 237 
LEU HG   H N N 238 
LEU HD11 H N N 239 
LEU HD12 H N N 240 
LEU HD13 H N N 241 
LEU HD21 H N N 242 
LEU HD22 H N N 243 
LEU HD23 H N N 244 
LEU HXT  H N N 245 
LYS N    N N N 246 
LYS CA   C N S 247 
LYS C    C N N 248 
LYS O    O N N 249 
LYS CB   C N N 250 
LYS CG   C N N 251 
LYS CD   C N N 252 
LYS CE   C N N 253 
LYS NZ   N N N 254 
LYS OXT  O N N 255 
LYS H    H N N 256 
LYS H2   H N N 257 
LYS HA   H N N 258 
LYS HB2  H N N 259 
LYS HB3  H N N 260 
LYS HG2  H N N 261 
LYS HG3  H N N 262 
LYS HD2  H N N 263 
LYS HD3  H N N 264 
LYS HE2  H N N 265 
LYS HE3  H N N 266 
LYS HZ1  H N N 267 
LYS HZ2  H N N 268 
LYS HZ3  H N N 269 
LYS HXT  H N N 270 
MET N    N N N 271 
MET CA   C N S 272 
MET C    C N N 273 
MET O    O N N 274 
MET CB   C N N 275 
MET CG   C N N 276 
MET SD   S N N 277 
MET CE   C N N 278 
MET OXT  O N N 279 
MET H    H N N 280 
MET H2   H N N 281 
MET HA   H N N 282 
MET HB2  H N N 283 
MET HB3  H N N 284 
MET HG2  H N N 285 
MET HG3  H N N 286 
MET HE1  H N N 287 
MET HE2  H N N 288 
MET HE3  H N N 289 
MET HXT  H N N 290 
PHE N    N N N 291 
PHE CA   C N S 292 
PHE C    C N N 293 
PHE O    O N N 294 
PHE CB   C N N 295 
PHE CG   C Y N 296 
PHE CD1  C Y N 297 
PHE CD2  C Y N 298 
PHE CE1  C Y N 299 
PHE CE2  C Y N 300 
PHE CZ   C Y N 301 
PHE OXT  O N N 302 
PHE H    H N N 303 
PHE H2   H N N 304 
PHE HA   H N N 305 
PHE HB2  H N N 306 
PHE HB3  H N N 307 
PHE HD1  H N N 308 
PHE HD2  H N N 309 
PHE HE1  H N N 310 
PHE HE2  H N N 311 
PHE HZ   H N N 312 
PHE HXT  H N N 313 
PRO N    N N N 314 
PRO CA   C N S 315 
PRO C    C N N 316 
PRO O    O N N 317 
PRO CB   C N N 318 
PRO CG   C N N 319 
PRO CD   C N N 320 
PRO OXT  O N N 321 
PRO H    H N N 322 
PRO HA   H N N 323 
PRO HB2  H N N 324 
PRO HB3  H N N 325 
PRO HG2  H N N 326 
PRO HG3  H N N 327 
PRO HD2  H N N 328 
PRO HD3  H N N 329 
PRO HXT  H N N 330 
SER N    N N N 331 
SER CA   C N S 332 
SER C    C N N 333 
SER O    O N N 334 
SER CB   C N N 335 
SER OG   O N N 336 
SER OXT  O N N 337 
SER H    H N N 338 
SER H2   H N N 339 
SER HA   H N N 340 
SER HB2  H N N 341 
SER HB3  H N N 342 
SER HG   H N N 343 
SER HXT  H N N 344 
THR N    N N N 345 
THR CA   C N S 346 
THR C    C N N 347 
THR O    O N N 348 
THR CB   C N R 349 
THR OG1  O N N 350 
THR CG2  C N N 351 
THR OXT  O N N 352 
THR H    H N N 353 
THR H2   H N N 354 
THR HA   H N N 355 
THR HB   H N N 356 
THR HG1  H N N 357 
THR HG21 H N N 358 
THR HG22 H N N 359 
THR HG23 H N N 360 
THR HXT  H N N 361 
TRP N    N N N 362 
TRP CA   C N S 363 
TRP C    C N N 364 
TRP O    O N N 365 
TRP CB   C N N 366 
TRP CG   C Y N 367 
TRP CD1  C Y N 368 
TRP CD2  C Y N 369 
TRP NE1  N Y N 370 
TRP CE2  C Y N 371 
TRP CE3  C Y N 372 
TRP CZ2  C Y N 373 
TRP CZ3  C Y N 374 
TRP CH2  C Y N 375 
TRP OXT  O N N 376 
TRP H    H N N 377 
TRP H2   H N N 378 
TRP HA   H N N 379 
TRP HB2  H N N 380 
TRP HB3  H N N 381 
TRP HD1  H N N 382 
TRP HE1  H N N 383 
TRP HE3  H N N 384 
TRP HZ2  H N N 385 
TRP HZ3  H N N 386 
TRP HH2  H N N 387 
TRP HXT  H N N 388 
TYR N    N N N 389 
TYR CA   C N S 390 
TYR C    C N N 391 
TYR O    O N N 392 
TYR CB   C N N 393 
TYR CG   C Y N 394 
TYR CD1  C Y N 395 
TYR CD2  C Y N 396 
TYR CE1  C Y N 397 
TYR CE2  C Y N 398 
TYR CZ   C Y N 399 
TYR OH   O N N 400 
TYR OXT  O N N 401 
TYR H    H N N 402 
TYR H2   H N N 403 
TYR HA   H N N 404 
TYR HB2  H N N 405 
TYR HB3  H N N 406 
TYR HD1  H N N 407 
TYR HD2  H N N 408 
TYR HE1  H N N 409 
TYR HE2  H N N 410 
TYR HH   H N N 411 
TYR HXT  H N N 412 
VAL N    N N N 413 
VAL CA   C N S 414 
VAL C    C N N 415 
VAL O    O N N 416 
VAL CB   C N N 417 
VAL CG1  C N N 418 
VAL CG2  C N N 419 
VAL OXT  O N N 420 
VAL H    H N N 421 
VAL H2   H N N 422 
VAL HA   H N N 423 
VAL HB   H N N 424 
VAL HG11 H N N 425 
VAL HG12 H N N 426 
VAL HG13 H N N 427 
VAL HG21 H N N 428 
VAL HG22 H N N 429 
VAL HG23 H N N 430 
VAL HXT  H N N 431 
# 
loop_
_chem_comp_bond.comp_id 
_chem_comp_bond.atom_id_1 
_chem_comp_bond.atom_id_2 
_chem_comp_bond.value_order 
_chem_comp_bond.pdbx_aromatic_flag 
_chem_comp_bond.pdbx_stereo_config 
_chem_comp_bond.pdbx_ordinal 
ALA N   CA   sing N N 1   
ALA N   H    sing N N 2   
ALA N   H2   sing N N 3   
ALA CA  C    sing N N 4   
ALA CA  CB   sing N N 5   
ALA CA  HA   sing N N 6   
ALA C   O    doub N N 7   
ALA C   OXT  sing N N 8   
ALA CB  HB1  sing N N 9   
ALA CB  HB2  sing N N 10  
ALA CB  HB3  sing N N 11  
ALA OXT HXT  sing N N 12  
ARG N   CA   sing N N 13  
ARG N   H    sing N N 14  
ARG N   H2   sing N N 15  
ARG CA  C    sing N N 16  
ARG CA  CB   sing N N 17  
ARG CA  HA   sing N N 18  
ARG C   O    doub N N 19  
ARG C   OXT  sing N N 20  
ARG CB  CG   sing N N 21  
ARG CB  HB2  sing N N 22  
ARG CB  HB3  sing N N 23  
ARG CG  CD   sing N N 24  
ARG CG  HG2  sing N N 25  
ARG CG  HG3  sing N N 26  
ARG CD  NE   sing N N 27  
ARG CD  HD2  sing N N 28  
ARG CD  HD3  sing N N 29  
ARG NE  CZ   sing N N 30  
ARG NE  HE   sing N N 31  
ARG CZ  NH1  sing N N 32  
ARG CZ  NH2  doub N N 33  
ARG NH1 HH11 sing N N 34  
ARG NH1 HH12 sing N N 35  
ARG NH2 HH21 sing N N 36  
ARG NH2 HH22 sing N N 37  
ARG OXT HXT  sing N N 38  
ASN N   CA   sing N N 39  
ASN N   H    sing N N 40  
ASN N   H2   sing N N 41  
ASN CA  C    sing N N 42  
ASN CA  CB   sing N N 43  
ASN CA  HA   sing N N 44  
ASN C   O    doub N N 45  
ASN C   OXT  sing N N 46  
ASN CB  CG   sing N N 47  
ASN CB  HB2  sing N N 48  
ASN CB  HB3  sing N N 49  
ASN CG  OD1  doub N N 50  
ASN CG  ND2  sing N N 51  
ASN ND2 HD21 sing N N 52  
ASN ND2 HD22 sing N N 53  
ASN OXT HXT  sing N N 54  
ASP N   CA   sing N N 55  
ASP N   H    sing N N 56  
ASP N   H2   sing N N 57  
ASP CA  C    sing N N 58  
ASP CA  CB   sing N N 59  
ASP CA  HA   sing N N 60  
ASP C   O    doub N N 61  
ASP C   OXT  sing N N 62  
ASP CB  CG   sing N N 63  
ASP CB  HB2  sing N N 64  
ASP CB  HB3  sing N N 65  
ASP CG  OD1  doub N N 66  
ASP CG  OD2  sing N N 67  
ASP OD2 HD2  sing N N 68  
ASP OXT HXT  sing N N 69  
CYS N   CA   sing N N 70  
CYS N   H    sing N N 71  
CYS N   H2   sing N N 72  
CYS CA  C    sing N N 73  
CYS CA  CB   sing N N 74  
CYS CA  HA   sing N N 75  
CYS C   O    doub N N 76  
CYS C   OXT  sing N N 77  
CYS CB  SG   sing N N 78  
CYS CB  HB2  sing N N 79  
CYS CB  HB3  sing N N 80  
CYS SG  HG   sing N N 81  
CYS OXT HXT  sing N N 82  
EB9 CAW CAV  doub Y N 83  
EB9 CAW CAX  sing Y N 84  
EB9 CAV CAU  sing Y N 85  
EB9 CAX CAY  doub Y N 86  
EB9 CAU CAR  doub Y N 87  
EB9 CAY CAR  sing Y N 88  
EB9 CAR SAQ  sing N N 89  
EB9 OAT SAQ  doub N N 90  
EB9 CAH CAG  doub Y N 91  
EB9 CAH CAI  sing Y N 92  
EB9 CAG CAD  sing Y N 93  
EB9 SAQ NAP  sing N N 94  
EB9 SAQ OAS  doub N N 95  
EB9 CAI CAJ  doub Y N 96  
EB9 NAP CAC  sing N N 97  
EB9 CAD CAC  doub Y N 98  
EB9 CAD CAE  sing Y N 99  
EB9 CAC CAB  sing Y N 100 
EB9 CAJ CAE  sing Y N 101 
EB9 CAJ CAL  sing N N 102 
EB9 CAE CAF  doub Y N 103 
EB9 CAL OAM  doub N N 104 
EB9 CAL NAK  sing N N 105 
EB9 CAB CAA  doub Y N 106 
EB9 CAF CAA  sing Y N 107 
EB9 CAF NAK  sing N N 108 
EB9 NAK CAN  sing N N 109 
EB9 CAO CAN  sing N N 110 
EB9 CAO H1   sing N N 111 
EB9 CAO H2   sing N N 112 
EB9 CAO H3   sing N N 113 
EB9 CAN H4   sing N N 114 
EB9 CAN H5   sing N N 115 
EB9 CAI H6   sing N N 116 
EB9 CAH H7   sing N N 117 
EB9 CAG H8   sing N N 118 
EB9 CAA H9   sing N N 119 
EB9 CAB H10  sing N N 120 
EB9 NAP H11  sing N N 121 
EB9 CAU H12  sing N N 122 
EB9 CAV H13  sing N N 123 
EB9 CAW H14  sing N N 124 
EB9 CAX H15  sing N N 125 
EB9 CAY H16  sing N N 126 
GLN N   CA   sing N N 127 
GLN N   H    sing N N 128 
GLN N   H2   sing N N 129 
GLN CA  C    sing N N 130 
GLN CA  CB   sing N N 131 
GLN CA  HA   sing N N 132 
GLN C   O    doub N N 133 
GLN C   OXT  sing N N 134 
GLN CB  CG   sing N N 135 
GLN CB  HB2  sing N N 136 
GLN CB  HB3  sing N N 137 
GLN CG  CD   sing N N 138 
GLN CG  HG2  sing N N 139 
GLN CG  HG3  sing N N 140 
GLN CD  OE1  doub N N 141 
GLN CD  NE2  sing N N 142 
GLN NE2 HE21 sing N N 143 
GLN NE2 HE22 sing N N 144 
GLN OXT HXT  sing N N 145 
GLU N   CA   sing N N 146 
GLU N   H    sing N N 147 
GLU N   H2   sing N N 148 
GLU CA  C    sing N N 149 
GLU CA  CB   sing N N 150 
GLU CA  HA   sing N N 151 
GLU C   O    doub N N 152 
GLU C   OXT  sing N N 153 
GLU CB  CG   sing N N 154 
GLU CB  HB2  sing N N 155 
GLU CB  HB3  sing N N 156 
GLU CG  CD   sing N N 157 
GLU CG  HG2  sing N N 158 
GLU CG  HG3  sing N N 159 
GLU CD  OE1  doub N N 160 
GLU CD  OE2  sing N N 161 
GLU OE2 HE2  sing N N 162 
GLU OXT HXT  sing N N 163 
GLY N   CA   sing N N 164 
GLY N   H    sing N N 165 
GLY N   H2   sing N N 166 
GLY CA  C    sing N N 167 
GLY CA  HA2  sing N N 168 
GLY CA  HA3  sing N N 169 
GLY C   O    doub N N 170 
GLY C   OXT  sing N N 171 
GLY OXT HXT  sing N N 172 
HIS N   CA   sing N N 173 
HIS N   H    sing N N 174 
HIS N   H2   sing N N 175 
HIS CA  C    sing N N 176 
HIS CA  CB   sing N N 177 
HIS CA  HA   sing N N 178 
HIS C   O    doub N N 179 
HIS C   OXT  sing N N 180 
HIS CB  CG   sing N N 181 
HIS CB  HB2  sing N N 182 
HIS CB  HB3  sing N N 183 
HIS CG  ND1  sing Y N 184 
HIS CG  CD2  doub Y N 185 
HIS ND1 CE1  doub Y N 186 
HIS ND1 HD1  sing N N 187 
HIS CD2 NE2  sing Y N 188 
HIS CD2 HD2  sing N N 189 
HIS CE1 NE2  sing Y N 190 
HIS CE1 HE1  sing N N 191 
HIS NE2 HE2  sing N N 192 
HIS OXT HXT  sing N N 193 
HOH O   H1   sing N N 194 
HOH O   H2   sing N N 195 
ILE N   CA   sing N N 196 
ILE N   H    sing N N 197 
ILE N   H2   sing N N 198 
ILE CA  C    sing N N 199 
ILE CA  CB   sing N N 200 
ILE CA  HA   sing N N 201 
ILE C   O    doub N N 202 
ILE C   OXT  sing N N 203 
ILE CB  CG1  sing N N 204 
ILE CB  CG2  sing N N 205 
ILE CB  HB   sing N N 206 
ILE CG1 CD1  sing N N 207 
ILE CG1 HG12 sing N N 208 
ILE CG1 HG13 sing N N 209 
ILE CG2 HG21 sing N N 210 
ILE CG2 HG22 sing N N 211 
ILE CG2 HG23 sing N N 212 
ILE CD1 HD11 sing N N 213 
ILE CD1 HD12 sing N N 214 
ILE CD1 HD13 sing N N 215 
ILE OXT HXT  sing N N 216 
LEU N   CA   sing N N 217 
LEU N   H    sing N N 218 
LEU N   H2   sing N N 219 
LEU CA  C    sing N N 220 
LEU CA  CB   sing N N 221 
LEU CA  HA   sing N N 222 
LEU C   O    doub N N 223 
LEU C   OXT  sing N N 224 
LEU CB  CG   sing N N 225 
LEU CB  HB2  sing N N 226 
LEU CB  HB3  sing N N 227 
LEU CG  CD1  sing N N 228 
LEU CG  CD2  sing N N 229 
LEU CG  HG   sing N N 230 
LEU CD1 HD11 sing N N 231 
LEU CD1 HD12 sing N N 232 
LEU CD1 HD13 sing N N 233 
LEU CD2 HD21 sing N N 234 
LEU CD2 HD22 sing N N 235 
LEU CD2 HD23 sing N N 236 
LEU OXT HXT  sing N N 237 
LYS N   CA   sing N N 238 
LYS N   H    sing N N 239 
LYS N   H2   sing N N 240 
LYS CA  C    sing N N 241 
LYS CA  CB   sing N N 242 
LYS CA  HA   sing N N 243 
LYS C   O    doub N N 244 
LYS C   OXT  sing N N 245 
LYS CB  CG   sing N N 246 
LYS CB  HB2  sing N N 247 
LYS CB  HB3  sing N N 248 
LYS CG  CD   sing N N 249 
LYS CG  HG2  sing N N 250 
LYS CG  HG3  sing N N 251 
LYS CD  CE   sing N N 252 
LYS CD  HD2  sing N N 253 
LYS CD  HD3  sing N N 254 
LYS CE  NZ   sing N N 255 
LYS CE  HE2  sing N N 256 
LYS CE  HE3  sing N N 257 
LYS NZ  HZ1  sing N N 258 
LYS NZ  HZ2  sing N N 259 
LYS NZ  HZ3  sing N N 260 
LYS OXT HXT  sing N N 261 
MET N   CA   sing N N 262 
MET N   H    sing N N 263 
MET N   H2   sing N N 264 
MET CA  C    sing N N 265 
MET CA  CB   sing N N 266 
MET CA  HA   sing N N 267 
MET C   O    doub N N 268 
MET C   OXT  sing N N 269 
MET CB  CG   sing N N 270 
MET CB  HB2  sing N N 271 
MET CB  HB3  sing N N 272 
MET CG  SD   sing N N 273 
MET CG  HG2  sing N N 274 
MET CG  HG3  sing N N 275 
MET SD  CE   sing N N 276 
MET CE  HE1  sing N N 277 
MET CE  HE2  sing N N 278 
MET CE  HE3  sing N N 279 
MET OXT HXT  sing N N 280 
PHE N   CA   sing N N 281 
PHE N   H    sing N N 282 
PHE N   H2   sing N N 283 
PHE CA  C    sing N N 284 
PHE CA  CB   sing N N 285 
PHE CA  HA   sing N N 286 
PHE C   O    doub N N 287 
PHE C   OXT  sing N N 288 
PHE CB  CG   sing N N 289 
PHE CB  HB2  sing N N 290 
PHE CB  HB3  sing N N 291 
PHE CG  CD1  doub Y N 292 
PHE CG  CD2  sing Y N 293 
PHE CD1 CE1  sing Y N 294 
PHE CD1 HD1  sing N N 295 
PHE CD2 CE2  doub Y N 296 
PHE CD2 HD2  sing N N 297 
PHE CE1 CZ   doub Y N 298 
PHE CE1 HE1  sing N N 299 
PHE CE2 CZ   sing Y N 300 
PHE CE2 HE2  sing N N 301 
PHE CZ  HZ   sing N N 302 
PHE OXT HXT  sing N N 303 
PRO N   CA   sing N N 304 
PRO N   CD   sing N N 305 
PRO N   H    sing N N 306 
PRO CA  C    sing N N 307 
PRO CA  CB   sing N N 308 
PRO CA  HA   sing N N 309 
PRO C   O    doub N N 310 
PRO C   OXT  sing N N 311 
PRO CB  CG   sing N N 312 
PRO CB  HB2  sing N N 313 
PRO CB  HB3  sing N N 314 
PRO CG  CD   sing N N 315 
PRO CG  HG2  sing N N 316 
PRO CG  HG3  sing N N 317 
PRO CD  HD2  sing N N 318 
PRO CD  HD3  sing N N 319 
PRO OXT HXT  sing N N 320 
SER N   CA   sing N N 321 
SER N   H    sing N N 322 
SER N   H2   sing N N 323 
SER CA  C    sing N N 324 
SER CA  CB   sing N N 325 
SER CA  HA   sing N N 326 
SER C   O    doub N N 327 
SER C   OXT  sing N N 328 
SER CB  OG   sing N N 329 
SER CB  HB2  sing N N 330 
SER CB  HB3  sing N N 331 
SER OG  HG   sing N N 332 
SER OXT HXT  sing N N 333 
THR N   CA   sing N N 334 
THR N   H    sing N N 335 
THR N   H2   sing N N 336 
THR CA  C    sing N N 337 
THR CA  CB   sing N N 338 
THR CA  HA   sing N N 339 
THR C   O    doub N N 340 
THR C   OXT  sing N N 341 
THR CB  OG1  sing N N 342 
THR CB  CG2  sing N N 343 
THR CB  HB   sing N N 344 
THR OG1 HG1  sing N N 345 
THR CG2 HG21 sing N N 346 
THR CG2 HG22 sing N N 347 
THR CG2 HG23 sing N N 348 
THR OXT HXT  sing N N 349 
TRP N   CA   sing N N 350 
TRP N   H    sing N N 351 
TRP N   H2   sing N N 352 
TRP CA  C    sing N N 353 
TRP CA  CB   sing N N 354 
TRP CA  HA   sing N N 355 
TRP C   O    doub N N 356 
TRP C   OXT  sing N N 357 
TRP CB  CG   sing N N 358 
TRP CB  HB2  sing N N 359 
TRP CB  HB3  sing N N 360 
TRP CG  CD1  doub Y N 361 
TRP CG  CD2  sing Y N 362 
TRP CD1 NE1  sing Y N 363 
TRP CD1 HD1  sing N N 364 
TRP CD2 CE2  doub Y N 365 
TRP CD2 CE3  sing Y N 366 
TRP NE1 CE2  sing Y N 367 
TRP NE1 HE1  sing N N 368 
TRP CE2 CZ2  sing Y N 369 
TRP CE3 CZ3  doub Y N 370 
TRP CE3 HE3  sing N N 371 
TRP CZ2 CH2  doub Y N 372 
TRP CZ2 HZ2  sing N N 373 
TRP CZ3 CH2  sing Y N 374 
TRP CZ3 HZ3  sing N N 375 
TRP CH2 HH2  sing N N 376 
TRP OXT HXT  sing N N 377 
TYR N   CA   sing N N 378 
TYR N   H    sing N N 379 
TYR N   H2   sing N N 380 
TYR CA  C    sing N N 381 
TYR CA  CB   sing N N 382 
TYR CA  HA   sing N N 383 
TYR C   O    doub N N 384 
TYR C   OXT  sing N N 385 
TYR CB  CG   sing N N 386 
TYR CB  HB2  sing N N 387 
TYR CB  HB3  sing N N 388 
TYR CG  CD1  doub Y N 389 
TYR CG  CD2  sing Y N 390 
TYR CD1 CE1  sing Y N 391 
TYR CD1 HD1  sing N N 392 
TYR CD2 CE2  doub Y N 393 
TYR CD2 HD2  sing N N 394 
TYR CE1 CZ   doub Y N 395 
TYR CE1 HE1  sing N N 396 
TYR CE2 CZ   sing Y N 397 
TYR CE2 HE2  sing N N 398 
TYR CZ  OH   sing N N 399 
TYR OH  HH   sing N N 400 
TYR OXT HXT  sing N N 401 
VAL N   CA   sing N N 402 
VAL N   H    sing N N 403 
VAL N   H2   sing N N 404 
VAL CA  C    sing N N 405 
VAL CA  CB   sing N N 406 
VAL CA  HA   sing N N 407 
VAL C   O    doub N N 408 
VAL C   OXT  sing N N 409 
VAL CB  CG1  sing N N 410 
VAL CB  CG2  sing N N 411 
VAL CB  HB   sing N N 412 
VAL CG1 HG11 sing N N 413 
VAL CG1 HG12 sing N N 414 
VAL CG1 HG13 sing N N 415 
VAL CG2 HG21 sing N N 416 
VAL CG2 HG22 sing N N 417 
VAL CG2 HG23 sing N N 418 
VAL OXT HXT  sing N N 419 
# 
_atom_sites.entry_id                    5CTL 
_atom_sites.fract_transf_matrix[1][1]   -0.02662728 
_atom_sites.fract_transf_matrix[1][2]   -0.01048919 
_atom_sites.fract_transf_matrix[1][3]   0.00378505 
_atom_sites.fract_transf_matrix[2][1]   0.00790787 
_atom_sites.fract_transf_matrix[2][2]   -0.01952971 
_atom_sites.fract_transf_matrix[2][3]   0.00150970 
_atom_sites.fract_transf_matrix[3][1]   0.00122180 
_atom_sites.fract_transf_matrix[3][2]   0.00147517 
_atom_sites.fract_transf_matrix[3][3]   0.01268318 
_atom_sites.fract_transf_vector[1]      -0.338456 
_atom_sites.fract_transf_vector[2]      -0.005665 
_atom_sites.fract_transf_vector[3]      0.106231 
# 
loop_
_atom_type.symbol 
C 
N 
O 
S 
# 
loop_
_atom_site.group_PDB 
_atom_site.id 
_atom_site.type_symbol 
_atom_site.label_atom_id 
_atom_site.label_alt_id 
_atom_site.label_comp_id 
_atom_site.label_asym_id 
_atom_site.label_entity_id 
_atom_site.label_seq_id 
_atom_site.pdbx_PDB_ins_code 
_atom_site.Cartn_x 
_atom_site.Cartn_y 
_atom_site.Cartn_z 
_atom_site.occupancy 
_atom_site.B_iso_or_equiv 
_atom_site.pdbx_formal_charge 
_atom_site.auth_seq_id 
_atom_site.auth_comp_id 
_atom_site.auth_asym_id 
_atom_site.auth_atom_id 
_atom_site.pdbx_PDB_model_num 
ATOM   1    N N   . HIS A 1 6   ? 29.606  -33.569 0.463   1.00 76.87  ? 33  HIS A N   1 
ATOM   2    C CA  . HIS A 1 6   ? 28.755  -33.212 1.640   1.00 79.49  ? 33  HIS A CA  1 
ATOM   3    C C   . HIS A 1 6   ? 27.267  -33.174 1.251   1.00 79.15  ? 33  HIS A C   1 
ATOM   4    O O   . HIS A 1 6   ? 26.921  -32.814 0.117   1.00 76.70  ? 33  HIS A O   1 
ATOM   5    C CB  . HIS A 1 6   ? 29.207  -31.866 2.231   1.00 81.86  ? 33  HIS A CB  1 
ATOM   6    C CG  . HIS A 1 6   ? 28.755  -31.635 3.641   1.00 83.58  ? 33  HIS A CG  1 
ATOM   7    N ND1 . HIS A 1 6   ? 28.098  -30.489 4.033   1.00 85.18  ? 33  HIS A ND1 1 
ATOM   8    C CD2 . HIS A 1 6   ? 28.866  -32.403 4.752   1.00 85.64  ? 33  HIS A CD2 1 
ATOM   9    C CE1 . HIS A 1 6   ? 27.826  -30.558 5.325   1.00 84.42  ? 33  HIS A CE1 1 
ATOM   10   N NE2 . HIS A 1 6   ? 28.279  -31.711 5.784   1.00 84.81  ? 33  HIS A NE2 1 
ATOM   11   N N   . HIS A 1 7   ? 26.405  -33.547 2.201   1.00 76.26  ? 34  HIS A N   1 
ATOM   12   C CA  . HIS A 1 7   ? 24.957  -33.702 1.972   1.00 72.99  ? 34  HIS A CA  1 
ATOM   13   C C   . HIS A 1 7   ? 24.093  -32.523 2.471   1.00 78.19  ? 34  HIS A C   1 
ATOM   14   O O   . HIS A 1 7   ? 22.860  -32.633 2.549   1.00 74.36  ? 34  HIS A O   1 
ATOM   15   C CB  . HIS A 1 7   ? 24.487  -35.005 2.617   1.00 71.00  ? 34  HIS A CB  1 
ATOM   16   C CG  . HIS A 1 7   ? 25.235  -36.212 2.146   1.00 69.65  ? 34  HIS A CG  1 
ATOM   17   N ND1 . HIS A 1 7   ? 26.046  -36.956 2.975   1.00 70.81  ? 34  HIS A ND1 1 
ATOM   18   C CD2 . HIS A 1 7   ? 25.307  -36.798 0.928   1.00 70.00  ? 34  HIS A CD2 1 
ATOM   19   C CE1 . HIS A 1 7   ? 26.579  -37.954 2.291   1.00 70.88  ? 34  HIS A CE1 1 
ATOM   20   N NE2 . HIS A 1 7   ? 26.143  -37.884 1.047   1.00 69.62  ? 34  HIS A NE2 1 
ATOM   21   N N   . HIS A 1 8   ? 24.742  -31.406 2.808   1.00 84.84  ? 35  HIS A N   1 
ATOM   22   C CA  . HIS A 1 8   ? 24.064  -30.138 3.074   1.00 90.93  ? 35  HIS A CA  1 
ATOM   23   C C   . HIS A 1 8   ? 23.936  -29.440 1.717   1.00 86.98  ? 35  HIS A C   1 
ATOM   24   O O   . HIS A 1 8   ? 24.923  -28.911 1.197   1.00 89.79  ? 35  HIS A O   1 
ATOM   25   C CB  . HIS A 1 8   ? 24.892  -29.315 4.083   1.00 99.03  ? 35  HIS A CB  1 
ATOM   26   C CG  . HIS A 1 8   ? 24.197  -28.104 4.641   1.00 107.80 ? 35  HIS A CG  1 
ATOM   27   N ND1 . HIS A 1 8   ? 22.832  -28.029 4.831   1.00 109.97 ? 35  HIS A ND1 1 
ATOM   28   C CD2 . HIS A 1 8   ? 24.703  -26.934 5.106   1.00 111.82 ? 35  HIS A CD2 1 
ATOM   29   C CE1 . HIS A 1 8   ? 22.526  -26.856 5.359   1.00 113.66 ? 35  HIS A CE1 1 
ATOM   30   N NE2 . HIS A 1 8   ? 23.644  -26.175 5.537   1.00 114.19 ? 35  HIS A NE2 1 
ATOM   31   N N   . HIS A 1 9   ? 22.735  -29.490 1.131   1.00 80.31  ? 36  HIS A N   1 
ATOM   32   C CA  . HIS A 1 9   ? 22.456  -28.883 -0.188  1.00 75.47  ? 36  HIS A CA  1 
ATOM   33   C C   . HIS A 1 9   ? 21.799  -27.494 -0.130  1.00 72.35  ? 36  HIS A C   1 
ATOM   34   O O   . HIS A 1 9   ? 21.620  -26.878 -1.181  1.00 76.05  ? 36  HIS A O   1 
ATOM   35   C CB  . HIS A 1 9   ? 21.587  -29.817 -1.050  1.00 73.00  ? 36  HIS A CB  1 
ATOM   36   C CG  . HIS A 1 9   ? 22.267  -31.094 -1.439  1.00 71.50  ? 36  HIS A CG  1 
ATOM   37   N ND1 . HIS A 1 9   ? 21.580  -32.186 -1.927  1.00 69.53  ? 36  HIS A ND1 1 
ATOM   38   C CD2 . HIS A 1 9   ? 23.573  -31.456 -1.406  1.00 68.11  ? 36  HIS A CD2 1 
ATOM   39   C CE1 . HIS A 1 9   ? 22.430  -33.161 -2.185  1.00 67.64  ? 36  HIS A CE1 1 
ATOM   40   N NE2 . HIS A 1 9   ? 23.646  -32.746 -1.873  1.00 69.02  ? 36  HIS A NE2 1 
ATOM   41   N N   . HIS A 1 10  ? 21.443  -27.023 1.075   1.00 68.64  ? 37  HIS A N   1 
ATOM   42   C CA  . HIS A 1 10  ? 20.890  -25.658 1.341   1.00 67.98  ? 37  HIS A CA  1 
ATOM   43   C C   . HIS A 1 10  ? 19.437  -25.409 0.842   1.00 67.27  ? 37  HIS A C   1 
ATOM   44   O O   . HIS A 1 10  ? 19.096  -24.297 0.399   1.00 57.79  ? 37  HIS A O   1 
ATOM   45   C CB  . HIS A 1 10  ? 21.856  -24.555 0.865   1.00 68.16  ? 37  HIS A CB  1 
ATOM   46   C CG  . HIS A 1 10  ? 23.292  -24.830 1.199   1.00 71.30  ? 37  HIS A CG  1 
ATOM   47   N ND1 . HIS A 1 10  ? 24.195  -25.301 0.269   1.00 73.05  ? 37  HIS A ND1 1 
ATOM   48   C CD2 . HIS A 1 10  ? 23.971  -24.734 2.367   1.00 75.28  ? 37  HIS A CD2 1 
ATOM   49   C CE1 . HIS A 1 10  ? 25.371  -25.471 0.845   1.00 76.58  ? 37  HIS A CE1 1 
ATOM   50   N NE2 . HIS A 1 10  ? 25.263  -25.136 2.119   1.00 78.95  ? 37  HIS A NE2 1 
ATOM   51   N N   . LEU A 1 11  ? 18.604  -26.457 0.962   1.00 68.75  ? 38  LEU A N   1 
ATOM   52   C CA  . LEU A 1 11  ? 17.155  -26.429 0.657   1.00 64.46  ? 38  LEU A CA  1 
ATOM   53   C C   . LEU A 1 11  ? 16.328  -25.889 1.822   1.00 64.38  ? 38  LEU A C   1 
ATOM   54   O O   . LEU A 1 11  ? 15.145  -25.584 1.661   1.00 61.50  ? 38  LEU A O   1 
ATOM   55   C CB  . LEU A 1 11  ? 16.657  -27.832 0.300   1.00 60.89  ? 38  LEU A CB  1 
ATOM   56   C CG  . LEU A 1 11  ? 17.193  -28.356 -1.024  1.00 59.58  ? 38  LEU A CG  1 
ATOM   57   C CD1 . LEU A 1 11  ? 16.930  -29.851 -1.125  1.00 58.47  ? 38  LEU A CD1 1 
ATOM   58   C CD2 . LEU A 1 11  ? 16.586  -27.575 -2.190  1.00 58.73  ? 38  LEU A CD2 1 
ATOM   59   N N   . VAL A 1 12  ? 16.952  -25.848 2.997   1.00 67.11  ? 39  VAL A N   1 
ATOM   60   C CA  . VAL A 1 12  ? 16.565  -24.957 4.100   1.00 71.99  ? 39  VAL A CA  1 
ATOM   61   C C   . VAL A 1 12  ? 17.830  -24.122 4.451   1.00 76.77  ? 39  VAL A C   1 
ATOM   62   O O   . VAL A 1 12  ? 18.953  -24.554 4.134   1.00 80.93  ? 39  VAL A O   1 
ATOM   63   C CB  . VAL A 1 12  ? 16.019  -25.731 5.339   1.00 67.94  ? 39  VAL A CB  1 
ATOM   64   C CG1 . VAL A 1 12  ? 14.550  -26.083 5.166   1.00 65.14  ? 39  VAL A CG1 1 
ATOM   65   C CG2 . VAL A 1 12  ? 16.828  -26.983 5.621   1.00 69.28  ? 39  VAL A CG2 1 
ATOM   66   N N   . PRO A 1 13  ? 17.697  -22.950 5.088   1.00 75.64  ? 40  PRO A N   1 
ATOM   67   C CA  . PRO A 1 13  ? 16.446  -22.370 5.579   1.00 75.09  ? 40  PRO A CA  1 
ATOM   68   C C   . PRO A 1 13  ? 15.654  -21.674 4.470   1.00 75.49  ? 40  PRO A C   1 
ATOM   69   O O   . PRO A 1 13  ? 16.226  -21.306 3.429   1.00 78.59  ? 40  PRO A O   1 
ATOM   70   C CB  . PRO A 1 13  ? 16.929  -21.362 6.624   1.00 72.93  ? 40  PRO A CB  1 
ATOM   71   C CG  . PRO A 1 13  ? 18.355  -21.062 6.249   1.00 74.95  ? 40  PRO A CG  1 
ATOM   72   C CD  . PRO A 1 13  ? 18.778  -21.958 5.127   1.00 75.99  ? 40  PRO A CD  1 
ATOM   73   N N   . ARG A 1 14  ? 14.352  -21.501 4.703   1.00 69.58  ? 41  ARG A N   1 
ATOM   74   C CA  . ARG A 1 14  ? 13.422  -21.100 3.649   1.00 64.38  ? 41  ARG A CA  1 
ATOM   75   C C   . ARG A 1 14  ? 13.297  -19.583 3.542   1.00 60.10  ? 41  ARG A C   1 
ATOM   76   O O   . ARG A 1 14  ? 13.630  -18.851 4.476   1.00 53.45  ? 41  ARG A O   1 
ATOM   77   C CB  . ARG A 1 14  ? 12.035  -21.702 3.901   1.00 64.29  ? 41  ARG A CB  1 
ATOM   78   C CG  . ARG A 1 14  ? 11.974  -23.227 3.996   1.00 64.57  ? 41  ARG A CG  1 
ATOM   79   C CD  . ARG A 1 14  ? 12.371  -23.960 2.720   1.00 62.86  ? 41  ARG A CD  1 
ATOM   80   N NE  . ARG A 1 14  ? 11.690  -23.471 1.520   1.00 61.45  ? 41  ARG A NE  1 
ATOM   81   C CZ  . ARG A 1 14  ? 11.865  -23.973 0.296   1.00 61.94  ? 41  ARG A CZ  1 
ATOM   82   N NH1 . ARG A 1 14  ? 11.215  -23.428 -0.722  1.00 62.99  ? 41  ARG A NH1 1 
ATOM   83   N NH2 . ARG A 1 14  ? 12.685  -25.010 0.069   1.00 60.50  ? 41  ARG A NH2 1 
ATOM   84   N N   . GLY A 1 15  ? 12.804  -19.132 2.386   1.00 56.85  ? 42  GLY A N   1 
ATOM   85   C CA  . GLY A 1 15  ? 12.411  -17.742 2.177   1.00 51.27  ? 42  GLY A CA  1 
ATOM   86   C C   . GLY A 1 15  ? 11.173  -17.382 2.975   1.00 47.84  ? 42  GLY A C   1 
ATOM   87   O O   . GLY A 1 15  ? 10.563  -18.232 3.621   1.00 47.32  ? 42  GLY A O   1 
ATOM   88   N N   . SER A 1 16  ? 10.810  -16.106 2.947   1.00 44.84  ? 43  SER A N   1 
ATOM   89   C CA  . SER A 1 16  ? 9.631   -15.622 3.662   1.00 42.63  ? 43  SER A CA  1 
ATOM   90   C C   . SER A 1 16  ? 9.343   -14.162 3.325   1.00 39.95  ? 43  SER A C   1 
ATOM   91   O O   . SER A 1 16  ? 10.122  -13.469 2.637   1.00 37.26  ? 43  SER A O   1 
ATOM   92   C CB  . SER A 1 16  ? 9.765   -15.821 5.194   1.00 46.10  ? 43  SER A CB  1 
ATOM   93   O OG  . SER A 1 16  ? 11.117  -15.680 5.649   1.00 49.59  ? 43  SER A OG  1 
ATOM   94   N N   . ASN A 1 17  ? 8.179   -13.727 3.800   1.00 38.92  ? 44  ASN A N   1 
ATOM   95   C CA  . ASN A 1 17  ? 7.739   -12.331 3.701   1.00 35.02  ? 44  ASN A CA  1 
ATOM   96   C C   . ASN A 1 17  ? 8.136   -11.572 4.956   1.00 32.57  ? 44  ASN A C   1 
ATOM   97   O O   . ASN A 1 17  ? 8.059   -12.138 6.045   1.00 31.30  ? 44  ASN A O   1 
ATOM   98   C CB  . ASN A 1 17  ? 6.222   -12.274 3.543   1.00 32.36  ? 44  ASN A CB  1 
ATOM   99   C CG  . ASN A 1 17  ? 5.767   -12.849 2.233   1.00 30.65  ? 44  ASN A CG  1 
ATOM   100  O OD1 . ASN A 1 17  ? 6.017   -12.266 1.181   1.00 29.13  ? 44  ASN A OD1 1 
ATOM   101  N ND2 . ASN A 1 17  ? 5.100   -13.994 2.279   1.00 30.45  ? 44  ASN A ND2 1 
ATOM   102  N N   . PRO A 1 18  ? 8.507   -10.276 4.818   1.00 30.17  ? 45  PRO A N   1 
ATOM   103  C CA  . PRO A 1 18  ? 8.808   -9.534  6.014   1.00 30.33  ? 45  PRO A CA  1 
ATOM   104  C C   . PRO A 1 18  ? 7.548   -9.407  6.864   1.00 31.52  ? 45  PRO A C   1 
ATOM   105  O O   . PRO A 1 18  ? 6.451   -9.836  6.435   1.00 32.52  ? 45  PRO A O   1 
ATOM   106  C CB  . PRO A 1 18  ? 9.221   -8.165  5.474   1.00 29.58  ? 45  PRO A CB  1 
ATOM   107  C CG  . PRO A 1 18  ? 8.393   -8.006  4.270   1.00 28.80  ? 45  PRO A CG  1 
ATOM   108  C CD  . PRO A 1 18  ? 8.329   -9.375  3.665   1.00 29.16  ? 45  PRO A CD  1 
ATOM   109  N N   . PRO A 1 19  ? 7.686   -8.846  8.074   1.00 31.60  ? 46  PRO A N   1 
ATOM   110  C CA  . PRO A 1 19  ? 6.452   -8.487  8.760   1.00 31.70  ? 46  PRO A CA  1 
ATOM   111  C C   . PRO A 1 19  ? 5.753   -7.308  8.030   1.00 30.37  ? 46  PRO A C   1 
ATOM   112  O O   . PRO A 1 19  ? 6.436   -6.391  7.548   1.00 31.96  ? 46  PRO A O   1 
ATOM   113  C CB  . PRO A 1 19  ? 6.921   -8.124  10.173  1.00 32.33  ? 46  PRO A CB  1 
ATOM   114  C CG  . PRO A 1 19  ? 8.400   -7.988  10.112  1.00 31.62  ? 46  PRO A CG  1 
ATOM   115  C CD  . PRO A 1 19  ? 8.877   -8.755  8.935   1.00 31.14  ? 46  PRO A CD  1 
ATOM   116  N N   . PRO A 1 20  ? 4.414   -7.342  7.914   1.00 28.10  ? 47  PRO A N   1 
ATOM   117  C CA  . PRO A 1 20  ? 3.726   -6.251  7.226   1.00 26.99  ? 47  PRO A CA  1 
ATOM   118  C C   . PRO A 1 20  ? 3.869   -4.930  7.971   1.00 26.06  ? 47  PRO A C   1 
ATOM   119  O O   . PRO A 1 20  ? 4.312   -4.940  9.126   1.00 25.63  ? 47  PRO A O   1 
ATOM   120  C CB  . PRO A 1 20  ? 2.259   -6.695  7.241   1.00 27.02  ? 47  PRO A CB  1 
ATOM   121  C CG  . PRO A 1 20  ? 2.161   -7.573  8.430   1.00 27.01  ? 47  PRO A CG  1 
ATOM   122  C CD  . PRO A 1 20  ? 3.455   -8.331  8.431   1.00 28.01  ? 47  PRO A CD  1 
ATOM   123  N N   . PRO A 1 21  ? 3.501   -3.804  7.324   1.00 24.13  ? 48  PRO A N   1 
ATOM   124  C CA  . PRO A 1 21  ? 3.540   -2.550  8.059   1.00 23.49  ? 48  PRO A CA  1 
ATOM   125  C C   . PRO A 1 21  ? 2.551   -2.436  9.233   1.00 24.69  ? 48  PRO A C   1 
ATOM   126  O O   . PRO A 1 21  ? 1.494   -3.058  9.237   1.00 23.75  ? 48  PRO A O   1 
ATOM   127  C CB  . PRO A 1 21  ? 3.264   -1.504  6.974   1.00 23.15  ? 48  PRO A CB  1 
ATOM   128  C CG  . PRO A 1 21  ? 3.794   -2.119  5.726   1.00 22.93  ? 48  PRO A CG  1 
ATOM   129  C CD  . PRO A 1 21  ? 3.494   -3.580  5.861   1.00 23.51  ? 48  PRO A CD  1 
ATOM   130  N N   . GLU A 1 22  ? 2.944   -1.651  10.233  1.00 27.37  ? 49  GLU A N   1 
ATOM   131  C CA  . GLU A 1 22  ? 2.148   -1.479  11.450  1.00 29.16  ? 49  GLU A CA  1 
ATOM   132  C C   . GLU A 1 22  ? 0.933   -0.635  11.184  1.00 26.53  ? 49  GLU A C   1 
ATOM   133  O O   . GLU A 1 22  ? 0.975   0.325   10.422  1.00 25.85  ? 49  GLU A O   1 
ATOM   134  C CB  . GLU A 1 22  ? 2.960   -0.866  12.604  1.00 32.83  ? 49  GLU A CB  1 
ATOM   135  C CG  . GLU A 1 22  ? 3.796   0.374   12.260  1.00 36.47  ? 49  GLU A CG  1 
ATOM   136  C CD  . GLU A 1 22  ? 4.138   1.250   13.467  1.00 39.03  ? 49  GLU A CD  1 
ATOM   137  O OE1 . GLU A 1 22  ? 4.739   2.336   13.274  1.00 36.70  ? 49  GLU A OE1 1 
ATOM   138  O OE2 . GLU A 1 22  ? 3.790   0.862   14.611  1.00 42.97  ? 49  GLU A OE2 1 
ATOM   139  N N   . THR A 1 23  ? -0.149  -1.011  11.826  1.00 24.97  ? 50  THR A N   1 
ATOM   140  C CA  . THR A 1 23  ? -1.415  -0.333  11.659  1.00 25.57  ? 50  THR A CA  1 
ATOM   141  C C   . THR A 1 23  ? -1.878  0.279   12.974  1.00 26.02  ? 50  THR A C   1 
ATOM   142  O O   . THR A 1 23  ? -3.003  0.818   13.080  1.00 24.75  ? 50  THR A O   1 
ATOM   143  C CB  . THR A 1 23  ? -2.434  -1.342  11.131  1.00 24.88  ? 50  THR A CB  1 
ATOM   144  O OG1 . THR A 1 23  ? -2.423  -2.470  11.987  1.00 25.70  ? 50  THR A OG1 1 
ATOM   145  C CG2 . THR A 1 23  ? -2.035  -1.817  9.749   1.00 23.83  ? 50  THR A CG2 1 
ATOM   146  N N   . SER A 1 24  ? -0.978  0.207   13.966  1.00 26.72  ? 51  SER A N   1 
ATOM   147  C CA  . SER A 1 24  ? -1.223  0.695   15.313  1.00 25.81  ? 51  SER A CA  1 
ATOM   148  C C   . SER A 1 24  ? 0.119   0.975   15.973  1.00 23.53  ? 51  SER A C   1 
ATOM   149  O O   . SER A 1 24  ? 1.090   0.290   15.767  1.00 22.07  ? 51  SER A O   1 
ATOM   150  C CB  . SER A 1 24  ? -2.059  -0.301  16.138  1.00 26.63  ? 51  SER A CB  1 
ATOM   151  O OG  . SER A 1 24  ? -1.239  -1.257  16.802  1.00 27.67  ? 51  SER A OG  1 
ATOM   152  N N   . ASN A 1 25  ? 0.141   2.032   16.750  1.00 25.16  ? 52  ASN A N   1 
ATOM   153  C CA  . ASN A 1 25  ? 1.312   2.472   17.491  1.00 25.11  ? 52  ASN A CA  1 
ATOM   154  C C   . ASN A 1 25  ? 0.818   3.417   18.600  1.00 25.36  ? 52  ASN A C   1 
ATOM   155  O O   . ASN A 1 25  ? 0.427   4.557   18.305  1.00 24.66  ? 52  ASN A O   1 
ATOM   156  C CB  . ASN A 1 25  ? 2.295   3.193   16.580  1.00 24.68  ? 52  ASN A CB  1 
ATOM   157  C CG  . ASN A 1 25  ? 3.594   3.517   17.274  1.00 24.14  ? 52  ASN A CG  1 
ATOM   158  O OD1 . ASN A 1 25  ? 3.713   3.405   18.490  1.00 23.65  ? 52  ASN A OD1 1 
ATOM   159  N ND2 . ASN A 1 25  ? 4.590   3.913   16.492  1.00 24.93  ? 52  ASN A ND2 1 
ATOM   160  N N   . PRO A 1 26  ? 0.805   2.934   19.866  1.00 25.45  ? 53  PRO A N   1 
ATOM   161  C CA  . PRO A 1 26  ? 0.266   3.763   20.956  1.00 26.33  ? 53  PRO A CA  1 
ATOM   162  C C   . PRO A 1 26  ? 0.977   5.106   21.216  1.00 26.72  ? 53  PRO A C   1 
ATOM   163  O O   . PRO A 1 26  ? 0.302   6.098   21.520  1.00 27.65  ? 53  PRO A O   1 
ATOM   164  C CB  . PRO A 1 26  ? 0.345   2.828   22.179  1.00 25.48  ? 53  PRO A CB  1 
ATOM   165  C CG  . PRO A 1 26  ? 0.278   1.457   21.601  1.00 25.11  ? 53  PRO A CG  1 
ATOM   166  C CD  . PRO A 1 26  ? 1.040   1.544   20.314  1.00 24.93  ? 53  PRO A CD  1 
ATOM   167  N N   . ASN A 1 27  ? 2.301   5.139   21.082  1.00 26.27  ? 54  ASN A N   1 
ATOM   168  C CA  . ASN A 1 27  ? 3.063   6.346   21.336  1.00 26.67  ? 54  ASN A CA  1 
ATOM   169  C C   . ASN A 1 27  ? 3.200   7.277   20.113  1.00 26.58  ? 54  ASN A C   1 
ATOM   170  O O   . ASN A 1 27  ? 3.869   8.308   20.201  1.00 27.38  ? 54  ASN A O   1 
ATOM   171  C CB  . ASN A 1 27  ? 4.448   5.982   21.893  1.00 28.07  ? 54  ASN A CB  1 
ATOM   172  C CG  . ASN A 1 27  ? 4.385   5.264   23.234  1.00 29.46  ? 54  ASN A CG  1 
ATOM   173  O OD1 . ASN A 1 27  ? 3.522   5.534   24.074  1.00 33.51  ? 54  ASN A OD1 1 
ATOM   174  N ND2 . ASN A 1 27  ? 5.315   4.363   23.450  1.00 30.23  ? 54  ASN A ND2 1 
ATOM   175  N N   . LYS A 1 28  ? 2.581   6.937   18.984  1.00 26.67  ? 55  LYS A N   1 
ATOM   176  C CA  . LYS A 1 28  ? 2.547   7.834   17.822  1.00 26.64  ? 55  LYS A CA  1 
ATOM   177  C C   . LYS A 1 28  ? 1.414   8.899   17.992  1.00 26.97  ? 55  LYS A C   1 
ATOM   178  O O   . LYS A 1 28  ? 0.310   8.549   18.442  1.00 26.52  ? 55  LYS A O   1 
ATOM   179  C CB  . LYS A 1 28  ? 2.337   7.009   16.543  1.00 27.58  ? 55  LYS A CB  1 
ATOM   180  C CG  . LYS A 1 28  ? 2.640   7.747   15.230  1.00 27.56  ? 55  LYS A CG  1 
ATOM   181  C CD  . LYS A 1 28  ? 1.901   7.144   14.045  1.00 26.61  ? 55  LYS A CD  1 
ATOM   182  C CE  . LYS A 1 28  ? 1.899   8.091   12.858  1.00 26.49  ? 55  LYS A CE  1 
ATOM   183  N NZ  . LYS A 1 28  ? 0.903   9.190   12.963  1.00 26.19  ? 55  LYS A NZ  1 
ATOM   184  N N   . PRO A 1 29  ? 1.684   10.199  17.654  1.00 26.82  ? 56  PRO A N   1 
ATOM   185  C CA  . PRO A 1 29  ? 0.626   11.215  17.724  1.00 26.43  ? 56  PRO A CA  1 
ATOM   186  C C   . PRO A 1 29  ? -0.461  10.984  16.689  1.00 27.58  ? 56  PRO A C   1 
ATOM   187  O O   . PRO A 1 29  ? -0.175  10.645  15.572  1.00 29.10  ? 56  PRO A O   1 
ATOM   188  C CB  . PRO A 1 29  ? 1.367   12.520  17.439  1.00 25.87  ? 56  PRO A CB  1 
ATOM   189  C CG  . PRO A 1 29  ? 2.785   12.241  17.771  1.00 26.29  ? 56  PRO A CG  1 
ATOM   190  C CD  . PRO A 1 29  ? 2.998   10.821  17.384  1.00 26.38  ? 56  PRO A CD  1 
ATOM   191  N N   . LYS A 1 30  ? -1.702  11.193  17.068  1.00 30.06  ? 57  LYS A N   1 
ATOM   192  C CA  . LYS A 1 30  ? -2.827  10.886  16.228  1.00 30.98  ? 57  LYS A CA  1 
ATOM   193  C C   . LYS A 1 30  ? -3.872  11.978  16.349  1.00 32.03  ? 57  LYS A C   1 
ATOM   194  O O   . LYS A 1 30  ? -3.948  12.657  17.366  1.00 32.27  ? 57  LYS A O   1 
ATOM   195  C CB  . LYS A 1 30  ? -3.448  9.593   16.722  1.00 32.59  ? 57  LYS A CB  1 
ATOM   196  C CG  . LYS A 1 30  ? -2.609  8.358   16.481  1.00 33.63  ? 57  LYS A CG  1 
ATOM   197  C CD  . LYS A 1 30  ? -3.240  7.132   17.130  1.00 33.77  ? 57  LYS A CD  1 
ATOM   198  C CE  . LYS A 1 30  ? -2.180  6.147   17.582  1.00 34.68  ? 57  LYS A CE  1 
ATOM   199  N NZ  . LYS A 1 30  ? -1.471  6.631   18.800  1.00 36.22  ? 57  LYS A NZ  1 
ATOM   200  N N   . ARG A 1 31  ? -4.681  12.126  15.305  1.00 32.85  ? 58  ARG A N   1 
ATOM   201  C CA  . ARG A 1 31  ? -5.889  12.923  15.355  1.00 33.33  ? 58  ARG A CA  1 
ATOM   202  C C   . ARG A 1 31  ? -6.909  12.351  14.401  1.00 35.77  ? 58  ARG A C   1 
ATOM   203  O O   . ARG A 1 31  ? -6.594  11.514  13.545  1.00 38.39  ? 58  ARG A O   1 
ATOM   204  C CB  . ARG A 1 31  ? -5.629  14.353  14.905  1.00 33.66  ? 58  ARG A CB  1 
ATOM   205  C CG  . ARG A 1 31  ? -4.450  15.046  15.552  1.00 33.29  ? 58  ARG A CG  1 
ATOM   206  C CD  . ARG A 1 31  ? -4.431  16.520  15.213  1.00 32.89  ? 58  ARG A CD  1 
ATOM   207  N NE  . ARG A 1 31  ? -3.949  16.760  13.857  1.00 32.92  ? 58  ARG A NE  1 
ATOM   208  C CZ  . ARG A 1 31  ? -3.692  17.962  13.346  1.00 33.66  ? 58  ARG A CZ  1 
ATOM   209  N NH1 . ARG A 1 31  ? -3.868  19.073  14.058  1.00 34.49  ? 58  ARG A NH1 1 
ATOM   210  N NH2 . ARG A 1 31  ? -3.245  18.060  12.102  1.00 34.11  ? 58  ARG A NH2 1 
ATOM   211  N N   . GLN A 1 32  ? -8.138  12.805  14.585  1.00 36.70  ? 59  GLN A N   1 
ATOM   212  C CA  . GLN A 1 32  ? -9.124  12.840  13.535  1.00 37.89  ? 59  GLN A CA  1 
ATOM   213  C C   . GLN A 1 32  ? -9.128  14.277  13.034  1.00 36.36  ? 59  GLN A C   1 
ATOM   214  O O   . GLN A 1 32  ? -9.018  15.227  13.808  1.00 39.25  ? 59  GLN A O   1 
ATOM   215  C CB  . GLN A 1 32  ? -10.504 12.439  14.055  1.00 40.54  ? 59  GLN A CB  1 
ATOM   216  C CG  . GLN A 1 32  ? -10.501 11.106  14.804  1.00 43.11  ? 59  GLN A CG  1 
ATOM   217  C CD  . GLN A 1 32  ? -11.808 10.316  14.697  1.00 46.21  ? 59  GLN A CD  1 
ATOM   218  O OE1 . GLN A 1 32  ? -12.556 10.410  13.714  1.00 47.35  ? 59  GLN A OE1 1 
ATOM   219  N NE2 . GLN A 1 32  ? -12.068 9.501   15.704  1.00 48.48  ? 59  GLN A NE2 1 
ATOM   220  N N   . THR A 1 33  ? -9.173  14.427  11.723  1.00 34.31  ? 60  THR A N   1 
ATOM   221  C CA  . THR A 1 33  ? -9.331  15.715  11.087  1.00 31.81  ? 60  THR A CA  1 
ATOM   222  C C   . THR A 1 33  ? -10.403 15.452  10.065  1.00 32.12  ? 60  THR A C   1 
ATOM   223  O O   . THR A 1 33  ? -10.764 14.297  9.830   1.00 31.12  ? 60  THR A O   1 
ATOM   224  C CB  . THR A 1 33  ? -7.999  16.254  10.481  1.00 30.34  ? 60  THR A CB  1 
ATOM   225  O OG1 . THR A 1 33  ? -7.575  15.472  9.362   1.00 28.59  ? 60  THR A OG1 1 
ATOM   226  C CG2 . THR A 1 33  ? -6.893  16.235  11.527  1.00 29.71  ? 60  THR A CG2 1 
ATOM   227  N N   . ASN A 1 34  ? -10.941 16.511  9.487   1.00 34.57  ? 61  ASN A N   1 
ATOM   228  C CA  . ASN A 1 34  ? -11.939 16.367  8.435   1.00 35.79  ? 61  ASN A CA  1 
ATOM   229  C C   . ASN A 1 34  ? -11.309 15.873  7.143   1.00 34.19  ? 61  ASN A C   1 
ATOM   230  O O   . ASN A 1 34  ? -11.930 15.125  6.421   1.00 34.63  ? 61  ASN A O   1 
ATOM   231  C CB  . ASN A 1 34  ? -12.725 17.667  8.240   1.00 38.72  ? 61  ASN A CB  1 
ATOM   232  C CG  . ASN A 1 34  ? -13.675 17.945  9.406   1.00 43.48  ? 61  ASN A CG  1 
ATOM   233  O OD1 . ASN A 1 34  ? -14.215 17.014  10.028  1.00 47.72  ? 61  ASN A OD1 1 
ATOM   234  N ND2 . ASN A 1 34  ? -13.876 19.225  9.719   1.00 44.27  ? 61  ASN A ND2 1 
ATOM   235  N N   . GLN A 1 35  ? -10.066 16.253  6.868   1.00 32.98  ? 62  GLN A N   1 
ATOM   236  C CA  . GLN A 1 35  ? -9.377  15.740  5.683   1.00 31.86  ? 62  GLN A CA  1 
ATOM   237  C C   . GLN A 1 35  ? -9.202  14.212  5.775   1.00 31.09  ? 62  GLN A C   1 
ATOM   238  O O   . GLN A 1 35  ? -9.481  13.480  4.814   1.00 30.47  ? 62  GLN A O   1 
ATOM   239  C CB  . GLN A 1 35  ? -8.028  16.446  5.473   1.00 31.84  ? 62  GLN A CB  1 
ATOM   240  C CG  . GLN A 1 35  ? -8.138  17.967  5.378   1.00 31.32  ? 62  GLN A CG  1 
ATOM   241  C CD  . GLN A 1 35  ? -6.967  18.609  4.652   1.00 31.22  ? 62  GLN A CD  1 
ATOM   242  O OE1 . GLN A 1 35  ? -5.807  18.346  4.949   1.00 32.99  ? 62  GLN A OE1 1 
ATOM   243  N NE2 . GLN A 1 35  ? -7.269  19.461  3.706   1.00 32.08  ? 62  GLN A NE2 1 
ATOM   244  N N   . LEU A 1 36  ? -8.779  13.738  6.941   1.00 30.10  ? 63  LEU A N   1 
ATOM   245  C CA  . LEU A 1 36  ? -8.543  12.307  7.147   1.00 30.04  ? 63  LEU A CA  1 
ATOM   246  C C   . LEU A 1 36  ? -9.810  11.456  7.135   1.00 32.67  ? 63  LEU A C   1 
ATOM   247  O O   . LEU A 1 36  ? -9.753  10.281  6.748   1.00 33.25  ? 63  LEU A O   1 
ATOM   248  C CB  . LEU A 1 36  ? -7.733  12.043  8.429   1.00 27.72  ? 63  LEU A CB  1 
ATOM   249  C CG  . LEU A 1 36  ? -6.211  12.136  8.262   1.00 26.96  ? 63  LEU A CG  1 
ATOM   250  C CD1 . LEU A 1 36  ? -5.514  12.323  9.601   1.00 26.80  ? 63  LEU A CD1 1 
ATOM   251  C CD2 . LEU A 1 36  ? -5.657  10.927  7.517   1.00 26.12  ? 63  LEU A CD2 1 
ATOM   252  N N   . GLN A 1 37  ? -10.935 12.019  7.568   1.00 36.71  ? 64  GLN A N   1 
ATOM   253  C CA  . GLN A 1 37  ? -12.230 11.313  7.465   1.00 40.38  ? 64  GLN A CA  1 
ATOM   254  C C   . GLN A 1 37  ? -12.661 11.129  6.015   1.00 38.84  ? 64  GLN A C   1 
ATOM   255  O O   . GLN A 1 37  ? -13.177 10.082  5.650   1.00 37.25  ? 64  GLN A O   1 
ATOM   256  C CB  . GLN A 1 37  ? -13.342 12.058  8.193   1.00 44.02  ? 64  GLN A CB  1 
ATOM   257  C CG  . GLN A 1 37  ? -13.274 11.935  9.697   1.00 48.73  ? 64  GLN A CG  1 
ATOM   258  C CD  . GLN A 1 37  ? -14.291 12.820  10.373  1.00 53.58  ? 64  GLN A CD  1 
ATOM   259  O OE1 . GLN A 1 37  ? -15.337 13.152  9.791   1.00 56.48  ? 64  GLN A OE1 1 
ATOM   260  N NE2 . GLN A 1 37  ? -13.996 13.214  11.613  1.00 57.51  ? 64  GLN A NE2 1 
ATOM   261  N N   . TYR A 1 38  ? -12.465 12.177  5.217   1.00 38.14  ? 65  TYR A N   1 
ATOM   262  C CA  . TYR A 1 38  ? -12.744 12.150  3.791   1.00 36.57  ? 65  TYR A CA  1 
ATOM   263  C C   . TYR A 1 38  ? -11.873 11.079  3.128   1.00 35.21  ? 65  TYR A C   1 
ATOM   264  O O   . TYR A 1 38  ? -12.372 10.301  2.326   1.00 36.67  ? 65  TYR A O   1 
ATOM   265  C CB  . TYR A 1 38  ? -12.520 13.541  3.177   1.00 36.29  ? 65  TYR A CB  1 
ATOM   266  C CG  . TYR A 1 38  ? -12.971 13.681  1.741   1.00 37.63  ? 65  TYR A CG  1 
ATOM   267  C CD1 . TYR A 1 38  ? -14.311 13.867  1.432   1.00 38.78  ? 65  TYR A CD1 1 
ATOM   268  C CD2 . TYR A 1 38  ? -12.059 13.629  0.690   1.00 37.28  ? 65  TYR A CD2 1 
ATOM   269  C CE1 . TYR A 1 38  ? -14.731 14.003  0.115   1.00 40.79  ? 65  TYR A CE1 1 
ATOM   270  C CE2 . TYR A 1 38  ? -12.472 13.744  -0.629  1.00 39.19  ? 65  TYR A CE2 1 
ATOM   271  C CZ  . TYR A 1 38  ? -13.811 13.936  -0.914  1.00 40.56  ? 65  TYR A CZ  1 
ATOM   272  O OH  . TYR A 1 38  ? -14.247 14.062  -2.229  1.00 47.88  ? 65  TYR A OH  1 
ATOM   273  N N   . LEU A 1 39  ? -10.595 11.016  3.495   1.00 33.17  ? 66  LEU A N   1 
ATOM   274  C CA  . LEU A 1 39  ? -9.717  9.958   3.010   1.00 32.55  ? 66  LEU A CA  1 
ATOM   275  C C   . LEU A 1 39  ? -10.258 8.552   3.288   1.00 32.78  ? 66  LEU A C   1 
ATOM   276  O O   . LEU A 1 39  ? -10.125 7.699   2.437   1.00 35.43  ? 66  LEU A O   1 
ATOM   277  C CB  . LEU A 1 39  ? -8.278  10.095  3.555   1.00 32.83  ? 66  LEU A CB  1 
ATOM   278  C CG  . LEU A 1 39  ? -7.365  11.094  2.829   1.00 32.25  ? 66  LEU A CG  1 
ATOM   279  C CD1 . LEU A 1 39  ? -6.182  11.512  3.689   1.00 31.77  ? 66  LEU A CD1 1 
ATOM   280  C CD2 . LEU A 1 39  ? -6.883  10.497  1.520   1.00 33.07  ? 66  LEU A CD2 1 
ATOM   281  N N   . LEU A 1 40  ? -10.849 8.299   4.450   1.00 32.88  ? 67  LEU A N   1 
ATOM   282  C CA  . LEU A 1 40  ? -11.454 6.984   4.710   1.00 33.87  ? 67  LEU A CA  1 
ATOM   283  C C   . LEU A 1 40  ? -12.816 6.834   4.075   1.00 34.32  ? 67  LEU A C   1 
ATOM   284  O O   . LEU A 1 40  ? -13.087 5.836   3.446   1.00 31.61  ? 67  LEU A O   1 
ATOM   285  C CB  . LEU A 1 40  ? -11.609 6.682   6.204   1.00 34.45  ? 67  LEU A CB  1 
ATOM   286  C CG  . LEU A 1 40  ? -12.389 5.372   6.521   1.00 35.69  ? 67  LEU A CG  1 
ATOM   287  C CD1 . LEU A 1 40  ? -11.702 4.128   5.952   1.00 35.25  ? 67  LEU A CD1 1 
ATOM   288  C CD2 . LEU A 1 40  ? -12.636 5.188   8.016   1.00 35.40  ? 67  LEU A CD2 1 
ATOM   289  N N   . ARG A 1 41  ? -13.679 7.809   4.307   1.00 40.31  ? 68  ARG A N   1 
ATOM   290  C CA  . ARG A 1 41  ? -15.101 7.718   3.964   1.00 46.20  ? 68  ARG A CA  1 
ATOM   291  C C   . ARG A 1 41  ? -15.320 7.774   2.450   1.00 46.49  ? 68  ARG A C   1 
ATOM   292  O O   . ARG A 1 41  ? -16.148 7.027   1.908   1.00 47.24  ? 68  ARG A O   1 
ATOM   293  C CB  . ARG A 1 41  ? -15.876 8.831   4.687   1.00 52.57  ? 68  ARG A CB  1 
ATOM   294  C CG  . ARG A 1 41  ? -17.392 8.695   4.707   1.00 59.67  ? 68  ARG A CG  1 
ATOM   295  C CD  . ARG A 1 41  ? -18.061 9.830   5.500   1.00 64.25  ? 68  ARG A CD  1 
ATOM   296  N NE  . ARG A 1 41  ? -17.686 11.173  5.024   1.00 67.03  ? 68  ARG A NE  1 
ATOM   297  C CZ  . ARG A 1 41  ? -18.107 11.751  3.887   1.00 68.81  ? 68  ARG A CZ  1 
ATOM   298  N NH1 . ARG A 1 41  ? -17.678 12.982  3.574   1.00 69.43  ? 68  ARG A NH1 1 
ATOM   299  N NH2 . ARG A 1 41  ? -18.944 11.122  3.050   1.00 66.55  ? 68  ARG A NH2 1 
ATOM   300  N N   . VAL A 1 42  ? -14.548 8.628   1.776   1.00 43.09  ? 69  VAL A N   1 
ATOM   301  C CA  . VAL A 1 42  ? -14.669 8.838   0.341   1.00 41.03  ? 69  VAL A CA  1 
ATOM   302  C C   . VAL A 1 42  ? -13.482 8.213   -0.420  1.00 39.74  ? 69  VAL A C   1 
ATOM   303  O O   . VAL A 1 42  ? -13.670 7.187   -1.057  1.00 38.93  ? 69  VAL A O   1 
ATOM   304  C CB  . VAL A 1 42  ? -14.849 10.352  0.032   1.00 41.71  ? 69  VAL A CB  1 
ATOM   305  C CG1 . VAL A 1 42  ? -15.117 10.597  -1.456  1.00 41.19  ? 69  VAL A CG1 1 
ATOM   306  C CG2 . VAL A 1 42  ? -15.963 10.932  0.903   1.00 40.33  ? 69  VAL A CG2 1 
ATOM   307  N N   . VAL A 1 43  ? -12.273 8.795   -0.316  1.00 37.80  ? 70  VAL A N   1 
ATOM   308  C CA  . VAL A 1 43  ? -11.126 8.455   -1.203  1.00 37.01  ? 70  VAL A CA  1 
ATOM   309  C C   . VAL A 1 43  ? -10.754 6.959   -1.182  1.00 40.49  ? 70  VAL A C   1 
ATOM   310  O O   . VAL A 1 43  ? -10.812 6.270   -2.213  1.00 42.86  ? 70  VAL A O   1 
ATOM   311  C CB  . VAL A 1 43  ? -9.870  9.314   -0.888  1.00 35.15  ? 70  VAL A CB  1 
ATOM   312  C CG1 . VAL A 1 43  ? -8.618  8.826   -1.623  1.00 33.98  ? 70  VAL A CG1 1 
ATOM   313  C CG2 . VAL A 1 43  ? -10.126 10.776  -1.222  1.00 34.31  ? 70  VAL A CG2 1 
ATOM   314  N N   . LEU A 1 44  ? -10.365 6.459   -0.018  1.00 41.04  ? 71  LEU A N   1 
ATOM   315  C CA  . LEU A 1 44  ? -10.057 5.034   0.136   1.00 42.13  ? 71  LEU A CA  1 
ATOM   316  C C   . LEU A 1 44  ? -11.263 4.120   -0.213  1.00 47.53  ? 71  LEU A C   1 
ATOM   317  O O   . LEU A 1 44  ? -11.061 3.064   -0.819  1.00 50.81  ? 71  LEU A O   1 
ATOM   318  C CB  . LEU A 1 44  ? -9.518  4.758   1.551   1.00 38.78  ? 71  LEU A CB  1 
ATOM   319  C CG  . LEU A 1 44  ? -9.090  3.368   2.027   1.00 36.04  ? 71  LEU A CG  1 
ATOM   320  C CD1 . LEU A 1 44  ? -10.282 2.449   2.267   1.00 36.08  ? 71  LEU A CD1 1 
ATOM   321  C CD2 . LEU A 1 44  ? -8.088  2.759   1.070   1.00 35.85  ? 71  LEU A CD2 1 
ATOM   322  N N   . LYS A 1 45  ? -12.498 4.512   0.126   1.00 47.54  ? 72  LYS A N   1 
ATOM   323  C CA  . LYS A 1 45  ? -13.632 3.604   -0.095  1.00 48.93  ? 72  LYS A CA  1 
ATOM   324  C C   . LYS A 1 45  ? -14.118 3.542   -1.534  1.00 49.64  ? 72  LYS A C   1 
ATOM   325  O O   . LYS A 1 45  ? -14.984 2.710   -1.838  1.00 53.31  ? 72  LYS A O   1 
ATOM   326  C CB  . LYS A 1 45  ? -14.803 3.884   0.853   1.00 54.41  ? 72  LYS A CB  1 
ATOM   327  C CG  . LYS A 1 45  ? -14.744 3.068   2.148   1.00 59.00  ? 72  LYS A CG  1 
ATOM   328  C CD  . LYS A 1 45  ? -16.106 2.963   2.837   1.00 64.70  ? 72  LYS A CD  1 
ATOM   329  C CE  . LYS A 1 45  ? -15.997 2.992   4.362   1.00 66.57  ? 72  LYS A CE  1 
ATOM   330  N NZ  . LYS A 1 45  ? -14.972 2.055   4.908   1.00 66.30  ? 72  LYS A NZ  1 
ATOM   331  N N   . THR A 1 46  ? -13.575 4.394   -2.413  1.00 46.23  ? 73  THR A N   1 
ATOM   332  C CA  . THR A 1 46  ? -13.860 4.304   -3.845  1.00 44.02  ? 73  THR A CA  1 
ATOM   333  C C   . THR A 1 46  ? -12.688 3.802   -4.712  1.00 43.27  ? 73  THR A C   1 
ATOM   334  O O   . THR A 1 46  ? -12.937 3.276   -5.796  1.00 48.42  ? 73  THR A O   1 
ATOM   335  C CB  . THR A 1 46  ? -14.465 5.607   -4.424  1.00 44.43  ? 73  THR A CB  1 
ATOM   336  O OG1 . THR A 1 46  ? -13.452 6.613   -4.600  1.00 42.69  ? 73  THR A OG1 1 
ATOM   337  C CG2 . THR A 1 46  ? -15.667 6.107   -3.550  1.00 44.13  ? 73  THR A CG2 1 
ATOM   338  N N   . LEU A 1 47  ? -11.435 3.952   -4.284  1.00 38.81  ? 74  LEU A N   1 
ATOM   339  C CA  . LEU A 1 47  ? -10.372 3.163   -4.912  1.00 35.91  ? 74  LEU A CA  1 
ATOM   340  C C   . LEU A 1 47  ? -10.589 1.684   -4.592  1.00 35.27  ? 74  LEU A C   1 
ATOM   341  O O   . LEU A 1 47  ? -10.494 0.831   -5.478  1.00 35.24  ? 74  LEU A O   1 
ATOM   342  C CB  . LEU A 1 47  ? -8.988  3.603   -4.469  1.00 35.42  ? 74  LEU A CB  1 
ATOM   343  C CG  . LEU A 1 47  ? -8.629  5.051   -4.779  1.00 37.56  ? 74  LEU A CG  1 
ATOM   344  C CD1 . LEU A 1 47  ? -7.120  5.281   -4.754  1.00 38.82  ? 74  LEU A CD1 1 
ATOM   345  C CD2 . LEU A 1 47  ? -9.186  5.501   -6.118  1.00 38.68  ? 74  LEU A CD2 1 
ATOM   346  N N   . TRP A 1 48  ? -10.928 1.404   -3.336  1.00 32.81  ? 75  TRP A N   1 
ATOM   347  C CA  . TRP A 1 48  ? -11.169 0.053   -2.864  1.00 31.39  ? 75  TRP A CA  1 
ATOM   348  C C   . TRP A 1 48  ? -12.200 -0.684  -3.713  1.00 32.71  ? 75  TRP A C   1 
ATOM   349  O O   . TRP A 1 48  ? -12.089 -1.900  -3.881  1.00 35.07  ? 75  TRP A O   1 
ATOM   350  C CB  . TRP A 1 48  ? -11.589 0.060   -1.373  1.00 30.69  ? 75  TRP A CB  1 
ATOM   351  C CG  . TRP A 1 48  ? -11.567 -1.304  -0.701  1.00 28.96  ? 75  TRP A CG  1 
ATOM   352  C CD1 . TRP A 1 48  ? -12.589 -2.206  -0.643  1.00 28.57  ? 75  TRP A CD1 1 
ATOM   353  C CD2 . TRP A 1 48  ? -10.462 -1.908  -0.019  1.00 27.38  ? 75  TRP A CD2 1 
ATOM   354  N NE1 . TRP A 1 48  ? -12.182 -3.340  0.023   1.00 28.33  ? 75  TRP A NE1 1 
ATOM   355  C CE2 . TRP A 1 48  ? -10.882 -3.180  0.415   1.00 27.47  ? 75  TRP A CE2 1 
ATOM   356  C CE3 . TRP A 1 48  ? -9.156  -1.505  0.250   1.00 27.79  ? 75  TRP A CE3 1 
ATOM   357  C CZ2 . TRP A 1 48  ? -10.049 -4.040  1.124   1.00 27.68  ? 75  TRP A CZ2 1 
ATOM   358  C CZ3 . TRP A 1 48  ? -8.333  -2.353  0.943   1.00 27.80  ? 75  TRP A CZ3 1 
ATOM   359  C CH2 . TRP A 1 48  ? -8.781  -3.615  1.378   1.00 27.69  ? 75  TRP A CH2 1 
ATOM   360  N N   . LYS A 1 49  ? -13.190 0.024   -4.254  1.00 35.17  ? 76  LYS A N   1 
ATOM   361  C CA  . LYS A 1 49  ? -14.256 -0.633  -5.055  1.00 37.10  ? 76  LYS A CA  1 
ATOM   362  C C   . LYS A 1 49  ? -13.865 -0.873  -6.526  1.00 33.43  ? 76  LYS A C   1 
ATOM   363  O O   . LYS A 1 49  ? -14.337 -1.825  -7.139  1.00 31.86  ? 76  LYS A O   1 
ATOM   364  C CB  . LYS A 1 49  ? -15.581 0.124   -4.938  1.00 40.27  ? 76  LYS A CB  1 
ATOM   365  C CG  . LYS A 1 49  ? -16.325 -0.124  -3.628  1.00 43.69  ? 76  LYS A CG  1 
ATOM   366  C CD  . LYS A 1 49  ? -17.427 0.920   -3.419  1.00 48.50  ? 76  LYS A CD  1 
ATOM   367  C CE  . LYS A 1 49  ? -18.574 0.430   -2.547  1.00 50.09  ? 76  LYS A CE  1 
ATOM   368  N NZ  . LYS A 1 49  ? -18.298 0.575   -1.091  1.00 51.93  ? 76  LYS A NZ  1 
ATOM   369  N N   . HIS A 1 50  ? -12.983 -0.026  -7.059  1.00 30.95  ? 77  HIS A N   1 
ATOM   370  C CA  . HIS A 1 50  ? -12.411 -0.204  -8.400  1.00 28.75  ? 77  HIS A CA  1 
ATOM   371  C C   . HIS A 1 50  ? -11.941 -1.635  -8.670  1.00 27.67  ? 77  HIS A C   1 
ATOM   372  O O   . HIS A 1 50  ? -11.331 -2.253  -7.816  1.00 29.12  ? 77  HIS A O   1 
ATOM   373  C CB  . HIS A 1 50  ? -11.227 0.743   -8.617  1.00 27.10  ? 77  HIS A CB  1 
ATOM   374  C CG  . HIS A 1 50  ? -10.986 1.045   -10.054 1.00 26.58  ? 77  HIS A CG  1 
ATOM   375  N ND1 . HIS A 1 50  ? -10.426 0.138   -10.919 1.00 25.56  ? 77  HIS A ND1 1 
ATOM   376  C CD2 . HIS A 1 50  ? -11.304 2.120   -10.803 1.00 27.06  ? 77  HIS A CD2 1 
ATOM   377  C CE1 . HIS A 1 50  ? -10.377 0.645   -12.129 1.00 25.50  ? 77  HIS A CE1 1 
ATOM   378  N NE2 . HIS A 1 50  ? -10.905 1.851   -12.087 1.00 26.26  ? 77  HIS A NE2 1 
ATOM   379  N N   . GLN A 1 51  ? -12.217 -2.146  -9.861  1.00 28.10  ? 78  GLN A N   1 
ATOM   380  C CA  . GLN A 1 51  ? -11.778 -3.514  -10.273 1.00 28.79  ? 78  GLN A CA  1 
ATOM   381  C C   . GLN A 1 51  ? -10.231 -3.743  -10.494 1.00 27.88  ? 78  GLN A C   1 
ATOM   382  O O   . GLN A 1 51  ? -9.789  -4.870  -10.713 1.00 27.54  ? 78  GLN A O   1 
ATOM   383  C CB  . GLN A 1 51  ? -12.560 -3.964  -11.517 1.00 29.68  ? 78  GLN A CB  1 
ATOM   384  C CG  . GLN A 1 51  ? -12.597 -2.918  -12.629 1.00 31.78  ? 78  GLN A CG  1 
ATOM   385  C CD  . GLN A 1 51  ? -12.438 -3.471  -14.041 1.00 34.40  ? 78  GLN A CD  1 
ATOM   386  O OE1 . GLN A 1 51  ? -12.573 -4.676  -14.293 1.00 35.35  ? 78  GLN A OE1 1 
ATOM   387  N NE2 . GLN A 1 51  ? -12.147 -2.571  -14.985 1.00 36.43  ? 78  GLN A NE2 1 
ATOM   388  N N   . PHE A 1 52  ? -9.422  -2.698  -10.379 1.00 26.25  ? 79  PHE A N   1 
ATOM   389  C CA  . PHE A 1 52  ? -7.978  -2.771  -10.470 1.00 27.27  ? 79  PHE A CA  1 
ATOM   390  C C   . PHE A 1 52  ? -7.309  -2.639  -9.092  1.00 27.51  ? 79  PHE A C   1 
ATOM   391  O O   . PHE A 1 52  ? -6.068  -2.589  -8.997  1.00 26.53  ? 79  PHE A O   1 
ATOM   392  C CB  . PHE A 1 52  ? -7.457  -1.671  -11.387 1.00 28.20  ? 79  PHE A CB  1 
ATOM   393  C CG  . PHE A 1 52  ? -7.864  -1.806  -12.827 1.00 27.79  ? 79  PHE A CG  1 
ATOM   394  C CD1 . PHE A 1 52  ? -8.483  -2.957  -13.335 1.00 28.55  ? 79  PHE A CD1 1 
ATOM   395  C CD2 . PHE A 1 52  ? -7.553  -0.782  -13.704 1.00 28.88  ? 79  PHE A CD2 1 
ATOM   396  C CE1 . PHE A 1 52  ? -8.818  -3.052  -14.676 1.00 28.18  ? 79  PHE A CE1 1 
ATOM   397  C CE2 . PHE A 1 52  ? -7.883  -0.871  -15.048 1.00 29.28  ? 79  PHE A CE2 1 
ATOM   398  C CZ  . PHE A 1 52  ? -8.520  -2.007  -15.533 1.00 28.72  ? 79  PHE A CZ  1 
ATOM   399  N N   . ALA A 1 53  ? -8.141  -2.625  -8.043  1.00 27.73  ? 80  ALA A N   1 
ATOM   400  C CA  . ALA A 1 53  ? -7.736  -2.395  -6.663  1.00 27.32  ? 80  ALA A CA  1 
ATOM   401  C C   . ALA A 1 53  ? -7.329  -3.662  -5.939  1.00 26.99  ? 80  ALA A C   1 
ATOM   402  O O   . ALA A 1 53  ? -6.534  -3.580  -5.015  1.00 30.98  ? 80  ALA A O   1 
ATOM   403  C CB  . ALA A 1 53  ? -8.873  -1.749  -5.909  1.00 27.45  ? 80  ALA A CB  1 
ATOM   404  N N   . TRP A 1 54  ? -7.865  -4.817  -6.334  1.00 24.14  ? 81  TRP A N   1 
ATOM   405  C CA  . TRP A 1 54  ? -7.550  -6.092  -5.667  1.00 22.42  ? 81  TRP A CA  1 
ATOM   406  C C   . TRP A 1 54  ? -6.066  -6.505  -5.477  1.00 21.98  ? 81  TRP A C   1 
ATOM   407  O O   . TRP A 1 54  ? -5.759  -7.079  -4.445  1.00 21.54  ? 81  TRP A O   1 
ATOM   408  C CB  . TRP A 1 54  ? -8.356  -7.238  -6.277  1.00 22.27  ? 81  TRP A CB  1 
ATOM   409  C CG  . TRP A 1 54  ? -7.979  -7.557  -7.638  1.00 22.31  ? 81  TRP A CG  1 
ATOM   410  C CD1 . TRP A 1 54  ? -8.535  -7.082  -8.773  1.00 22.15  ? 81  TRP A CD1 1 
ATOM   411  C CD2 . TRP A 1 54  ? -6.932  -8.435  -8.037  1.00 22.23  ? 81  TRP A CD2 1 
ATOM   412  N NE1 . TRP A 1 54  ? -7.893  -7.606  -9.869  1.00 22.12  ? 81  TRP A NE1 1 
ATOM   413  C CE2 . TRP A 1 54  ? -6.908  -8.448  -9.437  1.00 21.50  ? 81  TRP A CE2 1 
ATOM   414  C CE3 . TRP A 1 54  ? -6.004  -9.211  -7.337  1.00 22.21  ? 81  TRP A CE3 1 
ATOM   415  C CZ2 . TRP A 1 54  ? -5.998  -9.202  -10.152 1.00 21.83  ? 81  TRP A CZ2 1 
ATOM   416  C CZ3 . TRP A 1 54  ? -5.116  -9.971  -8.047  1.00 21.98  ? 81  TRP A CZ3 1 
ATOM   417  C CH2 . TRP A 1 54  ? -5.116  -9.966  -9.441  1.00 21.45  ? 81  TRP A CH2 1 
ATOM   418  N N   . PRO A 1 55  ? -5.132  -6.218  -6.434  1.00 22.19  ? 82  PRO A N   1 
ATOM   419  C CA  . PRO A 1 55  ? -3.724  -6.493  -6.050  1.00 22.15  ? 82  PRO A CA  1 
ATOM   420  C C   . PRO A 1 55  ? -3.151  -5.560  -4.965  1.00 22.73  ? 82  PRO A C   1 
ATOM   421  O O   . PRO A 1 55  ? -2.131  -5.878  -4.362  1.00 24.35  ? 82  PRO A O   1 
ATOM   422  C CB  . PRO A 1 55  ? -2.957  -6.326  -7.372  1.00 21.70  ? 82  PRO A CB  1 
ATOM   423  C CG  . PRO A 1 55  ? -3.998  -6.299  -8.448  1.00 21.14  ? 82  PRO A CG  1 
ATOM   424  C CD  . PRO A 1 55  ? -5.180  -5.669  -7.802  1.00 21.78  ? 82  PRO A CD  1 
ATOM   425  N N   . PHE A 1 56  ? -3.822  -4.440  -4.721  1.00 23.01  ? 83  PHE A N   1 
ATOM   426  C CA  . PHE A 1 56  ? -3.388  -3.412  -3.790  1.00 23.66  ? 83  PHE A CA  1 
ATOM   427  C C   . PHE A 1 56  ? -4.083  -3.506  -2.420  1.00 23.64  ? 83  PHE A C   1 
ATOM   428  O O   . PHE A 1 56  ? -3.732  -2.773  -1.498  1.00 21.78  ? 83  PHE A O   1 
ATOM   429  C CB  . PHE A 1 56  ? -3.657  -2.036  -4.435  1.00 24.63  ? 83  PHE A CB  1 
ATOM   430  C CG  . PHE A 1 56  ? -2.956  -1.848  -5.774  1.00 25.23  ? 83  PHE A CG  1 
ATOM   431  C CD1 . PHE A 1 56  ? -3.531  -2.310  -6.951  1.00 24.75  ? 83  PHE A CD1 1 
ATOM   432  C CD2 . PHE A 1 56  ? -1.708  -1.228  -5.850  1.00 25.35  ? 83  PHE A CD2 1 
ATOM   433  C CE1 . PHE A 1 56  ? -2.870  -2.178  -8.163  1.00 24.59  ? 83  PHE A CE1 1 
ATOM   434  C CE2 . PHE A 1 56  ? -1.066  -1.069  -7.066  1.00 25.25  ? 83  PHE A CE2 1 
ATOM   435  C CZ  . PHE A 1 56  ? -1.646  -1.551  -8.225  1.00 24.46  ? 83  PHE A CZ  1 
ATOM   436  N N   . GLN A 1 57  ? -5.046  -4.419  -2.276  1.00 23.61  ? 84  GLN A N   1 
ATOM   437  C CA  . GLN A 1 57  ? -5.853  -4.493  -1.061  1.00 23.91  ? 84  GLN A CA  1 
ATOM   438  C C   . GLN A 1 57  ? -5.171  -5.162  0.121   1.00 24.89  ? 84  GLN A C   1 
ATOM   439  O O   . GLN A 1 57  ? -5.784  -5.273  1.182   1.00 25.34  ? 84  GLN A O   1 
ATOM   440  C CB  . GLN A 1 57  ? -7.148  -5.217  -1.348  1.00 24.22  ? 84  GLN A CB  1 
ATOM   441  C CG  . GLN A 1 57  ? -8.029  -4.451  -2.294  1.00 25.21  ? 84  GLN A CG  1 
ATOM   442  C CD  . GLN A 1 57  ? -9.324  -5.159  -2.592  1.00 26.20  ? 84  GLN A CD  1 
ATOM   443  O OE1 . GLN A 1 57  ? -9.564  -6.254  -2.112  1.00 28.50  ? 84  GLN A OE1 1 
ATOM   444  N NE2 . GLN A 1 57  ? -10.169 -4.535  -3.398  1.00 27.78  ? 84  GLN A NE2 1 
ATOM   445  N N   . GLN A 1 58  ? -3.936  -5.637  -0.063  1.00 25.37  ? 85  GLN A N   1 
ATOM   446  C CA  . GLN A 1 58  ? -3.166  -6.236  1.015   1.00 25.55  ? 85  GLN A CA  1 
ATOM   447  C C   . GLN A 1 58  ? -1.666  -6.226  0.697   1.00 25.42  ? 85  GLN A C   1 
ATOM   448  O O   . GLN A 1 58  ? -1.271  -5.925  -0.429  1.00 23.35  ? 85  GLN A O   1 
ATOM   449  C CB  . GLN A 1 58  ? -3.636  -7.661  1.281   1.00 25.69  ? 85  GLN A CB  1 
ATOM   450  C CG  . GLN A 1 58  ? -3.479  -8.598  0.111   1.00 26.22  ? 85  GLN A CG  1 
ATOM   451  C CD  . GLN A 1 58  ? -4.593  -8.439  -0.882  1.00 27.83  ? 85  GLN A CD  1 
ATOM   452  O OE1 . GLN A 1 58  ? -5.772  -8.431  -0.514  1.00 31.10  ? 85  GLN A OE1 1 
ATOM   453  N NE2 . GLN A 1 58  ? -4.238  -8.296  -2.147  1.00 27.95  ? 85  GLN A NE2 1 
ATOM   454  N N   . PRO A 1 59  ? -0.823  -6.550  1.701   1.00 25.60  ? 86  PRO A N   1 
ATOM   455  C CA  . PRO A 1 59  ? 0.620   -6.554  1.436   1.00 25.08  ? 86  PRO A CA  1 
ATOM   456  C C   . PRO A 1 59  ? 1.035   -7.622  0.437   1.00 26.19  ? 86  PRO A C   1 
ATOM   457  O O   . PRO A 1 59  ? 0.389   -8.666  0.353   1.00 25.99  ? 86  PRO A O   1 
ATOM   458  C CB  . PRO A 1 59  ? 1.229   -6.843  2.812   1.00 24.65  ? 86  PRO A CB  1 
ATOM   459  C CG  . PRO A 1 59  ? 0.201   -6.409  3.797   1.00 24.82  ? 86  PRO A CG  1 
ATOM   460  C CD  . PRO A 1 59  ? -1.121  -6.675  3.146   1.00 24.48  ? 86  PRO A CD  1 
ATOM   461  N N   . VAL A 1 60  ? 2.114   -7.361  -0.302  1.00 27.66  ? 87  VAL A N   1 
ATOM   462  C CA  . VAL A 1 60  ? 2.652   -8.340  -1.260  1.00 27.64  ? 87  VAL A CA  1 
ATOM   463  C C   . VAL A 1 60  ? 3.153   -9.587  -0.504  1.00 29.03  ? 87  VAL A C   1 
ATOM   464  O O   . VAL A 1 60  ? 4.133   -9.539  0.248   1.00 28.76  ? 87  VAL A O   1 
ATOM   465  C CB  . VAL A 1 60  ? 3.753   -7.730  -2.177  1.00 26.94  ? 87  VAL A CB  1 
ATOM   466  C CG1 . VAL A 1 60  ? 4.565   -8.799  -2.885  1.00 26.52  ? 87  VAL A CG1 1 
ATOM   467  C CG2 . VAL A 1 60  ? 3.138   -6.784  -3.197  1.00 26.47  ? 87  VAL A CG2 1 
ATOM   468  N N   . ASP A 1 61  ? 2.411   -10.678 -0.686  1.00 30.19  ? 88  ASP A N   1 
ATOM   469  C CA  . ASP A 1 61  ? 2.853   -12.019 -0.340  1.00 31.22  ? 88  ASP A CA  1 
ATOM   470  C C   . ASP A 1 61  ? 3.794   -12.545 -1.440  1.00 32.31  ? 88  ASP A C   1 
ATOM   471  O O   . ASP A 1 61  ? 3.355   -13.267 -2.338  1.00 33.92  ? 88  ASP A O   1 
ATOM   472  C CB  . ASP A 1 61  ? 1.614   -12.924 -0.175  1.00 31.60  ? 88  ASP A CB  1 
ATOM   473  C CG  . ASP A 1 61  ? 1.941   -14.319 0.356   1.00 31.77  ? 88  ASP A CG  1 
ATOM   474  O OD1 . ASP A 1 61  ? 3.065   -14.828 0.150   1.00 29.34  ? 88  ASP A OD1 1 
ATOM   475  O OD2 . ASP A 1 61  ? 1.031   -14.914 0.968   1.00 33.81  ? 88  ASP A OD2 1 
ATOM   476  N N   . ALA A 1 62  ? 5.084   -12.214 -1.355  1.00 30.62  ? 89  ALA A N   1 
ATOM   477  C CA  . ALA A 1 62  ? 6.047   -12.594 -2.387  1.00 31.09  ? 89  ALA A CA  1 
ATOM   478  C C   . ALA A 1 62  ? 6.174   -14.114 -2.642  1.00 32.84  ? 89  ALA A C   1 
ATOM   479  O O   . ALA A 1 62  ? 6.702   -14.540 -3.692  1.00 32.73  ? 89  ALA A O   1 
ATOM   480  C CB  . ALA A 1 62  ? 7.415   -12.010 -2.055  1.00 31.68  ? 89  ALA A CB  1 
ATOM   481  N N   . VAL A 1 63  ? 5.728   -14.921 -1.671  1.00 34.00  ? 90  VAL A N   1 
ATOM   482  C CA  . VAL A 1 63  ? 5.839   -16.371 -1.726  1.00 33.23  ? 90  VAL A CA  1 
ATOM   483  C C   . VAL A 1 63  ? 4.675   -16.963 -2.510  1.00 32.76  ? 90  VAL A C   1 
ATOM   484  O O   . VAL A 1 63  ? 4.908   -17.597 -3.528  1.00 31.46  ? 90  VAL A O   1 
ATOM   485  C CB  . VAL A 1 63  ? 5.958   -16.971 -0.308  1.00 35.28  ? 90  VAL A CB  1 
ATOM   486  C CG1 . VAL A 1 63  ? 5.968   -18.508 -0.344  1.00 36.24  ? 90  VAL A CG1 1 
ATOM   487  C CG2 . VAL A 1 63  ? 7.222   -16.443 0.374   1.00 34.41  ? 90  VAL A CG2 1 
ATOM   488  N N   . LYS A 1 64  ? 3.437   -16.740 -2.068  1.00 34.10  ? 91  LYS A N   1 
ATOM   489  C CA  . LYS A 1 64  ? 2.241   -17.169 -2.837  1.00 37.43  ? 91  LYS A CA  1 
ATOM   490  C C   . LYS A 1 64  ? 2.215   -16.648 -4.287  1.00 37.43  ? 91  LYS A C   1 
ATOM   491  O O   . LYS A 1 64  ? 1.726   -17.346 -5.195  1.00 41.75  ? 91  LYS A O   1 
ATOM   492  C CB  . LYS A 1 64  ? 0.939   -16.756 -2.125  1.00 41.47  ? 91  LYS A CB  1 
ATOM   493  C CG  . LYS A 1 64  ? -0.375  -17.249 -2.765  1.00 43.05  ? 91  LYS A CG  1 
ATOM   494  C CD  . LYS A 1 64  ? -1.435  -16.142 -2.812  1.00 45.46  ? 91  LYS A CD  1 
ATOM   495  C CE  . LYS A 1 64  ? -2.775  -16.595 -3.388  1.00 47.34  ? 91  LYS A CE  1 
ATOM   496  N NZ  . LYS A 1 64  ? -3.598  -17.435 -2.458  1.00 49.47  ? 91  LYS A NZ  1 
ATOM   497  N N   . LEU A 1 65  ? 2.749   -15.445 -4.497  1.00 34.43  ? 92  LEU A N   1 
ATOM   498  C CA  . LEU A 1 65  ? 2.702   -14.760 -5.786  1.00 32.43  ? 92  LEU A CA  1 
ATOM   499  C C   . LEU A 1 65  ? 3.937   -14.976 -6.677  1.00 31.94  ? 92  LEU A C   1 
ATOM   500  O O   . LEU A 1 65  ? 3.989   -14.447 -7.778  1.00 29.73  ? 92  LEU A O   1 
ATOM   501  C CB  . LEU A 1 65  ? 2.474   -13.245 -5.549  1.00 31.96  ? 92  LEU A CB  1 
ATOM   502  C CG  . LEU A 1 65  ? 1.266   -12.804 -4.682  1.00 30.36  ? 92  LEU A CG  1 
ATOM   503  C CD1 . LEU A 1 65  ? 1.273   -11.292 -4.450  1.00 29.46  ? 92  LEU A CD1 1 
ATOM   504  C CD2 . LEU A 1 65  ? -0.066  -13.269 -5.258  1.00 30.00  ? 92  LEU A CD2 1 
ATOM   505  N N   . ASN A 1 66  ? 4.912   -15.759 -6.225  1.00 35.88  ? 93  ASN A N   1 
ATOM   506  C CA  . ASN A 1 66  ? 6.178   -15.976 -6.959  1.00 39.55  ? 93  ASN A CA  1 
ATOM   507  C C   . ASN A 1 66  ? 6.881   -14.658 -7.389  1.00 38.13  ? 93  ASN A C   1 
ATOM   508  O O   . ASN A 1 66  ? 7.225   -14.493 -8.568  1.00 37.11  ? 93  ASN A O   1 
ATOM   509  C CB  . ASN A 1 66  ? 5.977   -16.915 -8.175  1.00 46.82  ? 93  ASN A CB  1 
ATOM   510  C CG  . ASN A 1 66  ? 5.062   -18.122 -7.877  1.00 58.31  ? 93  ASN A CG  1 
ATOM   511  O OD1 . ASN A 1 66  ? 4.890   -18.546 -6.723  1.00 66.87  ? 93  ASN A OD1 1 
ATOM   512  N ND2 . ASN A 1 66  ? 4.458   -18.674 -8.937  1.00 63.91  ? 93  ASN A ND2 1 
ATOM   513  N N   . LEU A 1 67  ? 7.080   -13.730 -6.434  1.00 36.84  ? 94  LEU A N   1 
ATOM   514  C CA  . LEU A 1 67  ? 7.841   -12.464 -6.654  1.00 34.47  ? 94  LEU A CA  1 
ATOM   515  C C   . LEU A 1 67  ? 9.050   -12.421 -5.728  1.00 32.25  ? 94  LEU A C   1 
ATOM   516  O O   . LEU A 1 67  ? 9.236   -11.463 -4.978  1.00 32.57  ? 94  LEU A O   1 
ATOM   517  C CB  . LEU A 1 67  ? 6.979   -11.213 -6.422  1.00 33.69  ? 94  LEU A CB  1 
ATOM   518  C CG  . LEU A 1 67  ? 5.738   -10.958 -7.286  1.00 36.05  ? 94  LEU A CG  1 
ATOM   519  C CD1 . LEU A 1 67  ? 4.958   -9.767  -6.744  1.00 35.92  ? 94  LEU A CD1 1 
ATOM   520  C CD2 . LEU A 1 67  ? 6.064   -10.731 -8.765  1.00 35.55  ? 94  LEU A CD2 1 
ATOM   521  N N   . PRO A 1 68  ? 9.908   -13.443 -5.802  1.00 29.38  ? 95  PRO A N   1 
ATOM   522  C CA  . PRO A 1 68  ? 10.949  -13.614 -4.791  1.00 28.09  ? 95  PRO A CA  1 
ATOM   523  C C   . PRO A 1 68  ? 11.961  -12.466 -4.717  1.00 25.55  ? 95  PRO A C   1 
ATOM   524  O O   . PRO A 1 68  ? 12.651  -12.331 -3.716  1.00 24.36  ? 95  PRO A O   1 
ATOM   525  C CB  . PRO A 1 68  ? 11.627  -14.906 -5.222  1.00 28.74  ? 95  PRO A CB  1 
ATOM   526  C CG  . PRO A 1 68  ? 11.499  -14.886 -6.713  1.00 29.11  ? 95  PRO A CG  1 
ATOM   527  C CD  . PRO A 1 68  ? 10.160  -14.280 -6.988  1.00 29.04  ? 95  PRO A CD  1 
ATOM   528  N N   . ASP A 1 69  ? 12.032  -11.641 -5.752  1.00 24.72  ? 96  ASP A N   1 
ATOM   529  C CA  . ASP A 1 69  ? 12.834  -10.402 -5.696  1.00 25.65  ? 96  ASP A CA  1 
ATOM   530  C C   . ASP A 1 69  ? 12.104  -9.160  -5.101  1.00 25.21  ? 96  ASP A C   1 
ATOM   531  O O   . ASP A 1 69  ? 12.762  -8.129  -4.869  1.00 25.87  ? 96  ASP A O   1 
ATOM   532  C CB  . ASP A 1 69  ? 13.460  -10.064 -7.079  1.00 24.59  ? 96  ASP A CB  1 
ATOM   533  C CG  . ASP A 1 69  ? 12.441  -9.960  -8.199  1.00 24.64  ? 96  ASP A CG  1 
ATOM   534  O OD1 . ASP A 1 69  ? 11.268  -10.389 -8.030  1.00 23.26  ? 96  ASP A OD1 1 
ATOM   535  O OD2 . ASP A 1 69  ? 12.847  -9.455  -9.273  1.00 26.05  ? 96  ASP A OD2 1 
ATOM   536  N N   . TYR A 1 70  ? 10.787  -9.258  -4.837  1.00 23.09  ? 97  TYR A N   1 
ATOM   537  C CA  . TYR A 1 70  ? 9.973   -8.086  -4.475  1.00 21.90  ? 97  TYR A CA  1 
ATOM   538  C C   . TYR A 1 70  ? 10.593  -7.296  -3.365  1.00 21.73  ? 97  TYR A C   1 
ATOM   539  O O   . TYR A 1 70  ? 10.781  -6.095  -3.519  1.00 20.50  ? 97  TYR A O   1 
ATOM   540  C CB  . TYR A 1 70  ? 8.521   -8.429  -4.067  1.00 21.35  ? 97  TYR A CB  1 
ATOM   541  C CG  . TYR A 1 70  ? 7.694   -7.174  -3.956  1.00 20.73  ? 97  TYR A CG  1 
ATOM   542  C CD1 . TYR A 1 70  ? 7.244   -6.510  -5.100  1.00 21.53  ? 97  TYR A CD1 1 
ATOM   543  C CD2 . TYR A 1 70  ? 7.412   -6.603  -2.728  1.00 20.60  ? 97  TYR A CD2 1 
ATOM   544  C CE1 . TYR A 1 70  ? 6.506   -5.337  -5.014  1.00 20.88  ? 97  TYR A CE1 1 
ATOM   545  C CE2 . TYR A 1 70  ? 6.683   -5.423  -2.632  1.00 20.31  ? 97  TYR A CE2 1 
ATOM   546  C CZ  . TYR A 1 70  ? 6.226   -4.796  -3.772  1.00 20.34  ? 97  TYR A CZ  1 
ATOM   547  O OH  . TYR A 1 70  ? 5.511   -3.621  -3.677  1.00 19.57  ? 97  TYR A OH  1 
ATOM   548  N N   . TYR A 1 71  ? 10.902  -7.984  -2.261  1.00 22.47  ? 98  TYR A N   1 
ATOM   549  C CA  . TYR A 1 71  ? 11.439  -7.339  -1.064  1.00 23.54  ? 98  TYR A CA  1 
ATOM   550  C C   . TYR A 1 71  ? 12.960  -7.189  -1.058  1.00 24.36  ? 98  TYR A C   1 
ATOM   551  O O   . TYR A 1 71  ? 13.514  -6.554  -0.156  1.00 24.14  ? 98  TYR A O   1 
ATOM   552  C CB  . TYR A 1 71  ? 10.946  -8.044  0.198   1.00 23.62  ? 98  TYR A CB  1 
ATOM   553  C CG  . TYR A 1 71  ? 9.451   -7.929  0.402   1.00 24.27  ? 98  TYR A CG  1 
ATOM   554  C CD1 . TYR A 1 71  ? 8.860   -6.706  0.683   1.00 24.76  ? 98  TYR A CD1 1 
ATOM   555  C CD2 . TYR A 1 71  ? 8.625   -9.042  0.310   1.00 25.45  ? 98  TYR A CD2 1 
ATOM   556  C CE1 . TYR A 1 71  ? 7.478   -6.590  0.864   1.00 25.31  ? 98  TYR A CE1 1 
ATOM   557  C CE2 . TYR A 1 71  ? 7.252   -8.946  0.503   1.00 26.55  ? 98  TYR A CE2 1 
ATOM   558  C CZ  . TYR A 1 71  ? 6.670   -7.716  0.779   1.00 26.27  ? 98  TYR A CZ  1 
ATOM   559  O OH  . TYR A 1 71  ? 5.290   -7.621  0.966   1.00 25.52  ? 98  TYR A OH  1 
ATOM   560  N N   . LYS A 1 72  ? 13.638  -7.765  -2.052  1.00 25.65  ? 99  LYS A N   1 
ATOM   561  C CA  . LYS A 1 72  ? 15.015  -7.367  -2.348  1.00 27.16  ? 99  LYS A CA  1 
ATOM   562  C C   . LYS A 1 72  ? 15.002  -5.966  -2.967  1.00 27.63  ? 99  LYS A C   1 
ATOM   563  O O   . LYS A 1 72  ? 15.971  -5.213  -2.816  1.00 27.18  ? 99  LYS A O   1 
ATOM   564  C CB  . LYS A 1 72  ? 15.717  -8.340  -3.312  1.00 28.98  ? 99  LYS A CB  1 
ATOM   565  C CG  . LYS A 1 72  ? 15.761  -9.812  -2.915  1.00 29.40  ? 99  LYS A CG  1 
ATOM   566  C CD  . LYS A 1 72  ? 16.368  -10.009 -1.549  1.00 31.64  ? 99  LYS A CD  1 
ATOM   567  C CE  . LYS A 1 72  ? 16.443  -11.467 -1.136  1.00 33.69  ? 99  LYS A CE  1 
ATOM   568  N NZ  . LYS A 1 72  ? 17.213  -11.557 0.142   1.00 35.77  ? 99  LYS A NZ  1 
ATOM   569  N N   . ILE A 1 73  ? 13.908  -5.633  -3.666  1.00 27.34  ? 100 ILE A N   1 
ATOM   570  C CA  . ILE A 1 73  ? 13.782  -4.373  -4.402  1.00 27.70  ? 100 ILE A CA  1 
ATOM   571  C C   . ILE A 1 73  ? 13.013  -3.341  -3.591  1.00 25.41  ? 100 ILE A C   1 
ATOM   572  O O   . ILE A 1 73  ? 13.464  -2.221  -3.462  1.00 25.17  ? 100 ILE A O   1 
ATOM   573  C CB  . ILE A 1 73  ? 13.151  -4.610  -5.803  1.00 30.04  ? 100 ILE A CB  1 
ATOM   574  C CG1 . ILE A 1 73  ? 14.099  -5.439  -6.676  1.00 31.49  ? 100 ILE A CG1 1 
ATOM   575  C CG2 . ILE A 1 73  ? 12.864  -3.303  -6.532  1.00 30.20  ? 100 ILE A CG2 1 
ATOM   576  C CD1 . ILE A 1 73  ? 13.390  -6.215  -7.768  1.00 33.13  ? 100 ILE A CD1 1 
ATOM   577  N N   . ILE A 1 74  ? 11.878  -3.723  -3.027  1.00 24.56  ? 101 ILE A N   1 
ATOM   578  C CA  . ILE A 1 74  ? 11.039  -2.810  -2.237  1.00 23.71  ? 101 ILE A CA  1 
ATOM   579  C C   . ILE A 1 74  ? 11.345  -2.869  -0.747  1.00 23.89  ? 101 ILE A C   1 
ATOM   580  O O   . ILE A 1 74  ? 11.005  -3.840  -0.086  1.00 23.82  ? 101 ILE A O   1 
ATOM   581  C CB  . ILE A 1 74  ? 9.541   -3.082  -2.500  1.00 22.85  ? 101 ILE A CB  1 
ATOM   582  C CG1 . ILE A 1 74  ? 9.281   -3.023  -4.016  1.00 22.16  ? 101 ILE A CG1 1 
ATOM   583  C CG2 . ILE A 1 74  ? 8.662   -2.100  -1.733  1.00 22.77  ? 101 ILE A CG2 1 
ATOM   584  C CD1 . ILE A 1 74  ? 9.864   -1.793  -4.695  1.00 21.92  ? 101 ILE A CD1 1 
ATOM   585  N N   . LYS A 1 75  ? 11.958  -1.790  -0.245  1.00 24.85  ? 102 LYS A N   1 
ATOM   586  C CA  . LYS A 1 75  ? 12.352  -1.625  1.156   1.00 25.17  ? 102 LYS A CA  1 
ATOM   587  C C   . LYS A 1 75  ? 11.376  -0.816  2.014   1.00 26.33  ? 102 LYS A C   1 
ATOM   588  O O   . LYS A 1 75  ? 11.450  -0.901  3.228   1.00 27.47  ? 102 LYS A O   1 
ATOM   589  C CB  . LYS A 1 75  ? 13.741  -0.972  1.239   1.00 25.92  ? 102 LYS A CB  1 
ATOM   590  C CG  . LYS A 1 75  ? 14.875  -1.729  0.536   1.00 26.34  ? 102 LYS A CG  1 
ATOM   591  C CD  . LYS A 1 75  ? 14.861  -3.228  0.845   1.00 27.50  ? 102 LYS A CD  1 
ATOM   592  C CE  . LYS A 1 75  ? 16.106  -3.953  0.353   1.00 27.93  ? 102 LYS A CE  1 
ATOM   593  N NZ  . LYS A 1 75  ? 16.060  -5.404  0.702   1.00 28.32  ? 102 LYS A NZ  1 
ATOM   594  N N   . THR A 1 76  ? 10.489  -0.022  1.404   1.00 27.86  ? 103 THR A N   1 
ATOM   595  C CA  . THR A 1 76  ? 9.369   0.635   2.111   1.00 27.19  ? 103 THR A CA  1 
ATOM   596  C C   . THR A 1 76  ? 8.075   0.209   1.425   1.00 25.92  ? 103 THR A C   1 
ATOM   597  O O   . THR A 1 76  ? 7.455   1.008   0.732   1.00 27.21  ? 103 THR A O   1 
ATOM   598  C CB  . THR A 1 76  ? 9.493   2.191   2.203   1.00 27.40  ? 103 THR A CB  1 
ATOM   599  O OG1 . THR A 1 76  ? 9.586   2.765   0.896   1.00 30.59  ? 103 THR A OG1 1 
ATOM   600  C CG2 . THR A 1 76  ? 10.714  2.587   2.957   1.00 27.32  ? 103 THR A CG2 1 
ATOM   601  N N   . PRO A 1 77  ? 7.669   -1.062  1.608   1.00 24.51  ? 104 PRO A N   1 
ATOM   602  C CA  . PRO A 1 77  ? 6.382   -1.508  1.077   1.00 23.76  ? 104 PRO A CA  1 
ATOM   603  C C   . PRO A 1 77  ? 5.190   -0.741  1.630   1.00 21.86  ? 104 PRO A C   1 
ATOM   604  O O   . PRO A 1 77  ? 5.284   -0.147  2.692   1.00 21.16  ? 104 PRO A O   1 
ATOM   605  C CB  . PRO A 1 77  ? 6.316   -2.994  1.490   1.00 24.26  ? 104 PRO A CB  1 
ATOM   606  C CG  . PRO A 1 77  ? 7.247   -3.119  2.633   1.00 24.79  ? 104 PRO A CG  1 
ATOM   607  C CD  . PRO A 1 77  ? 8.359   -2.156  2.312   1.00 25.24  ? 104 PRO A CD  1 
ATOM   608  N N   . MET A 1 78  ? 4.092   -0.729  0.882   1.00 21.39  ? 105 MET A N   1 
ATOM   609  C CA  . MET A 1 78  ? 2.847   -0.122  1.350   1.00 21.21  ? 105 MET A CA  1 
ATOM   610  C C   . MET A 1 78  ? 1.697   -0.571  0.467   1.00 20.10  ? 105 MET A C   1 
ATOM   611  O O   . MET A 1 78  ? 1.901   -0.767  -0.706  1.00 19.59  ? 105 MET A O   1 
ATOM   612  C CB  . MET A 1 78  ? 2.955   1.413   1.347   1.00 21.51  ? 105 MET A CB  1 
ATOM   613  C CG  . MET A 1 78  ? 1.767   2.153   1.926   1.00 21.63  ? 105 MET A CG  1 
ATOM   614  S SD  . MET A 1 78  ? 1.212   1.517   3.522   1.00 23.29  ? 105 MET A SD  1 
ATOM   615  C CE  . MET A 1 78  ? 2.632   1.881   4.521   1.00 23.44  ? 105 MET A CE  1 
ATOM   616  N N   . ASP A 1 79  ? 0.501   -0.698  1.042   1.00 20.03  ? 106 ASP A N   1 
ATOM   617  C CA  . ASP A 1 79  ? -0.671  -1.246  0.366   1.00 20.43  ? 106 ASP A CA  1 
ATOM   618  C C   . ASP A 1 79  ? -1.981  -0.719  0.945   1.00 21.95  ? 106 ASP A C   1 
ATOM   619  O O   . ASP A 1 79  ? -2.024  -0.326  2.088   1.00 23.18  ? 106 ASP A O   1 
ATOM   620  C CB  . ASP A 1 79  ? -0.663  -2.745  0.534   1.00 20.52  ? 106 ASP A CB  1 
ATOM   621  C CG  . ASP A 1 79  ? -0.846  -3.140  1.960   1.00 21.41  ? 106 ASP A CG  1 
ATOM   622  O OD1 . ASP A 1 79  ? 0.110   -2.971  2.772   1.00 20.24  ? 106 ASP A OD1 1 
ATOM   623  O OD2 . ASP A 1 79  ? -1.986  -3.562  2.274   1.00 22.71  ? 106 ASP A OD2 1 
ATOM   624  N N   . MET A 1 80  ? -3.062  -0.763  0.174   1.00 23.87  ? 107 MET A N   1 
ATOM   625  C CA  . MET A 1 80  ? -4.321  -0.133  0.583   1.00 25.97  ? 107 MET A CA  1 
ATOM   626  C C   . MET A 1 80  ? -4.985  -0.790  1.774   1.00 25.22  ? 107 MET A C   1 
ATOM   627  O O   . MET A 1 80  ? -5.813  -0.161  2.413   1.00 25.70  ? 107 MET A O   1 
ATOM   628  C CB  . MET A 1 80  ? -5.350  -0.072  -0.564  1.00 28.53  ? 107 MET A CB  1 
ATOM   629  C CG  . MET A 1 80  ? -5.005  0.880   -1.698  1.00 29.41  ? 107 MET A CG  1 
ATOM   630  S SD  . MET A 1 80  ? -6.465  1.653   -2.416  1.00 33.38  ? 107 MET A SD  1 
ATOM   631  C CE  . MET A 1 80  ? -7.359  0.220   -2.991  1.00 33.61  ? 107 MET A CE  1 
ATOM   632  N N   . GLY A 1 81  ? -4.660  -2.052  2.053   1.00 24.86  ? 108 GLY A N   1 
ATOM   633  C CA  . GLY A 1 81  ? -5.192  -2.748  3.239   1.00 23.87  ? 108 GLY A CA  1 
ATOM   634  C C   . GLY A 1 81  ? -4.575  -2.228  4.520   1.00 22.38  ? 108 GLY A C   1 
ATOM   635  O O   . GLY A 1 81  ? -5.254  -2.057  5.513   1.00 21.90  ? 108 GLY A O   1 
ATOM   636  N N   . THR A 1 82  ? -3.273  -1.995  4.474   1.00 21.28  ? 109 THR A N   1 
ATOM   637  C CA  . THR A 1 82  ? -2.555  -1.271  5.510   1.00 21.58  ? 109 THR A CA  1 
ATOM   638  C C   . THR A 1 82  ? -3.123  0.139   5.697   1.00 21.74  ? 109 THR A C   1 
ATOM   639  O O   . THR A 1 82  ? -3.460  0.520   6.802   1.00 21.59  ? 109 THR A O   1 
ATOM   640  C CB  . THR A 1 82  ? -1.051  -1.186  5.167   1.00 21.07  ? 109 THR A CB  1 
ATOM   641  O OG1 . THR A 1 82  ? -0.492  -2.491  5.227   1.00 20.83  ? 109 THR A OG1 1 
ATOM   642  C CG2 . THR A 1 82  ? -0.306  -0.328  6.135   1.00 21.29  ? 109 THR A CG2 1 
ATOM   643  N N   . ILE A 1 83  ? -3.216  0.899   4.608   1.00 22.26  ? 110 ILE A N   1 
ATOM   644  C CA  . ILE A 1 83  ? -3.717  2.271   4.638   1.00 22.05  ? 110 ILE A CA  1 
ATOM   645  C C   . ILE A 1 83  ? -5.118  2.340   5.228   1.00 23.04  ? 110 ILE A C   1 
ATOM   646  O O   . ILE A 1 83  ? -5.425  3.264   5.974   1.00 24.55  ? 110 ILE A O   1 
ATOM   647  C CB  . ILE A 1 83  ? -3.690  2.910   3.234   1.00 21.94  ? 110 ILE A CB  1 
ATOM   648  C CG1 . ILE A 1 83  ? -2.241  3.110   2.760   1.00 21.33  ? 110 ILE A CG1 1 
ATOM   649  C CG2 . ILE A 1 83  ? -4.411  4.252   3.222   1.00 22.32  ? 110 ILE A CG2 1 
ATOM   650  C CD1 . ILE A 1 83  ? -2.117  3.409   1.281   1.00 20.10  ? 110 ILE A CD1 1 
ATOM   651  N N   . LYS A 1 84  ? -5.949  1.362   4.895   1.00 25.34  ? 111 LYS A N   1 
ATOM   652  C CA  . LYS A 1 84  ? -7.320  1.235   5.425   1.00 27.78  ? 111 LYS A CA  1 
ATOM   653  C C   . LYS A 1 84  ? -7.399  0.920   6.926   1.00 28.34  ? 111 LYS A C   1 
ATOM   654  O O   . LYS A 1 84  ? -8.186  1.530   7.641   1.00 27.89  ? 111 LYS A O   1 
ATOM   655  C CB  . LYS A 1 84  ? -8.083  0.171   4.634   1.00 29.47  ? 111 LYS A CB  1 
ATOM   656  C CG  . LYS A 1 84  ? -9.530  -0.020  5.042   1.00 32.76  ? 111 LYS A CG  1 
ATOM   657  C CD  . LYS A 1 84  ? -10.304 -0.814  3.988   1.00 35.81  ? 111 LYS A CD  1 
ATOM   658  C CE  . LYS A 1 84  ? -11.582 -1.423  4.535   1.00 36.23  ? 111 LYS A CE  1 
ATOM   659  N NZ  . LYS A 1 84  ? -11.285 -2.634  5.351   1.00 37.07  ? 111 LYS A NZ  1 
ATOM   660  N N   . LYS A 1 85  ? -6.612  -0.042  7.402   1.00 30.72  ? 112 LYS A N   1 
ATOM   661  C CA  . LYS A 1 85  ? -6.545  -0.319  8.842   1.00 32.55  ? 112 LYS A CA  1 
ATOM   662  C C   . LYS A 1 85  ? -6.030  0.930   9.562   1.00 29.93  ? 112 LYS A C   1 
ATOM   663  O O   . LYS A 1 85  ? -6.588  1.311   10.570  1.00 33.74  ? 112 LYS A O   1 
ATOM   664  C CB  . LYS A 1 85  ? -5.627  -1.512  9.210   1.00 37.51  ? 112 LYS A CB  1 
ATOM   665  C CG  . LYS A 1 85  ? -5.886  -2.854  8.527   1.00 43.47  ? 112 LYS A CG  1 
ATOM   666  C CD  . LYS A 1 85  ? -6.847  -3.774  9.267   1.00 50.30  ? 112 LYS A CD  1 
ATOM   667  C CE  . LYS A 1 85  ? -7.196  -5.014  8.421   1.00 55.67  ? 112 LYS A CE  1 
ATOM   668  N NZ  . LYS A 1 85  ? -8.546  -5.604  8.697   1.00 56.34  ? 112 LYS A NZ  1 
ATOM   669  N N   . ARG A 1 86  ? -4.963  1.552   9.061   1.00 26.17  ? 113 ARG A N   1 
ATOM   670  C CA  . ARG A 1 86  ? -4.424  2.768   9.663   1.00 24.21  ? 113 ARG A CA  1 
ATOM   671  C C   . ARG A 1 86  ? -5.499  3.827   9.838   1.00 23.54  ? 113 ARG A C   1 
ATOM   672  O O   . ARG A 1 86  ? -5.731  4.318   10.940  1.00 24.78  ? 113 ARG A O   1 
ATOM   673  C CB  . ARG A 1 86  ? -3.274  3.329   8.818   1.00 23.70  ? 113 ARG A CB  1 
ATOM   674  C CG  . ARG A 1 86  ? -1.991  2.544   8.990   1.00 22.52  ? 113 ARG A CG  1 
ATOM   675  C CD  . ARG A 1 86  ? -0.843  3.022   8.127   1.00 20.89  ? 113 ARG A CD  1 
ATOM   676  N NE  . ARG A 1 86  ? 0.386   2.310   8.513   1.00 19.98  ? 113 ARG A NE  1 
ATOM   677  C CZ  . ARG A 1 86  ? 1.629   2.677   8.196   1.00 18.95  ? 113 ARG A CZ  1 
ATOM   678  N NH1 . ARG A 1 86  ? 1.869   3.761   7.463   1.00 18.89  ? 113 ARG A NH1 1 
ATOM   679  N NH2 . ARG A 1 86  ? 2.651   1.943   8.610   1.00 18.57  ? 113 ARG A NH2 1 
ATOM   680  N N   . LEU A 1 87  ? -6.166  4.163   8.753   1.00 22.73  ? 114 LEU A N   1 
ATOM   681  C CA  . LEU A 1 87  ? -7.302  5.065   8.831   1.00 23.90  ? 114 LEU A CA  1 
ATOM   682  C C   . LEU A 1 87  ? -8.369  4.594   9.817   1.00 24.86  ? 114 LEU A C   1 
ATOM   683  O O   . LEU A 1 87  ? -8.759  5.353   10.694  1.00 26.79  ? 114 LEU A O   1 
ATOM   684  C CB  . LEU A 1 87  ? -7.939  5.259   7.458   1.00 23.90  ? 114 LEU A CB  1 
ATOM   685  C CG  . LEU A 1 87  ? -7.196  6.184   6.518   1.00 23.02  ? 114 LEU A CG  1 
ATOM   686  C CD1 . LEU A 1 87  ? -7.807  6.050   5.135   1.00 22.99  ? 114 LEU A CD1 1 
ATOM   687  C CD2 . LEU A 1 87  ? -7.263  7.616   7.042   1.00 22.60  ? 114 LEU A CD2 1 
ATOM   688  N N   . GLU A 1 88  ? -8.824  3.351   9.693   1.00 26.19  ? 115 GLU A N   1 
ATOM   689  C CA  . GLU A 1 88  ? -9.774  2.770   10.671  1.00 27.47  ? 115 GLU A CA  1 
ATOM   690  C C   . GLU A 1 88  ? -9.319  2.879   12.139  1.00 26.92  ? 115 GLU A C   1 
ATOM   691  O O   . GLU A 1 88  ? -10.151 3.054   13.021  1.00 27.45  ? 115 GLU A O   1 
ATOM   692  C CB  . GLU A 1 88  ? -10.096 1.315   10.317  1.00 28.48  ? 115 GLU A CB  1 
ATOM   693  C CG  . GLU A 1 88  ? -11.050 1.221   9.140   1.00 30.29  ? 115 GLU A CG  1 
ATOM   694  C CD  . GLU A 1 88  ? -11.308 -0.187  8.634   1.00 31.64  ? 115 GLU A CD  1 
ATOM   695  O OE1 . GLU A 1 88  ? -10.685 -1.176  9.111   1.00 32.07  ? 115 GLU A OE1 1 
ATOM   696  O OE2 . GLU A 1 88  ? -12.156 -0.276  7.722   1.00 33.51  ? 115 GLU A OE2 1 
ATOM   697  N N   . ASN A 1 89  ? -8.008  2.795   12.370  1.00 26.48  ? 116 ASN A N   1 
ATOM   698  C CA  . ASN A 1 89  ? -7.388  2.997   13.687  1.00 26.35  ? 116 ASN A CA  1 
ATOM   699  C C   . ASN A 1 89  ? -6.999  4.453   14.033  1.00 25.79  ? 116 ASN A C   1 
ATOM   700  O O   . ASN A 1 89  ? -6.423  4.684   15.081  1.00 26.15  ? 116 ASN A O   1 
ATOM   701  C CB  . ASN A 1 89  ? -6.155  2.088   13.846  1.00 26.40  ? 116 ASN A CB  1 
ATOM   702  C CG  . ASN A 1 89  ? -6.499  0.601   13.808  1.00 27.68  ? 116 ASN A CG  1 
ATOM   703  O OD1 . ASN A 1 89  ? -7.662  0.210   13.675  1.00 29.57  ? 116 ASN A OD1 1 
ATOM   704  N ND2 . ASN A 1 89  ? -5.475  -0.238  13.918  1.00 27.68  ? 116 ASN A ND2 1 
ATOM   705  N N   . ASN A 1 90  ? -7.334  5.433   13.206  1.00 25.68  ? 117 ASN A N   1 
ATOM   706  C CA  . ASN A 1 90  ? -6.976  6.834   13.501  1.00 27.05  ? 117 ASN A CA  1 
ATOM   707  C C   . ASN A 1 90  ? -5.464  7.024   13.732  1.00 25.58  ? 117 ASN A C   1 
ATOM   708  O O   . ASN A 1 90  ? -5.045  7.857   14.512  1.00 25.60  ? 117 ASN A O   1 
ATOM   709  C CB  . ASN A 1 90  ? -7.781  7.383   14.686  1.00 28.06  ? 117 ASN A CB  1 
ATOM   710  C CG  . ASN A 1 90  ? -9.282  7.331   14.446  1.00 30.98  ? 117 ASN A CG  1 
ATOM   711  O OD1 . ASN A 1 90  ? -9.792  8.036   13.587  1.00 34.56  ? 117 ASN A OD1 1 
ATOM   712  N ND2 . ASN A 1 90  ? -9.997  6.499   15.209  1.00 32.07  ? 117 ASN A ND2 1 
ATOM   713  N N   . TYR A 1 91  ? -4.677  6.257   12.985  1.00 23.94  ? 118 TYR A N   1 
ATOM   714  C CA  . TYR A 1 91  ? -3.223  6.173   13.115  1.00 22.87  ? 118 TYR A CA  1 
ATOM   715  C C   . TYR A 1 91  ? -2.459  7.423   12.671  1.00 23.10  ? 118 TYR A C   1 
ATOM   716  O O   . TYR A 1 91  ? -1.327  7.660   13.128  1.00 23.11  ? 118 TYR A O   1 
ATOM   717  C CB  . TYR A 1 91  ? -2.760  5.006   12.274  1.00 21.91  ? 118 TYR A CB  1 
ATOM   718  C CG  . TYR A 1 91  ? -1.289  4.745   12.212  1.00 21.29  ? 118 TYR A CG  1 
ATOM   719  C CD1 . TYR A 1 91  ? -0.499  5.308   11.218  1.00 21.36  ? 118 TYR A CD1 1 
ATOM   720  C CD2 . TYR A 1 91  ? -0.698  3.861   13.097  1.00 21.52  ? 118 TYR A CD2 1 
ATOM   721  C CE1 . TYR A 1 91  ? 0.853   5.023   11.150  1.00 21.43  ? 118 TYR A CE1 1 
ATOM   722  C CE2 . TYR A 1 91  ? 0.639   3.565   13.034  1.00 20.82  ? 118 TYR A CE2 1 
ATOM   723  C CZ  . TYR A 1 91  ? 1.404   4.140   12.068  1.00 20.92  ? 118 TYR A CZ  1 
ATOM   724  O OH  . TYR A 1 91  ? 2.717   3.807   12.028  1.00 21.77  ? 118 TYR A OH  1 
ATOM   725  N N   . TYR A 1 92  ? -3.058  8.206   11.773  1.00 22.45  ? 119 TYR A N   1 
ATOM   726  C CA  . TYR A 1 92  ? -2.386  9.367   11.220  1.00 21.15  ? 119 TYR A CA  1 
ATOM   727  C C   . TYR A 1 92  ? -2.634  10.607  12.069  1.00 20.48  ? 119 TYR A C   1 
ATOM   728  O O   . TYR A 1 92  ? -3.702  10.781  12.665  1.00 21.20  ? 119 TYR A O   1 
ATOM   729  C CB  . TYR A 1 92  ? -2.864  9.625   9.797   1.00 21.09  ? 119 TYR A CB  1 
ATOM   730  C CG  . TYR A 1 92  ? -2.659  8.478   8.837   1.00 20.73  ? 119 TYR A CG  1 
ATOM   731  C CD1 . TYR A 1 92  ? -1.381  8.175   8.345   1.00 20.99  ? 119 TYR A CD1 1 
ATOM   732  C CD2 . TYR A 1 92  ? -3.726  7.709   8.393   1.00 19.39  ? 119 TYR A CD2 1 
ATOM   733  C CE1 . TYR A 1 92  ? -1.177  7.131   7.449   1.00 19.77  ? 119 TYR A CE1 1 
ATOM   734  C CE2 . TYR A 1 92  ? -3.530  6.671   7.486   1.00 19.28  ? 119 TYR A CE2 1 
ATOM   735  C CZ  . TYR A 1 92  ? -2.260  6.382   7.021   1.00 19.68  ? 119 TYR A CZ  1 
ATOM   736  O OH  . TYR A 1 92  ? -2.079  5.343   6.131   1.00 20.45  ? 119 TYR A OH  1 
ATOM   737  N N   . TRP A 1 93  ? -1.633  11.472  12.088  1.00 19.21  ? 120 TRP A N   1 
ATOM   738  C CA  . TRP A 1 93  ? -1.731  12.794  12.681  1.00 18.73  ? 120 TRP A CA  1 
ATOM   739  C C   . TRP A 1 93  ? -2.380  13.837  11.740  1.00 18.63  ? 120 TRP A C   1 
ATOM   740  O O   . TRP A 1 93  ? -3.027  14.792  12.207  1.00 18.34  ? 120 TRP A O   1 
ATOM   741  C CB  . TRP A 1 93  ? -0.316  13.254  13.064  1.00 18.77  ? 120 TRP A CB  1 
ATOM   742  C CG  . TRP A 1 93  ? -0.236  14.652  13.442  1.00 17.80  ? 120 TRP A CG  1 
ATOM   743  C CD1 . TRP A 1 93  ? 0.054   15.698  12.626  1.00 17.89  ? 120 TRP A CD1 1 
ATOM   744  C CD2 . TRP A 1 93  ? -0.475  15.191  14.734  1.00 17.72  ? 120 TRP A CD2 1 
ATOM   745  N NE1 . TRP A 1 93  ? 0.032   16.864  13.340  1.00 18.13  ? 120 TRP A NE1 1 
ATOM   746  C CE2 . TRP A 1 93  ? -0.289  16.578  14.642  1.00 17.71  ? 120 TRP A CE2 1 
ATOM   747  C CE3 . TRP A 1 93  ? -0.816  14.632  15.970  1.00 17.78  ? 120 TRP A CE3 1 
ATOM   748  C CZ2 . TRP A 1 93  ? -0.441  17.422  15.735  1.00 17.73  ? 120 TRP A CZ2 1 
ATOM   749  C CZ3 . TRP A 1 93  ? -0.952  15.455  17.047  1.00 17.34  ? 120 TRP A CZ3 1 
ATOM   750  C CH2 . TRP A 1 93  ? -0.767  16.850  16.924  1.00 17.66  ? 120 TRP A CH2 1 
ATOM   751  N N   . ASN A 1 94  ? -2.154  13.674  10.435  1.00 18.52  ? 121 ASN A N   1 
ATOM   752  C CA  . ASN A 1 94  ? -2.710  14.541  9.394   1.00 19.01  ? 121 ASN A CA  1 
ATOM   753  C C   . ASN A 1 94  ? -2.932  13.789  8.072   1.00 19.15  ? 121 ASN A C   1 
ATOM   754  O O   . ASN A 1 94  ? -2.587  12.609  7.938   1.00 18.65  ? 121 ASN A O   1 
ATOM   755  C CB  . ASN A 1 94  ? -1.803  15.768  9.182   1.00 18.97  ? 121 ASN A CB  1 
ATOM   756  C CG  . ASN A 1 94  ? -0.430  15.409  8.624   1.00 19.78  ? 121 ASN A CG  1 
ATOM   757  O OD1 . ASN A 1 94  ? -0.210  14.319  8.081   1.00 20.52  ? 121 ASN A OD1 1 
ATOM   758  N ND2 . ASN A 1 94  ? 0.499   16.348  8.722   1.00 19.91  ? 121 ASN A ND2 1 
ATOM   759  N N   . ALA A 1 95  ? -3.501  14.487  7.099   1.00 20.32  ? 122 ALA A N   1 
ATOM   760  C CA  . ALA A 1 95  ? -3.718  13.921  5.782   1.00 21.48  ? 122 ALA A CA  1 
ATOM   761  C C   . ALA A 1 95  ? -2.389  13.685  5.021   1.00 23.84  ? 122 ALA A C   1 
ATOM   762  O O   . ALA A 1 95  ? -2.266  12.702  4.296   1.00 26.17  ? 122 ALA A O   1 
ATOM   763  C CB  . ALA A 1 95  ? -4.665  14.800  4.984   1.00 21.18  ? 122 ALA A CB  1 
ATOM   764  N N   . GLN A 1 96  ? -1.386  14.545  5.201   1.00 25.11  ? 123 GLN A N   1 
ATOM   765  C CA  . GLN A 1 96  ? -0.129  14.410  4.461   1.00 26.69  ? 123 GLN A CA  1 
ATOM   766  C C   . GLN A 1 96  ? 0.473   13.020  4.646   1.00 25.52  ? 123 GLN A C   1 
ATOM   767  O O   . GLN A 1 96  ? 0.925   12.389  3.685   1.00 24.32  ? 123 GLN A O   1 
ATOM   768  C CB  . GLN A 1 96  ? 0.856   15.520  4.896   1.00 30.45  ? 123 GLN A CB  1 
ATOM   769  C CG  . GLN A 1 96  ? 2.234   15.536  4.215   1.00 33.82  ? 123 GLN A CG  1 
ATOM   770  C CD  . GLN A 1 96  ? 3.279   14.654  4.920   1.00 38.32  ? 123 GLN A CD  1 
ATOM   771  O OE1 . GLN A 1 96  ? 3.646   14.872  6.100   1.00 43.00  ? 123 GLN A OE1 1 
ATOM   772  N NE2 . GLN A 1 96  ? 3.753   13.639  4.201   1.00 40.88  ? 123 GLN A NE2 1 
ATOM   773  N N   . GLU A 1 97  ? 0.474   12.560  5.892   1.00 24.27  ? 124 GLU A N   1 
ATOM   774  C CA  . GLU A 1 97  ? 1.002   11.258  6.233   1.00 24.09  ? 124 GLU A CA  1 
ATOM   775  C C   . GLU A 1 97  ? 0.261   10.154  5.478   1.00 23.81  ? 124 GLU A C   1 
ATOM   776  O O   . GLU A 1 97  ? 0.889   9.215   4.985   1.00 24.25  ? 124 GLU A O   1 
ATOM   777  C CB  . GLU A 1 97  ? 0.881   11.006  7.743   1.00 25.39  ? 124 GLU A CB  1 
ATOM   778  C CG  . GLU A 1 97  ? 1.743   11.846  8.681   1.00 24.95  ? 124 GLU A CG  1 
ATOM   779  C CD  . GLU A 1 97  ? 1.683   11.373  10.135  1.00 25.90  ? 124 GLU A CD  1 
ATOM   780  O OE1 . GLU A 1 97  ? 0.739   10.656  10.521  1.00 27.62  ? 124 GLU A OE1 1 
ATOM   781  O OE2 . GLU A 1 97  ? 2.588   11.703  10.920  1.00 27.31  ? 124 GLU A OE2 1 
ATOM   782  N N   . CYS A 1 98  ? -1.068  10.270  5.388   1.00 23.51  ? 125 CYS A N   1 
ATOM   783  C CA  . CYS A 1 98  ? -1.885  9.286   4.670   1.00 23.27  ? 125 CYS A CA  1 
ATOM   784  C C   . CYS A 1 98  ? -1.591  9.273   3.199   1.00 22.99  ? 125 CYS A C   1 
ATOM   785  O O   . CYS A 1 98  ? -1.332  8.227   2.606   1.00 20.83  ? 125 CYS A O   1 
ATOM   786  C CB  . CYS A 1 98  ? -3.367  9.552   4.829   1.00 23.42  ? 125 CYS A CB  1 
ATOM   787  S SG  . CYS A 1 98  ? -4.326  8.248   4.043   1.00 26.27  ? 125 CYS A SG  1 
ATOM   788  N N   . ILE A 1 99  ? -1.629  10.461  2.623   1.00 23.30  ? 126 ILE A N   1 
ATOM   789  C CA  . ILE A 1 99  ? -1.358  10.633  1.212   1.00 24.74  ? 126 ILE A CA  1 
ATOM   790  C C   . ILE A 1 99  ? 0.019   10.068  0.885   1.00 25.25  ? 126 ILE A C   1 
ATOM   791  O O   . ILE A 1 99  ? 0.174   9.404   -0.124  1.00 25.17  ? 126 ILE A O   1 
ATOM   792  C CB  . ILE A 1 99  ? -1.520  12.123  0.785   1.00 25.07  ? 126 ILE A CB  1 
ATOM   793  C CG1 . ILE A 1 99  ? -3.007  12.534  0.875   1.00 26.22  ? 126 ILE A CG1 1 
ATOM   794  C CG2 . ILE A 1 99  ? -1.011  12.367  -0.632  1.00 24.31  ? 126 ILE A CG2 1 
ATOM   795  C CD1 . ILE A 1 99  ? -3.230  14.030  0.982   1.00 25.97  ? 126 ILE A CD1 1 
ATOM   796  N N   . GLN A 1 100 ? 0.995   10.309  1.761   1.00 28.41  ? 127 GLN A N   1 
ATOM   797  C CA  . GLN A 1 100 ? 2.395   9.911   1.524   1.00 30.79  ? 127 GLN A CA  1 
ATOM   798  C C   . GLN A 1 100 ? 2.497   8.397   1.465   1.00 28.19  ? 127 GLN A C   1 
ATOM   799  O O   . GLN A 1 100 ? 3.355   7.883   0.758   1.00 26.83  ? 127 GLN A O   1 
ATOM   800  C CB  . GLN A 1 100 ? 3.354   10.525  2.582   1.00 34.57  ? 127 GLN A CB  1 
ATOM   801  C CG  . GLN A 1 100 ? 4.821   10.078  2.463   1.00 40.21  ? 127 GLN A CG  1 
ATOM   802  C CD  . GLN A 1 100 ? 5.866   10.982  3.179   1.00 47.80  ? 127 GLN A CD  1 
ATOM   803  O OE1 . GLN A 1 100 ? 5.527   11.894  3.954   1.00 48.94  ? 127 GLN A OE1 1 
ATOM   804  N NE2 . GLN A 1 100 ? 7.157   10.712  2.913   1.00 49.53  ? 127 GLN A NE2 1 
ATOM   805  N N   . ASP A 1 101 ? 1.609   7.704   2.198   1.00 27.41  ? 128 ASP A N   1 
ATOM   806  C CA  . ASP A 1 101 ? 1.449   6.231   2.113   1.00 25.04  ? 128 ASP A CA  1 
ATOM   807  C C   . ASP A 1 101 ? 0.936   5.799   0.737   1.00 23.93  ? 128 ASP A C   1 
ATOM   808  O O   . ASP A 1 101 ? 1.382   4.788   0.180   1.00 24.38  ? 128 ASP A O   1 
ATOM   809  C CB  . ASP A 1 101 ? 0.528   5.674   3.231   1.00 23.90  ? 128 ASP A CB  1 
ATOM   810  C CG  . ASP A 1 101 ? 1.255   5.463   4.574   1.00 24.18  ? 128 ASP A CG  1 
ATOM   811  O OD1 . ASP A 1 101 ? 2.500   5.389   4.613   1.00 24.29  ? 128 ASP A OD1 1 
ATOM   812  O OD2 . ASP A 1 101 ? 0.580   5.345   5.620   1.00 23.22  ? 128 ASP A OD2 1 
ATOM   813  N N   . PHE A 1 102 ? 0.004   6.556   0.182   1.00 23.05  ? 129 PHE A N   1 
ATOM   814  C CA  . PHE A 1 102 ? -0.510  6.240   -1.143  1.00 22.43  ? 129 PHE A CA  1 
ATOM   815  C C   . PHE A 1 102 ? 0.590   6.405   -2.181  1.00 23.16  ? 129 PHE A C   1 
ATOM   816  O O   . PHE A 1 102 ? 0.869   5.485   -2.935  1.00 24.23  ? 129 PHE A O   1 
ATOM   817  C CB  . PHE A 1 102 ? -1.704  7.111   -1.509  1.00 22.05  ? 129 PHE A CB  1 
ATOM   818  C CG  . PHE A 1 102 ? -3.023  6.599   -1.011  1.00 20.70  ? 129 PHE A CG  1 
ATOM   819  C CD1 . PHE A 1 102 ? -3.701  5.627   -1.711  1.00 20.14  ? 129 PHE A CD1 1 
ATOM   820  C CD2 . PHE A 1 102 ? -3.614  7.149   0.112   1.00 20.83  ? 129 PHE A CD2 1 
ATOM   821  C CE1 . PHE A 1 102 ? -4.931  5.179   -1.278  1.00 20.76  ? 129 PHE A CE1 1 
ATOM   822  C CE2 . PHE A 1 102 ? -4.846  6.713   0.559   1.00 20.96  ? 129 PHE A CE2 1 
ATOM   823  C CZ  . PHE A 1 102 ? -5.511  5.722   -0.133  1.00 21.08  ? 129 PHE A CZ  1 
ATOM   824  N N   . ASN A 1 103 ? 1.232   7.562   -2.203  1.00 24.18  ? 130 ASN A N   1 
ATOM   825  C CA  . ASN A 1 103 ? 2.368   7.799   -3.121  1.00 25.52  ? 130 ASN A CA  1 
ATOM   826  C C   . ASN A 1 103 ? 3.416   6.670   -3.118  1.00 24.90  ? 130 ASN A C   1 
ATOM   827  O O   . ASN A 1 103 ? 3.890   6.247   -4.171  1.00 26.01  ? 130 ASN A O   1 
ATOM   828  C CB  . ASN A 1 103 ? 3.053   9.122   -2.792  1.00 27.50  ? 130 ASN A CB  1 
ATOM   829  C CG  . ASN A 1 103 ? 2.105   10.314  -2.863  1.00 30.23  ? 130 ASN A CG  1 
ATOM   830  O OD1 . ASN A 1 103 ? 1.110   10.296  -3.613  1.00 32.89  ? 130 ASN A OD1 1 
ATOM   831  N ND2 . ASN A 1 103 ? 2.406   11.361  -2.079  1.00 31.16  ? 130 ASN A ND2 1 
ATOM   832  N N   . THR A 1 104 ? 3.733   6.180   -1.925  1.00 24.24  ? 131 THR A N   1 
ATOM   833  C CA  . THR A 1 104 ? 4.624   5.033   -1.704  1.00 23.85  ? 131 THR A CA  1 
ATOM   834  C C   . THR A 1 104 ? 4.146   3.757   -2.371  1.00 22.74  ? 131 THR A C   1 
ATOM   835  O O   . THR A 1 104 ? 4.908   3.120   -3.069  1.00 22.62  ? 131 THR A O   1 
ATOM   836  C CB  . THR A 1 104 ? 4.772   4.779   -0.188  1.00 23.86  ? 131 THR A CB  1 
ATOM   837  O OG1 . THR A 1 104 ? 5.296   5.964   0.414   1.00 24.40  ? 131 THR A OG1 1 
ATOM   838  C CG2 . THR A 1 104 ? 5.676   3.601   0.124   1.00 23.58  ? 131 THR A CG2 1 
ATOM   839  N N   . MET A 1 105 ? 2.893   3.385   -2.133  1.00 22.43  ? 132 MET A N   1 
ATOM   840  C CA  . MET A 1 105 ? 2.283   2.204   -2.766  1.00 22.07  ? 132 MET A CA  1 
ATOM   841  C C   . MET A 1 105 ? 2.420   2.246   -4.307  1.00 22.48  ? 132 MET A C   1 
ATOM   842  O O   . MET A 1 105 ? 2.795   1.248   -4.929  1.00 21.52  ? 132 MET A O   1 
ATOM   843  C CB  . MET A 1 105 ? 0.818   2.123   -2.342  1.00 21.67  ? 132 MET A CB  1 
ATOM   844  C CG  . MET A 1 105 ? 0.006   1.034   -3.004  1.00 22.24  ? 132 MET A CG  1 
ATOM   845  S SD  . MET A 1 105 ? -1.745  1.113   -2.549  1.00 23.24  ? 132 MET A SD  1 
ATOM   846  C CE  . MET A 1 105 ? -2.326  2.458   -3.550  1.00 23.38  ? 132 MET A CE  1 
ATOM   847  N N   . PHE A 1 106 ? 2.111   3.411   -4.900  1.00 22.66  ? 133 PHE A N   1 
ATOM   848  C CA  . PHE A 1 106 ? 2.217   3.633   -6.354  1.00 21.98  ? 133 PHE A CA  1 
ATOM   849  C C   . PHE A 1 106 ? 3.683   3.673   -6.785  1.00 21.42  ? 133 PHE A C   1 
ATOM   850  O O   . PHE A 1 106 ? 4.087   2.926   -7.658  1.00 20.68  ? 133 PHE A O   1 
ATOM   851  C CB  . PHE A 1 106 ? 1.517   4.942   -6.808  1.00 21.81  ? 133 PHE A CB  1 
ATOM   852  C CG  . PHE A 1 106 ? 0.034   4.978   -6.548  1.00 20.75  ? 133 PHE A CG  1 
ATOM   853  C CD1 . PHE A 1 106 ? -0.803  4.042   -7.112  1.00 20.09  ? 133 PHE A CD1 1 
ATOM   854  C CD2 . PHE A 1 106 ? -0.524  5.967   -5.738  1.00 21.12  ? 133 PHE A CD2 1 
ATOM   855  C CE1 . PHE A 1 106 ? -2.171  4.068   -6.858  1.00 20.65  ? 133 PHE A CE1 1 
ATOM   856  C CE2 . PHE A 1 106 ? -1.899  5.997   -5.474  1.00 20.81  ? 133 PHE A CE2 1 
ATOM   857  C CZ  . PHE A 1 106 ? -2.725  5.041   -6.038  1.00 20.28  ? 133 PHE A CZ  1 
ATOM   858  N N   . THR A 1 107 ? 4.477   4.543   -6.178  1.00 21.31  ? 134 THR A N   1 
ATOM   859  C CA  . THR A 1 107 ? 5.922   4.575   -6.461  1.00 22.26  ? 134 THR A CA  1 
ATOM   860  C C   . THR A 1 107 ? 6.554   3.165   -6.470  1.00 22.62  ? 134 THR A C   1 
ATOM   861  O O   . THR A 1 107 ? 7.250   2.791   -7.422  1.00 22.97  ? 134 THR A O   1 
ATOM   862  C CB  . THR A 1 107 ? 6.670   5.519   -5.475  1.00 22.80  ? 134 THR A CB  1 
ATOM   863  O OG1 . THR A 1 107 ? 6.209   6.882   -5.642  1.00 22.76  ? 134 THR A OG1 1 
ATOM   864  C CG2 . THR A 1 107 ? 8.171   5.470   -5.703  1.00 22.89  ? 134 THR A CG2 1 
ATOM   865  N N   . ASN A 1 108 ? 6.267   2.370   -5.441  1.00 23.97  ? 135 ASN A N   1 
ATOM   866  C CA  . ASN A 1 108 ? 6.775   0.974   -5.346  1.00 24.40  ? 135 ASN A CA  1 
ATOM   867  C C   . ASN A 1 108 ? 6.438   0.193   -6.582  1.00 24.31  ? 135 ASN A C   1 
ATOM   868  O O   . ASN A 1 108 ? 7.272   -0.519  -7.121  1.00 24.82  ? 135 ASN A O   1 
ATOM   869  C CB  . ASN A 1 108 ? 6.154   0.211   -4.165  1.00 24.04  ? 135 ASN A CB  1 
ATOM   870  C CG  . ASN A 1 108 ? 6.694   0.643   -2.828  1.00 24.25  ? 135 ASN A CG  1 
ATOM   871  O OD1 . ASN A 1 108 ? 7.785   1.194   -2.725  1.00 23.86  ? 135 ASN A OD1 1 
ATOM   872  N ND2 . ASN A 1 108 ? 5.926   0.378   -1.784  1.00 24.91  ? 135 ASN A ND2 1 
ATOM   873  N N   . CYS A 1 109 ? 5.184   0.326   -6.992  1.00 25.11  ? 136 CYS A N   1 
ATOM   874  C CA  . CYS A 1 109 ? 4.652   -0.348  -8.165  1.00 25.87  ? 136 CYS A CA  1 
ATOM   875  C C   . CYS A 1 109 ? 5.386   0.012   -9.441  1.00 26.23  ? 136 CYS A C   1 
ATOM   876  O O   . CYS A 1 109 ? 5.701   -0.881  -10.226 1.00 25.36  ? 136 CYS A O   1 
ATOM   877  C CB  . CYS A 1 109 ? 3.164   -0.054  -8.331  1.00 25.01  ? 136 CYS A CB  1 
ATOM   878  S SG  . CYS A 1 109 ? 2.479   -1.196  -9.497  1.00 26.60  ? 136 CYS A SG  1 
ATOM   879  N N   . TYR A 1 110 ? 5.663   1.313   -9.606  1.00 27.63  ? 137 TYR A N   1 
ATOM   880  C CA  . TYR A 1 110 ? 6.383   1.860   -10.773 1.00 27.71  ? 137 TYR A CA  1 
ATOM   881  C C   . TYR A 1 110 ? 7.861   1.543   -10.745 1.00 27.17  ? 137 TYR A C   1 
ATOM   882  O O   . TYR A 1 110 ? 8.464   1.449   -11.807 1.00 26.33  ? 137 TYR A O   1 
ATOM   883  C CB  . TYR A 1 110 ? 6.177   3.378   -10.922 1.00 28.10  ? 137 TYR A CB  1 
ATOM   884  C CG  . TYR A 1 110 ? 4.710   3.800   -10.937 1.00 29.61  ? 137 TYR A CG  1 
ATOM   885  C CD1 . TYR A 1 110 ? 3.750   3.072   -11.672 1.00 30.83  ? 137 TYR A CD1 1 
ATOM   886  C CD2 . TYR A 1 110 ? 4.267   4.919   -10.225 1.00 30.01  ? 137 TYR A CD2 1 
ATOM   887  C CE1 . TYR A 1 110 ? 2.404   3.437   -11.685 1.00 30.84  ? 137 TYR A CE1 1 
ATOM   888  C CE2 . TYR A 1 110 ? 2.915   5.287   -10.233 1.00 30.82  ? 137 TYR A CE2 1 
ATOM   889  C CZ  . TYR A 1 110 ? 1.987   4.539   -10.962 1.00 31.23  ? 137 TYR A CZ  1 
ATOM   890  O OH  . TYR A 1 110 ? 0.645   4.877   -10.988 1.00 31.99  ? 137 TYR A OH  1 
ATOM   891  N N   . ILE A 1 111 ? 8.426   1.364   -9.543  1.00 27.85  ? 138 ILE A N   1 
ATOM   892  C CA  . ILE A 1 111 ? 9.830   0.920   -9.374  1.00 28.34  ? 138 ILE A CA  1 
ATOM   893  C C   . ILE A 1 111 ? 10.051  -0.572  -9.673  1.00 28.00  ? 138 ILE A C   1 
ATOM   894  O O   . ILE A 1 111 ? 10.997  -0.936  -10.367 1.00 30.92  ? 138 ILE A O   1 
ATOM   895  C CB  . ILE A 1 111 ? 10.377  1.263   -7.959  1.00 28.50  ? 138 ILE A CB  1 
ATOM   896  C CG1 . ILE A 1 111 ? 10.610  2.770   -7.847  1.00 28.72  ? 138 ILE A CG1 1 
ATOM   897  C CG2 . ILE A 1 111 ? 11.701  0.552   -7.674  1.00 29.10  ? 138 ILE A CG2 1 
ATOM   898  C CD1 . ILE A 1 111 ? 10.882  3.256   -6.440  1.00 28.73  ? 138 ILE A CD1 1 
ATOM   899  N N   . TYR A 1 112 ? 9.210   -1.438  -9.137  1.00 26.55  ? 139 TYR A N   1 
ATOM   900  C CA  . TYR A 1 112 ? 9.426   -2.870  -9.287  1.00 26.66  ? 139 TYR A CA  1 
ATOM   901  C C   . TYR A 1 112 ? 9.145   -3.358  -10.726 1.00 27.61  ? 139 TYR A C   1 
ATOM   902  O O   . TYR A 1 112 ? 9.668   -4.375  -11.146 1.00 29.09  ? 139 TYR A O   1 
ATOM   903  C CB  . TYR A 1 112 ? 8.592   -3.647  -8.238  1.00 26.05  ? 139 TYR A CB  1 
ATOM   904  C CG  . TYR A 1 112 ? 8.688   -5.162  -8.341  1.00 26.00  ? 139 TYR A CG  1 
ATOM   905  C CD1 . TYR A 1 112 ? 9.844   -5.845  -7.966  1.00 25.09  ? 139 TYR A CD1 1 
ATOM   906  C CD2 . TYR A 1 112 ? 7.623   -5.911  -8.831  1.00 25.65  ? 139 TYR A CD2 1 
ATOM   907  C CE1 . TYR A 1 112 ? 9.934   -7.224  -8.090  1.00 25.01  ? 139 TYR A CE1 1 
ATOM   908  C CE2 . TYR A 1 112 ? 7.700   -7.292  -8.946  1.00 25.26  ? 139 TYR A CE2 1 
ATOM   909  C CZ  . TYR A 1 112 ? 8.855   -7.953  -8.582  1.00 25.25  ? 139 TYR A CZ  1 
ATOM   910  O OH  . TYR A 1 112 ? 8.931   -9.333  -8.718  1.00 24.53  ? 139 TYR A OH  1 
ATOM   911  N N   . ASN A 1 113 ? 8.331   -2.625  -11.480 1.00 29.07  ? 140 ASN A N   1 
ATOM   912  C CA  . ASN A 1 113 ? 7.775   -3.092  -12.746 1.00 28.86  ? 140 ASN A CA  1 
ATOM   913  C C   . ASN A 1 113 ? 8.043   -2.154  -13.903 1.00 29.43  ? 140 ASN A C   1 
ATOM   914  O O   . ASN A 1 113 ? 8.463   -1.027  -13.727 1.00 28.57  ? 140 ASN A O   1 
ATOM   915  C CB  . ASN A 1 113 ? 6.263   -3.239  -12.581 1.00 29.51  ? 140 ASN A CB  1 
ATOM   916  C CG  . ASN A 1 113 ? 5.894   -4.178  -11.449 1.00 29.04  ? 140 ASN A CG  1 
ATOM   917  O OD1 . ASN A 1 113 ? 6.108   -5.392  -11.556 1.00 27.72  ? 140 ASN A OD1 1 
ATOM   918  N ND2 . ASN A 1 113 ? 5.358   -3.624  -10.355 1.00 28.37  ? 140 ASN A ND2 1 
ATOM   919  N N   . LYS A 1 114 ? 7.749   -2.626  -15.098 1.00 32.61  ? 141 LYS A N   1 
ATOM   920  C CA  . LYS A 1 114 ? 8.022   -1.864  -16.297 1.00 35.87  ? 141 LYS A CA  1 
ATOM   921  C C   . LYS A 1 114 ? 6.743   -1.245  -16.883 1.00 36.48  ? 141 LYS A C   1 
ATOM   922  O O   . LYS A 1 114 ? 5.633   -1.774  -16.660 1.00 31.21  ? 141 LYS A O   1 
ATOM   923  C CB  . LYS A 1 114 ? 8.744   -2.761  -17.312 1.00 39.18  ? 141 LYS A CB  1 
ATOM   924  C CG  . LYS A 1 114 ? 9.899   -3.541  -16.676 1.00 41.78  ? 141 LYS A CG  1 
ATOM   925  C CD  . LYS A 1 114 ? 11.031  -3.835  -17.647 1.00 44.23  ? 141 LYS A CD  1 
ATOM   926  C CE  . LYS A 1 114 ? 12.377  -3.329  -17.143 1.00 45.60  ? 141 LYS A CE  1 
ATOM   927  N NZ  . LYS A 1 114 ? 13.199  -2.915  -18.321 1.00 47.21  ? 141 LYS A NZ  1 
ATOM   928  N N   . PRO A 1 115 ? 6.898   -0.114  -17.636 1.00 37.96  ? 142 PRO A N   1 
ATOM   929  C CA  . PRO A 1 115 ? 5.768   0.519   -18.351 1.00 37.17  ? 142 PRO A CA  1 
ATOM   930  C C   . PRO A 1 115 ? 5.077   -0.471  -19.274 1.00 35.15  ? 142 PRO A C   1 
ATOM   931  O O   . PRO A 1 115 ? 5.731   -1.195  -20.033 1.00 34.15  ? 142 PRO A O   1 
ATOM   932  C CB  . PRO A 1 115 ? 6.429   1.635   -19.178 1.00 37.34  ? 142 PRO A CB  1 
ATOM   933  C CG  . PRO A 1 115 ? 7.725   1.892   -18.509 1.00 38.38  ? 142 PRO A CG  1 
ATOM   934  C CD  . PRO A 1 115 ? 8.169   0.593   -17.908 1.00 37.92  ? 142 PRO A CD  1 
ATOM   935  N N   . GLY A 1 116 ? 3.763   -0.520  -19.187 1.00 32.90  ? 143 GLY A N   1 
ATOM   936  C CA  . GLY A 1 116 ? 3.019   -1.445  -19.989 1.00 32.68  ? 143 GLY A CA  1 
ATOM   937  C C   . GLY A 1 116 ? 2.561   -2.652  -19.236 1.00 30.98  ? 143 GLY A C   1 
ATOM   938  O O   . GLY A 1 116 ? 1.526   -3.217  -19.592 1.00 33.78  ? 143 GLY A O   1 
ATOM   939  N N   . ASP A 1 117 ? 3.293   -3.058  -18.199 1.00 29.42  ? 144 ASP A N   1 
ATOM   940  C CA  . ASP A 1 117 ? 2.862   -4.213  -17.377 1.00 28.29  ? 144 ASP A CA  1 
ATOM   941  C C   . ASP A 1 117 ? 1.442   -4.011  -16.891 1.00 25.71  ? 144 ASP A C   1 
ATOM   942  O O   . ASP A 1 117 ? 1.060   -2.897  -16.613 1.00 25.35  ? 144 ASP A O   1 
ATOM   943  C CB  . ASP A 1 117 ? 3.794   -4.433  -16.185 1.00 29.27  ? 144 ASP A CB  1 
ATOM   944  C CG  . ASP A 1 117 ? 5.213   -4.753  -16.604 1.00 30.91  ? 144 ASP A CG  1 
ATOM   945  O OD1 . ASP A 1 117 ? 5.435   -4.982  -17.798 1.00 32.82  ? 144 ASP A OD1 1 
ATOM   946  O OD2 . ASP A 1 117 ? 6.127   -4.757  -15.752 1.00 33.80  ? 144 ASP A OD2 1 
ATOM   947  N N   . ASP A 1 118 ? 0.649   -5.074  -16.827 1.00 25.62  ? 145 ASP A N   1 
ATOM   948  C CA  . ASP A 1 118 ? -0.725  -4.955  -16.325 1.00 25.89  ? 145 ASP A CA  1 
ATOM   949  C C   . ASP A 1 118 ? -0.789  -4.196  -15.014 1.00 25.60  ? 145 ASP A C   1 
ATOM   950  O O   . ASP A 1 118 ? -1.586  -3.268  -14.861 1.00 24.72  ? 145 ASP A O   1 
ATOM   951  C CB  . ASP A 1 118 ? -1.358  -6.325  -16.097 1.00 26.19  ? 145 ASP A CB  1 
ATOM   952  C CG  . ASP A 1 118 ? -1.988  -6.893  -17.328 1.00 26.57  ? 145 ASP A CG  1 
ATOM   953  O OD1 . ASP A 1 118 ? -2.103  -6.179  -18.354 1.00 27.57  ? 145 ASP A OD1 1 
ATOM   954  O OD2 . ASP A 1 118 ? -2.396  -8.072  -17.253 1.00 26.42  ? 145 ASP A OD2 1 
ATOM   955  N N   . ILE A 1 119 ? 0.062   -4.599  -14.077 1.00 26.08  ? 146 ILE A N   1 
ATOM   956  C CA  . ILE A 1 119 ? 0.082   -3.989  -12.748 1.00 25.83  ? 146 ILE A CA  1 
ATOM   957  C C   . ILE A 1 119 ? 0.369   -2.477  -12.802 1.00 25.80  ? 146 ILE A C   1 
ATOM   958  O O   . ILE A 1 119 ? -0.210  -1.727  -12.006 1.00 27.88  ? 146 ILE A O   1 
ATOM   959  C CB  . ILE A 1 119 ? 1.041   -4.738  -11.775 1.00 24.53  ? 146 ILE A CB  1 
ATOM   960  C CG1 . ILE A 1 119 ? 0.691   -4.398  -10.322 1.00 24.04  ? 146 ILE A CG1 1 
ATOM   961  C CG2 . ILE A 1 119 ? 2.509   -4.480  -12.111 1.00 23.70  ? 146 ILE A CG2 1 
ATOM   962  C CD1 . ILE A 1 119 ? -0.644  -4.939  -9.854  1.00 23.42  ? 146 ILE A CD1 1 
ATOM   963  N N   . VAL A 1 120 ? 1.204   -2.029  -13.743 1.00 23.38  ? 147 VAL A N   1 
ATOM   964  C CA  . VAL A 1 120 ? 1.457   -0.596  -13.925 1.00 22.72  ? 147 VAL A CA  1 
ATOM   965  C C   . VAL A 1 120 ? 0.193   0.101   -14.462 1.00 22.99  ? 147 VAL A C   1 
ATOM   966  O O   . VAL A 1 120 ? -0.151  1.195   -14.022 1.00 22.92  ? 147 VAL A O   1 
ATOM   967  C CB  . VAL A 1 120 ? 2.737   -0.332  -14.785 1.00 22.00  ? 147 VAL A CB  1 
ATOM   968  C CG1 . VAL A 1 120 ? 2.967   1.152   -15.014 1.00 21.77  ? 147 VAL A CG1 1 
ATOM   969  C CG2 . VAL A 1 120 ? 3.960   -0.903  -14.090 1.00 21.81  ? 147 VAL A CG2 1 
ATOM   970  N N   . LEU A 1 121 ? -0.531  -0.550  -15.364 1.00 24.32  ? 148 LEU A N   1 
ATOM   971  C CA  . LEU A 1 121 ? -1.812  -0.003  -15.886 1.00 25.32  ? 148 LEU A CA  1 
ATOM   972  C C   . LEU A 1 121 ? -2.836  0.158   -14.799 1.00 24.95  ? 148 LEU A C   1 
ATOM   973  O O   . LEU A 1 121 ? -3.540  1.162   -14.749 1.00 26.81  ? 148 LEU A O   1 
ATOM   974  C CB  . LEU A 1 121 ? -2.410  -0.899  -16.994 1.00 26.58  ? 148 LEU A CB  1 
ATOM   975  C CG  . LEU A 1 121 ? -1.509  -1.175  -18.220 1.00 26.43  ? 148 LEU A CG  1 
ATOM   976  C CD1 . LEU A 1 121 ? -2.177  -2.169  -19.142 1.00 27.01  ? 148 LEU A CD1 1 
ATOM   977  C CD2 . LEU A 1 121 ? -1.132  0.100   -18.970 1.00 26.44  ? 148 LEU A CD2 1 
ATOM   978  N N   . MET A 1 122 ? -2.912  -0.841  -13.925 1.00 25.52  ? 149 MET A N   1 
ATOM   979  C CA  . MET A 1 122 ? -3.823  -0.818  -12.771 1.00 25.06  ? 149 MET A CA  1 
ATOM   980  C C   . MET A 1 122 ? -3.507  0.334   -11.799 1.00 25.08  ? 149 MET A C   1 
ATOM   981  O O   . MET A 1 122 ? -4.392  1.104   -11.419 1.00 24.40  ? 149 MET A O   1 
ATOM   982  C CB  . MET A 1 122 ? -3.798  -2.180  -12.076 1.00 24.82  ? 149 MET A CB  1 
ATOM   983  C CG  . MET A 1 122 ? -4.448  -3.289  -12.908 1.00 24.79  ? 149 MET A CG  1 
ATOM   984  S SD  . MET A 1 122 ? -4.239  -4.997  -12.319 1.00 24.80  ? 149 MET A SD  1 
ATOM   985  C CE  . MET A 1 122 ? -5.760  -5.335  -11.445 1.00 24.41  ? 149 MET A CE  1 
ATOM   986  N N   . ALA A 1 123 ? -2.232  0.468   -11.451 1.00 25.70  ? 150 ALA A N   1 
ATOM   987  C CA  . ALA A 1 123 ? -1.735  1.553   -10.588 1.00 26.18  ? 150 ALA A CA  1 
ATOM   988  C C   . ALA A 1 123 ? -1.980  2.952   -11.170 1.00 26.65  ? 150 ALA A C   1 
ATOM   989  O O   . ALA A 1 123 ? -2.506  3.840   -10.496 1.00 25.38  ? 150 ALA A O   1 
ATOM   990  C CB  . ALA A 1 123 ? -0.247  1.348   -10.301 1.00 26.02  ? 150 ALA A CB  1 
ATOM   991  N N   . GLU A 1 124 ? -1.606  3.136   -12.430 1.00 28.98  ? 151 GLU A N   1 
ATOM   992  C CA  . GLU A 1 124 ? -1.870  4.400   -13.138 1.00 30.32  ? 151 GLU A CA  1 
ATOM   993  C C   . GLU A 1 124 ? -3.344  4.767   -13.142 1.00 27.98  ? 151 GLU A C   1 
ATOM   994  O O   . GLU A 1 124 ? -3.679  5.922   -12.915 1.00 28.48  ? 151 GLU A O   1 
ATOM   995  C CB  . GLU A 1 124 ? -1.339  4.351   -14.570 1.00 32.40  ? 151 GLU A CB  1 
ATOM   996  C CG  . GLU A 1 124 ? 0.172   4.543   -14.653 1.00 35.35  ? 151 GLU A CG  1 
ATOM   997  C CD  . GLU A 1 124 ? 0.780   4.010   -15.947 1.00 39.43  ? 151 GLU A CD  1 
ATOM   998  O OE1 . GLU A 1 124 ? -0.015  3.610   -16.865 1.00 40.35  ? 151 GLU A OE1 1 
ATOM   999  O OE2 . GLU A 1 124 ? 2.056   3.990   -16.032 1.00 39.18  ? 151 GLU A OE2 1 
ATOM   1000 N N   . ALA A 1 125 ? -4.213  3.787   -13.375 1.00 25.86  ? 152 ALA A N   1 
ATOM   1001 C CA  . ALA A 1 125 ? -5.654  4.013   -13.331 1.00 25.21  ? 152 ALA A CA  1 
ATOM   1002 C C   . ALA A 1 125 ? -6.106  4.467   -11.966 1.00 25.00  ? 152 ALA A C   1 
ATOM   1003 O O   . ALA A 1 125 ? -6.830  5.458   -11.827 1.00 25.26  ? 152 ALA A O   1 
ATOM   1004 C CB  . ALA A 1 125 ? -6.396  2.754   -13.721 1.00 26.55  ? 152 ALA A CB  1 
ATOM   1005 N N   . LEU A 1 126 ? -5.659  3.735   -10.955 1.00 26.62  ? 153 LEU A N   1 
ATOM   1006 C CA  . LEU A 1 126 ? -5.936  4.091   -9.562  1.00 27.28  ? 153 LEU A CA  1 
ATOM   1007 C C   . LEU A 1 126 ? -5.299  5.413   -9.135  1.00 27.93  ? 153 LEU A C   1 
ATOM   1008 O O   . LEU A 1 126 ? -5.903  6.121   -8.324  1.00 26.17  ? 153 LEU A O   1 
ATOM   1009 C CB  . LEU A 1 126 ? -5.480  2.984   -8.595  1.00 26.28  ? 153 LEU A CB  1 
ATOM   1010 C CG  . LEU A 1 126 ? -6.189  1.634   -8.639  1.00 25.29  ? 153 LEU A CG  1 
ATOM   1011 C CD1 . LEU A 1 126 ? -5.643  0.737   -7.527  1.00 24.91  ? 153 LEU A CD1 1 
ATOM   1012 C CD2 . LEU A 1 126 ? -7.696  1.770   -8.553  1.00 24.88  ? 153 LEU A CD2 1 
ATOM   1013 N N   . GLU A 1 127 ? -4.094  5.720   -9.656  1.00 28.58  ? 154 GLU A N   1 
ATOM   1014 C CA  . GLU A 1 127 ? -3.410  6.971   -9.340  1.00 29.39  ? 154 GLU A CA  1 
ATOM   1015 C C   . GLU A 1 127 ? -4.151  8.142   -9.937  1.00 31.67  ? 154 GLU A C   1 
ATOM   1016 O O   . GLU A 1 127 ? -4.477  9.067   -9.238  1.00 34.22  ? 154 GLU A O   1 
ATOM   1017 C CB  . GLU A 1 127 ? -1.977  7.008   -9.850  1.00 29.73  ? 154 GLU A CB  1 
ATOM   1018 C CG  . GLU A 1 127 ? -1.364  8.379   -9.627  1.00 30.25  ? 154 GLU A CG  1 
ATOM   1019 C CD  . GLU A 1 127 ? 0.112   8.446   -9.896  1.00 32.02  ? 154 GLU A CD  1 
ATOM   1020 O OE1 . GLU A 1 127 ? 0.578   7.964   -10.943 1.00 34.32  ? 154 GLU A OE1 1 
ATOM   1021 O OE2 . GLU A 1 127 ? 0.807   9.042   -9.066  1.00 34.20  ? 154 GLU A OE2 1 
ATOM   1022 N N   . LYS A 1 128 ? -4.378  8.104   -11.241 1.00 34.59  ? 155 LYS A N   1 
ATOM   1023 C CA  . LYS A 1 128 ? -5.176  9.103   -11.954 1.00 38.09  ? 155 LYS A CA  1 
ATOM   1024 C C   . LYS A 1 128 ? -6.426  9.470   -11.140 1.00 38.16  ? 155 LYS A C   1 
ATOM   1025 O O   . LYS A 1 128 ? -6.682  10.648  -10.848 1.00 40.59  ? 155 LYS A O   1 
ATOM   1026 C CB  . LYS A 1 128 ? -5.555  8.516   -13.325 1.00 43.98  ? 155 LYS A CB  1 
ATOM   1027 C CG  . LYS A 1 128 ? -6.468  9.347   -14.226 1.00 49.45  ? 155 LYS A CG  1 
ATOM   1028 C CD  . LYS A 1 128 ? -7.690  8.525   -14.647 1.00 52.93  ? 155 LYS A CD  1 
ATOM   1029 C CE  . LYS A 1 128 ? -8.693  9.330   -15.461 1.00 54.01  ? 155 LYS A CE  1 
ATOM   1030 N NZ  . LYS A 1 128 ? -8.602  9.084   -16.928 1.00 56.67  ? 155 LYS A NZ  1 
ATOM   1031 N N   . LEU A 1 129 ? -7.167  8.444   -10.740 1.00 34.52  ? 156 LEU A N   1 
ATOM   1032 C CA  . LEU A 1 129 ? -8.373  8.591   -9.939  1.00 32.05  ? 156 LEU A CA  1 
ATOM   1033 C C   . LEU A 1 129 ? -8.132  9.087   -8.478  1.00 31.89  ? 156 LEU A C   1 
ATOM   1034 O O   . LEU A 1 129 ? -8.854  9.934   -7.946  1.00 31.23  ? 156 LEU A O   1 
ATOM   1035 C CB  . LEU A 1 129 ? -9.059  7.235   -9.902  1.00 33.23  ? 156 LEU A CB  1 
ATOM   1036 C CG  . LEU A 1 129 ? -10.528 7.236   -9.570  1.00 34.99  ? 156 LEU A CG  1 
ATOM   1037 C CD1 . LEU A 1 129 ? -11.307 7.727   -10.775 1.00 36.99  ? 156 LEU A CD1 1 
ATOM   1038 C CD2 . LEU A 1 129 ? -10.969 5.836   -9.210  1.00 36.10  ? 156 LEU A CD2 1 
ATOM   1039 N N   . PHE A 1 130 ? -7.126  8.528   -7.817  1.00 29.95  ? 157 PHE A N   1 
ATOM   1040 C CA  . PHE A 1 130 ? -6.700  9.015   -6.527  1.00 27.54  ? 157 PHE A CA  1 
ATOM   1041 C C   . PHE A 1 130 ? -6.572  10.524  -6.580  1.00 26.91  ? 157 PHE A C   1 
ATOM   1042 O O   . PHE A 1 130 ? -7.194  11.222  -5.781  1.00 26.56  ? 157 PHE A O   1 
ATOM   1043 C CB  . PHE A 1 130 ? -5.361  8.370   -6.147  1.00 28.06  ? 157 PHE A CB  1 
ATOM   1044 C CG  . PHE A 1 130 ? -4.728  8.945   -4.906  1.00 26.88  ? 157 PHE A CG  1 
ATOM   1045 C CD1 . PHE A 1 130 ? -5.349  8.801   -3.666  1.00 26.54  ? 157 PHE A CD1 1 
ATOM   1046 C CD2 . PHE A 1 130 ? -3.498  9.620   -4.980  1.00 25.46  ? 157 PHE A CD2 1 
ATOM   1047 C CE1 . PHE A 1 130 ? -4.761  9.337   -2.530  1.00 26.63  ? 157 PHE A CE1 1 
ATOM   1048 C CE2 . PHE A 1 130 ? -2.906  10.142  -3.846  1.00 25.19  ? 157 PHE A CE2 1 
ATOM   1049 C CZ  . PHE A 1 130 ? -3.538  10.008  -2.624  1.00 25.65  ? 157 PHE A CZ  1 
ATOM   1050 N N   . LEU A 1 131 ? -5.778  11.001  -7.537  1.00 26.44  ? 158 LEU A N   1 
ATOM   1051 C CA  . LEU A 1 131 ? -5.551  12.426  -7.751  1.00 27.28  ? 158 LEU A CA  1 
ATOM   1052 C C   . LEU A 1 131 ? -6.839  13.248  -7.941  1.00 29.88  ? 158 LEU A C   1 
ATOM   1053 O O   . LEU A 1 131 ? -6.930  14.361  -7.432  1.00 31.02  ? 158 LEU A O   1 
ATOM   1054 C CB  . LEU A 1 131 ? -4.626  12.653  -8.953  1.00 27.15  ? 158 LEU A CB  1 
ATOM   1055 C CG  . LEU A 1 131 ? -3.179  12.134  -8.881  1.00 26.78  ? 158 LEU A CG  1 
ATOM   1056 C CD1 . LEU A 1 131 ? -2.400  12.577  -10.108 1.00 25.55  ? 158 LEU A CD1 1 
ATOM   1057 C CD2 . LEU A 1 131 ? -2.475  12.569  -7.603  1.00 27.11  ? 158 LEU A CD2 1 
ATOM   1058 N N   . GLN A 1 132 ? -7.823  12.719  -8.669  1.00 31.89  ? 159 GLN A N   1 
ATOM   1059 C CA  . GLN A 1 132 ? -9.081  13.442  -8.865  1.00 32.96  ? 159 GLN A CA  1 
ATOM   1060 C C   . GLN A 1 132 ? -9.778  13.639  -7.535  1.00 33.21  ? 159 GLN A C   1 
ATOM   1061 O O   . GLN A 1 132 ? -10.170 14.749  -7.197  1.00 33.75  ? 159 GLN A O   1 
ATOM   1062 C CB  . GLN A 1 132 ? -10.024 12.719  -9.827  1.00 35.31  ? 159 GLN A CB  1 
ATOM   1063 C CG  . GLN A 1 132 ? -9.601  12.680  -11.295 1.00 38.31  ? 159 GLN A CG  1 
ATOM   1064 C CD  . GLN A 1 132 ? -10.462 11.713  -12.123 1.00 40.90  ? 159 GLN A CD  1 
ATOM   1065 O OE1 . GLN A 1 132 ? -11.702 11.803  -12.129 1.00 41.29  ? 159 GLN A OE1 1 
ATOM   1066 N NE2 . GLN A 1 132 ? -9.810  10.775  -12.813 1.00 41.74  ? 159 GLN A NE2 1 
ATOM   1067 N N   . LYS A 1 133 ? -9.898  12.563  -6.768  1.00 35.60  ? 160 LYS A N   1 
ATOM   1068 C CA  . LYS A 1 133 ? -10.649 12.567  -5.495  1.00 36.62  ? 160 LYS A CA  1 
ATOM   1069 C C   . LYS A 1 133 ? -9.947  13.452  -4.475  1.00 37.47  ? 160 LYS A C   1 
ATOM   1070 O O   . LYS A 1 133 ? -10.597 14.154  -3.705  1.00 38.74  ? 160 LYS A O   1 
ATOM   1071 C CB  . LYS A 1 133 ? -10.757 11.155  -4.931  1.00 37.17  ? 160 LYS A CB  1 
ATOM   1072 C CG  . LYS A 1 133 ? -11.401 10.126  -5.850  1.00 38.92  ? 160 LYS A CG  1 
ATOM   1073 C CD  . LYS A 1 133 ? -12.847 9.849   -5.484  1.00 43.29  ? 160 LYS A CD  1 
ATOM   1074 C CE  . LYS A 1 133 ? -13.763 11.043  -5.729  1.00 46.82  ? 160 LYS A CE  1 
ATOM   1075 N NZ  . LYS A 1 133 ? -15.196 10.661  -5.508  1.00 50.45  ? 160 LYS A NZ  1 
ATOM   1076 N N   . ILE A 1 134 ? -8.613  13.372  -4.492  1.00 38.28  ? 161 ILE A N   1 
ATOM   1077 C CA  . ILE A 1 134 ? -7.691  14.238  -3.754  1.00 38.24  ? 161 ILE A CA  1 
ATOM   1078 C C   . ILE A 1 134 ? -7.905  15.729  -4.016  1.00 39.12  ? 161 ILE A C   1 
ATOM   1079 O O   . ILE A 1 134 ? -7.787  16.536  -3.091  1.00 37.06  ? 161 ILE A O   1 
ATOM   1080 C CB  . ILE A 1 134 ? -6.211  13.829  -4.071  1.00 39.66  ? 161 ILE A CB  1 
ATOM   1081 C CG1 . ILE A 1 134 ? -5.783  12.667  -3.175  1.00 39.17  ? 161 ILE A CG1 1 
ATOM   1082 C CG2 . ILE A 1 134 ? -5.193  14.969  -3.956  1.00 40.14  ? 161 ILE A CG2 1 
ATOM   1083 C CD1 . ILE A 1 134 ? -5.438  13.059  -1.762  1.00 39.66  ? 161 ILE A CD1 1 
ATOM   1084 N N   . ASN A 1 135 ? -8.194  16.108  -5.259  1.00 41.99  ? 162 ASN A N   1 
ATOM   1085 C CA  . ASN A 1 135 ? -8.423  17.533  -5.555  1.00 44.74  ? 162 ASN A CA  1 
ATOM   1086 C C   . ASN A 1 135 ? -9.633  18.088  -4.805  1.00 44.90  ? 162 ASN A C   1 
ATOM   1087 O O   . ASN A 1 135 ? -9.623  19.250  -4.424  1.00 46.92  ? 162 ASN A O   1 
ATOM   1088 C CB  . ASN A 1 135 ? -8.489  17.849  -7.077  1.00 44.58  ? 162 ASN A CB  1 
ATOM   1089 C CG  . ASN A 1 135 ? -7.121  18.254  -7.671  1.00 44.66  ? 162 ASN A CG  1 
ATOM   1090 O OD1 . ASN A 1 135 ? -6.372  19.053  -7.090  1.00 45.16  ? 162 ASN A OD1 1 
ATOM   1091 N ND2 . ASN A 1 135 ? -6.805  17.713  -8.845  1.00 45.09  ? 162 ASN A ND2 1 
ATOM   1092 N N   . GLU A 1 136 ? -10.632 17.253  -4.526  1.00 46.64  ? 163 GLU A N   1 
ATOM   1093 C CA  . GLU A 1 136 ? -11.852 17.715  -3.868  1.00 47.80  ? 163 GLU A CA  1 
ATOM   1094 C C   . GLU A 1 136 ? -11.836 17.454  -2.360  1.00 43.38  ? 163 GLU A C   1 
ATOM   1095 O O   . GLU A 1 136 ? -12.814 17.031  -1.796  1.00 46.42  ? 163 GLU A O   1 
ATOM   1096 C CB  . GLU A 1 136 ? -13.077 17.083  -4.554  1.00 53.60  ? 163 GLU A CB  1 
ATOM   1097 C CG  . GLU A 1 136 ? -13.096 17.196  -6.093  1.00 57.63  ? 163 GLU A CG  1 
ATOM   1098 C CD  . GLU A 1 136 ? -12.947 18.627  -6.649  1.00 60.46  ? 163 GLU A CD  1 
ATOM   1099 O OE1 . GLU A 1 136 ? -13.564 19.580  -6.098  1.00 59.28  ? 163 GLU A OE1 1 
ATOM   1100 O OE2 . GLU A 1 136 ? -12.219 18.791  -7.666  1.00 60.91  ? 163 GLU A OE2 1 
ATOM   1101 N N   . LEU A 1 137 ? -10.730 17.781  -1.712  1.00 42.29  ? 164 LEU A N   1 
ATOM   1102 C CA  . LEU A 1 137 ? -10.508 17.520  -0.291  1.00 40.29  ? 164 LEU A CA  1 
ATOM   1103 C C   . LEU A 1 137 ? -11.015 18.742  0.472   1.00 41.00  ? 164 LEU A C   1 
ATOM   1104 O O   . LEU A 1 137 ? -11.028 19.840  -0.082  1.00 39.79  ? 164 LEU A O   1 
ATOM   1105 C CB  . LEU A 1 137 ? -9.004  17.354  -0.057  1.00 41.69  ? 164 LEU A CB  1 
ATOM   1106 C CG  . LEU A 1 137 ? -8.387  16.584  1.106   1.00 41.18  ? 164 LEU A CG  1 
ATOM   1107 C CD1 . LEU A 1 137 ? -8.846  15.132  1.169   1.00 41.22  ? 164 LEU A CD1 1 
ATOM   1108 C CD2 . LEU A 1 137 ? -6.875  16.658  0.931   1.00 41.26  ? 164 LEU A CD2 1 
ATOM   1109 N N   . PRO A 1 138 ? -11.436 18.567  1.739   1.00 41.65  ? 165 PRO A N   1 
ATOM   1110 C CA  . PRO A 1 138 ? -11.800 19.710  2.607   1.00 42.68  ? 165 PRO A CA  1 
ATOM   1111 C C   . PRO A 1 138 ? -10.707 20.759  2.869   1.00 43.36  ? 165 PRO A C   1 
ATOM   1112 O O   . PRO A 1 138 ? -9.531  20.532  2.566   1.00 43.13  ? 165 PRO A O   1 
ATOM   1113 C CB  . PRO A 1 138 ? -12.183 19.026  3.917   1.00 43.13  ? 165 PRO A CB  1 
ATOM   1114 C CG  . PRO A 1 138 ? -12.743 17.700  3.477   1.00 41.70  ? 165 PRO A CG  1 
ATOM   1115 C CD  . PRO A 1 138 ? -11.931 17.288  2.288   1.00 40.56  ? 165 PRO A CD  1 
HETATM 1116 C CAO . EB9 B 2 .   ? 0.794   -3.825  -6.509  1.00 22.77  ? 201 EB9 A CAO 1 
HETATM 1117 C CAN . EB9 B 2 .   ? 1.977   -4.564  -5.898  1.00 22.88  ? 201 EB9 A CAN 1 
HETATM 1118 N NAK . EB9 B 2 .   ? 2.367   -5.698  -6.839  1.00 23.03  ? 201 EB9 A NAK 1 
HETATM 1119 C CAL . EB9 B 2 .   ? 3.366   -5.616  -7.727  1.00 23.50  ? 201 EB9 A CAL 1 
HETATM 1120 O OAM . EB9 B 2 .   ? 4.077   -4.603  -7.868  1.00 22.04  ? 201 EB9 A OAM 1 
HETATM 1121 C CAJ . EB9 B 2 .   ? 3.385   -6.736  -8.490  1.00 23.22  ? 201 EB9 A CAJ 1 
HETATM 1122 C CAI . EB9 B 2 .   ? 4.107   -7.170  -9.531  1.00 22.71  ? 201 EB9 A CAI 1 
HETATM 1123 C CAH . EB9 B 2 .   ? 3.825   -8.393  -10.149 1.00 22.38  ? 201 EB9 A CAH 1 
HETATM 1124 C CAG . EB9 B 2 .   ? 2.760   -9.169  -9.687  1.00 23.01  ? 201 EB9 A CAG 1 
HETATM 1125 C CAD . EB9 B 2 .   ? 2.006   -8.674  -8.612  1.00 23.35  ? 201 EB9 A CAD 1 
HETATM 1126 C CAE . EB9 B 2 .   ? 2.367   -7.488  -8.070  1.00 23.21  ? 201 EB9 A CAE 1 
HETATM 1127 C CAF . EB9 B 2 .   ? 1.756   -6.883  -7.044  1.00 23.51  ? 201 EB9 A CAF 1 
HETATM 1128 C CAA . EB9 B 2 .   ? 0.696   -7.486  -6.479  1.00 23.97  ? 201 EB9 A CAA 1 
HETATM 1129 C CAB . EB9 B 2 .   ? 0.266   -8.737  -6.963  1.00 24.08  ? 201 EB9 A CAB 1 
HETATM 1130 C CAC . EB9 B 2 .   ? 0.908   -9.348  -8.052  1.00 23.65  ? 201 EB9 A CAC 1 
HETATM 1131 N NAP . EB9 B 2 .   ? 0.576   -10.577 -8.533  1.00 24.32  ? 201 EB9 A NAP 1 
HETATM 1132 S SAQ . EB9 B 2 .   ? -1.034  -10.962 -9.042  1.00 24.23  ? 201 EB9 A SAQ 1 
HETATM 1133 O OAS . EB9 B 2 .   ? -2.050  -10.601 -7.980  1.00 24.15  ? 201 EB9 A OAS 1 
HETATM 1134 O OAT . EB9 B 2 .   ? -1.097  -12.441 -9.394  1.00 23.26  ? 201 EB9 A OAT 1 
HETATM 1135 C CAR . EB9 B 2 .   ? -1.199  -9.961  -10.462 1.00 24.31  ? 201 EB9 A CAR 1 
HETATM 1136 C CAU . EB9 B 2 .   ? -0.293  -10.148 -11.532 1.00 24.15  ? 201 EB9 A CAU 1 
HETATM 1137 C CAV . EB9 B 2 .   ? -0.366  -9.356  -12.680 1.00 22.78  ? 201 EB9 A CAV 1 
HETATM 1138 C CAW . EB9 B 2 .   ? -1.339  -8.368  -12.748 1.00 22.63  ? 201 EB9 A CAW 1 
HETATM 1139 C CAX . EB9 B 2 .   ? -2.235  -8.182  -11.686 1.00 23.07  ? 201 EB9 A CAX 1 
HETATM 1140 C CAY . EB9 B 2 .   ? -2.158  -8.954  -10.530 1.00 23.38  ? 201 EB9 A CAY 1 
HETATM 1141 O O   . HOH C 3 .   ? 4.919   -2.576  -5.919  1.00 17.11  ? 301 HOH A O   1 
HETATM 1142 O O   . HOH C 3 .   ? 4.586   -1.844  -1.756  1.00 12.28  ? 302 HOH A O   1 
HETATM 1143 O O   . HOH C 3 .   ? -5.562  8.850   11.344  1.00 25.69  ? 303 HOH A O   1 
HETATM 1144 O O   . HOH C 3 .   ? -5.545  16.651  8.179   1.00 23.41  ? 304 HOH A O   1 
HETATM 1145 O O   . HOH C 3 .   ? -0.097  -4.678  -2.639  1.00 22.58  ? 305 HOH A O   1 
HETATM 1146 O O   . HOH C 3 .   ? 10.927  -20.949 0.580   1.00 28.95  ? 306 HOH A O   1 
HETATM 1147 O O   . HOH C 3 .   ? -4.574  2.276   -17.140 1.00 18.09  ? 307 HOH A O   1 
HETATM 1148 O O   . HOH C 3 .   ? 2.858   -3.573  2.246   1.00 12.54  ? 308 HOH A O   1 
HETATM 1149 O O   . HOH C 3 .   ? 3.090   -4.611  0.077   1.00 9.57   ? 309 HOH A O   1 
HETATM 1150 O O   . HOH C 3 .   ? 17.602  -8.146  0.669   1.00 17.79  ? 310 HOH A O   1 
# 
